data_7LEP
#
_entry.id   7LEP
#
_cell.length_a   1.00
_cell.length_b   1.00
_cell.length_c   1.00
_cell.angle_alpha   90.00
_cell.angle_beta   90.00
_cell.angle_gamma   90.00
#
_symmetry.space_group_name_H-M   'P 1'
#
loop_
_entity.id
_entity.type
_entity.pdbx_description
1 polymer 'Mix of AMPAR subunits (GluA1, GluA3, and GluA4)'
2 polymer 'Glutamate receptor 2'
3 polymer 'Mix of AMPAR subunits (GluA1, GluA3, and GluAX)'
4 polymer 'Protein cornichon homolog 2'
5 polymer 'Voltage-dependent calcium channel gamma-8 subunit'
6 non-polymer '{[7-morpholin-4-yl-2,3-dioxo-6-(trifluoromethyl)-3,4-dihydroquinoxalin-1(2H)-yl]methyl}phosphonic acid'
7 non-polymer '(2S)-3-(hexadecanoyloxy)-2-[(9Z)-octadec-9-enoyloxy]propyl 2-(trimethylammonio)ethyl phosphate'
8 non-polymer TETRADECANE
9 non-polymer DECANE
10 non-polymer 6-[2-chloro-6-(trifluoromethoxy)phenyl]-1H-benzimidazol-2-ol
11 non-polymer N-OCTANE
12 non-polymer DODECANE
#
loop_
_entity_poly.entity_id
_entity_poly.type
_entity_poly.pdbx_seq_one_letter_code
_entity_poly.pdbx_strand_id
1 'polypeptide(L)'
;TAAVTTIAEAPYVMLKKNAAAAEGNAAYEGYCVALAAEIAKHAGAAYAAAIVADGKYGARDAATKAWNGMVGELVYGRAA
AAAAPLTITLVREEVIDFSKPFMSLGISIMIKKPQKSKPGVFSFLDPLAYEIWMCIVFAYIGVSVVLFLVSRFS(UNK)
(UNK)(UNK)(UNK)(UNK)(UNK)(UNK)(UNK)(UNK)(UNK)(UNK)NEFGIFNSLWFSLGAFMQQGCDISPRSLSG
RIVGGVWWFFTLIIISSYTANLAAFLTVERMVSPIESAEDLAKQTEIAYGTLAAGSTKEFFRRSKIAVAAKMWAYMASAE
PSVFAATTAAGAARVRKAKGKAAALLESTMNEYIEQRKPCDTMKVGGNLDSKGYGAATPKGSALRAPVNLAVLKLAEQGA
LDKLKNKWWYDKGECGAAAAASKAKTSALSLSNVAGVFYILAGGLGLAMAVALIEFCYK
;
A
2 'polypeptide(L)'
;VVTTILESPYVMMKKNHEMLEGNERYEGYCVDLAAEIAKHCGFKYKLTIVGDGKYGARDADTKIWNGMVGELVYGKADIA
IAPLTITLVREEVIDFSKPFMSLGISIMIKKPQKSKPGVFSFLDPLAYEIWMCIVFAYIGVSVVLFLVSRFSPYEWHTEE
FEDGRETQSSESTNEFGIFNSLWFSLGAFMRQGCDISPRSLSGRIVGGVWWFFTLIIISSYTANLAAFLTVERMVSPIES
AEDLSKQTEIAYGTLDSGSTKEFFRRSKIAVFDKMWTYMRSAEPSVFVRTTAEGVARVRKSKGKYAYLLESTMNEYIEQR
KPCDTMKVGGNLDSKGYGIATPKGSSLGNAVNLAVLKLNEEGLLDKLKNKWWYDKGECGSGGGDSKEKTSALSLSNVAGV
FYILVGGLGLAMLVALIEFCYKSR
;
B,D
3 'polypeptide(L)'
;TAVVTTILEDPYVMAKKNAAAAEGNAAYEGYCVALAAEIAKHAAYAYAAAIVADGKYGARDAATKAWNGMVGELVYGAAD
AAAAPLTITLVREEVIDFSKPFMSLGISIMIKKPQKSKPGVFSFLDPLAYEIWMCIVFAYIGVSVVLFLVSRFS(UNK)
(UNK)(UNK)(UNK)(UNK)(UNK)(UNK)(UNK)(UNK)(UNK)NEFGIFNSLWFSLGAFMQQGCDISPRSLSGRIVGG
VWWFFTLIIISSYTANLAAFLTVERMVSPIESAEDLAKQTEIAYGTLAAGSTKEFFRRSKIAVAAKMWAYMASAEPSVFA
ATTAAGAARVRKAKGKAAALLESTMNEYIEQRKPCDTMKVGGNLDSKGYGAATPKGSALRAPVNLAVLKLAEQGALDKLK
AKWWYDKGECGAAAAASKDKTSALSLSNVAGVFYILAGGLGLAMAVALIEFCYK
;
C
4 'polypeptide(L)'
;AFTFAAFCYMLTLVLCASLIFFVIWHIIAFDELRTDFKNPIDQGNPARARERLKNIERICCLLRKLVVPEYSIHGLFCLM
FLCAAEWVTLGLNIPLLFTHLWRYFHRPADGSEVMYDAVSIMNADILNYCQKESWCKLAFYLLSFFYYLYSMVYTLVSF
;
E,F
5 'polypeptide(L)'
;VQVLLTTIGAFSAFGLMTIAISTDYWLYTRALICNTTNLTAGDDGPPHRGGSGSSEKKDPGGLTHSGLWRICCLEGLKRG
VCVKINHFPEDTDYDHDSAEYLLRVVRASSIFPILSAILLLLGGVCVAASRVYKSKRNIILGAGILFVAAGLSNIIGVIV
YISANAGEPGPKRDEEKKNHYSYGWSFYFGGLSFILAEVIGVLAVNIYIERSREA
;
G,H
#
# COMPACT_ATOMS: atom_id res chain seq x y z
N THR A 1 3.38 -21.16 -68.14
CA THR A 1 3.41 -20.14 -67.10
C THR A 1 2.22 -20.29 -66.16
N ALA A 2 2.24 -19.56 -65.05
CA ALA A 2 1.18 -19.60 -64.07
C ALA A 2 0.84 -18.18 -63.64
N ALA A 3 -0.40 -17.99 -63.18
CA ALA A 3 -0.87 -16.68 -62.74
C ALA A 3 -1.12 -16.73 -61.24
N VAL A 4 -0.55 -15.77 -60.51
CA VAL A 4 -0.62 -15.70 -59.06
C VAL A 4 -1.70 -14.71 -58.68
N THR A 5 -2.37 -14.95 -57.54
CA THR A 5 -3.45 -14.09 -57.08
C THR A 5 -3.19 -13.60 -55.67
N THR A 6 -2.61 -12.42 -55.54
CA THR A 6 -2.39 -11.79 -54.25
C THR A 6 -3.36 -10.66 -54.06
N ILE A 7 -3.63 -10.32 -52.81
CA ILE A 7 -4.51 -9.21 -52.49
C ILE A 7 -3.82 -7.91 -52.86
N ALA A 8 -4.55 -6.79 -52.86
CA ALA A 8 -4.01 -5.54 -53.37
C ALA A 8 -3.16 -4.82 -52.35
N GLU A 9 -3.72 -4.54 -51.18
CA GLU A 9 -3.09 -3.66 -50.20
C GLU A 9 -2.97 -4.37 -48.86
N ALA A 10 -1.83 -4.18 -48.21
CA ALA A 10 -1.57 -4.69 -46.87
C ALA A 10 -0.19 -4.20 -46.41
N PRO A 11 0.27 -4.59 -45.22
CA PRO A 11 1.72 -4.62 -44.97
C PRO A 11 2.46 -5.61 -45.85
N TYR A 12 1.73 -6.50 -46.52
CA TYR A 12 2.32 -7.60 -47.27
C TYR A 12 2.74 -7.19 -48.68
N VAL A 13 1.78 -6.89 -49.54
CA VAL A 13 2.08 -6.51 -50.92
C VAL A 13 1.55 -5.11 -51.18
N MET A 14 2.39 -4.26 -51.78
CA MET A 14 2.07 -2.85 -51.94
C MET A 14 2.52 -2.36 -53.31
N LEU A 15 2.11 -1.12 -53.61
CA LEU A 15 2.55 -0.39 -54.78
C LEU A 15 3.83 0.35 -54.42
N LYS A 16 4.90 0.09 -55.15
CA LYS A 16 6.11 0.88 -54.95
C LYS A 16 5.94 2.25 -55.60
N LYS A 17 6.83 3.17 -55.26
CA LYS A 17 6.83 4.47 -55.91
C LYS A 17 7.19 4.31 -57.38
N ASN A 18 6.75 5.27 -58.19
CA ASN A 18 6.90 5.22 -59.64
C ASN A 18 6.24 3.96 -60.20
N ALA A 19 5.01 3.71 -59.75
CA ALA A 19 4.27 2.54 -60.21
C ALA A 19 4.01 2.62 -61.71
N ALA A 20 3.66 3.81 -62.20
CA ALA A 20 3.47 3.99 -63.64
C ALA A 20 4.77 3.78 -64.40
N ALA A 21 5.91 4.17 -63.82
CA ALA A 21 7.19 3.98 -64.48
C ALA A 21 7.49 2.49 -64.69
N ALA A 22 7.24 1.68 -63.67
CA ALA A 22 7.48 0.25 -63.78
C ALA A 22 6.31 -0.44 -64.47
N GLU A 23 6.54 -1.68 -64.89
CA GLU A 23 5.55 -2.44 -65.63
C GLU A 23 5.57 -3.90 -65.19
N GLY A 24 4.48 -4.60 -65.49
CA GLY A 24 4.38 -5.99 -65.12
C GLY A 24 4.28 -6.17 -63.62
N ASN A 25 4.73 -7.33 -63.14
CA ASN A 25 4.75 -7.57 -61.70
C ASN A 25 5.76 -6.69 -60.99
N ALA A 26 6.77 -6.19 -61.70
CA ALA A 26 7.81 -5.36 -61.08
C ALA A 26 7.25 -4.04 -60.57
N ALA A 27 6.09 -3.62 -61.04
CA ALA A 27 5.46 -2.44 -60.47
C ALA A 27 5.05 -2.66 -59.02
N TYR A 28 5.05 -3.90 -58.56
CA TYR A 28 4.52 -4.27 -57.25
C TYR A 28 5.65 -4.81 -56.40
N GLU A 29 5.62 -4.51 -55.11
CA GLU A 29 6.66 -4.95 -54.21
C GLU A 29 6.09 -5.08 -52.82
N GLY A 30 6.60 -6.05 -52.06
CA GLY A 30 6.14 -6.25 -50.71
C GLY A 30 6.72 -7.53 -50.14
N TYR A 31 6.26 -7.86 -48.93
CA TYR A 31 6.69 -9.09 -48.30
C TYR A 31 6.26 -10.31 -49.10
N CYS A 32 4.97 -10.38 -49.42
CA CYS A 32 4.43 -11.53 -50.13
C CYS A 32 4.73 -11.52 -51.61
N VAL A 33 5.39 -10.49 -52.12
CA VAL A 33 6.01 -10.60 -53.43
C VAL A 33 7.42 -11.14 -53.32
N ALA A 34 8.16 -10.71 -52.29
CA ALA A 34 9.48 -11.28 -52.07
C ALA A 34 9.39 -12.78 -51.80
N LEU A 35 8.39 -13.20 -51.01
CA LEU A 35 8.16 -14.63 -50.81
C LEU A 35 7.85 -15.31 -52.13
N ALA A 36 6.84 -14.82 -52.84
CA ALA A 36 6.44 -15.48 -54.09
C ALA A 36 7.49 -15.38 -55.16
N ALA A 37 8.65 -14.81 -54.87
CA ALA A 37 9.82 -15.01 -55.71
C ALA A 37 10.61 -16.23 -55.25
N GLU A 38 10.74 -16.42 -53.94
CA GLU A 38 11.50 -17.56 -53.43
C GLU A 38 10.87 -18.88 -53.83
N ILE A 39 9.54 -18.97 -53.75
CA ILE A 39 8.84 -20.22 -54.06
C ILE A 39 9.06 -20.60 -55.51
N ALA A 40 9.28 -19.64 -56.39
CA ALA A 40 9.52 -19.95 -57.79
C ALA A 40 10.75 -20.83 -57.95
N LYS A 41 11.85 -20.46 -57.29
CA LYS A 41 13.09 -21.22 -57.40
C LYS A 41 13.00 -22.61 -56.78
N HIS A 42 11.97 -22.90 -56.00
CA HIS A 42 11.79 -24.23 -55.44
C HIS A 42 10.75 -25.05 -56.19
N ALA A 43 9.90 -24.43 -56.99
CA ALA A 43 8.93 -25.15 -57.80
C ALA A 43 9.05 -24.87 -59.29
N GLY A 44 9.94 -23.98 -59.71
CA GLY A 44 10.23 -23.79 -61.11
C GLY A 44 9.22 -22.97 -61.87
N ALA A 45 8.17 -22.47 -61.23
CA ALA A 45 7.13 -21.72 -61.91
C ALA A 45 7.64 -20.35 -62.35
N ALA A 46 7.37 -19.99 -63.60
CA ALA A 46 7.65 -18.66 -64.13
C ALA A 46 6.32 -17.96 -64.32
N TYR A 47 6.01 -17.01 -63.46
CA TYR A 47 4.67 -16.46 -63.28
C TYR A 47 4.62 -14.98 -63.63
N ALA A 48 3.47 -14.37 -63.36
CA ALA A 48 3.30 -12.92 -63.52
C ALA A 48 2.20 -12.51 -62.55
N ALA A 49 2.54 -11.70 -61.55
CA ALA A 49 1.62 -11.43 -60.45
C ALA A 49 0.33 -10.80 -60.97
N ALA A 50 -0.80 -11.24 -60.42
CA ALA A 50 -2.12 -10.81 -60.90
C ALA A 50 -3.07 -10.66 -59.72
N ILE A 51 -3.27 -9.43 -59.28
CA ILE A 51 -4.06 -9.15 -58.08
C ILE A 51 -5.53 -9.35 -58.35
N VAL A 52 -6.24 -9.86 -57.34
CA VAL A 52 -7.68 -10.00 -57.43
C VAL A 52 -8.30 -8.62 -57.63
N ALA A 53 -9.38 -8.59 -58.41
CA ALA A 53 -10.04 -7.33 -58.74
C ALA A 53 -11.05 -6.93 -57.68
N ASP A 54 -11.80 -7.90 -57.16
CA ASP A 54 -12.84 -7.59 -56.19
C ASP A 54 -12.22 -6.99 -54.93
N GLY A 55 -11.13 -7.57 -54.45
CA GLY A 55 -10.51 -7.08 -53.24
C GLY A 55 -11.09 -7.63 -51.97
N LYS A 56 -11.56 -8.87 -51.99
CA LYS A 56 -12.03 -9.54 -50.79
C LYS A 56 -11.37 -10.91 -50.74
N TYR A 57 -11.24 -11.46 -49.54
CA TYR A 57 -10.53 -12.73 -49.42
C TYR A 57 -11.40 -13.91 -49.84
N GLY A 58 -12.64 -13.94 -49.37
CA GLY A 58 -13.60 -14.81 -49.99
C GLY A 58 -14.42 -15.69 -49.09
N ALA A 59 -15.70 -15.80 -49.41
CA ALA A 59 -16.62 -16.66 -48.69
C ALA A 59 -17.80 -16.94 -49.60
N ARG A 60 -18.36 -18.15 -49.47
CA ARG A 60 -19.56 -18.51 -50.22
C ARG A 60 -20.72 -17.67 -49.72
N ASP A 61 -21.29 -16.85 -50.61
CA ASP A 61 -22.42 -16.02 -50.23
C ASP A 61 -23.59 -16.89 -49.80
N ALA A 62 -24.32 -16.43 -48.80
CA ALA A 62 -25.41 -17.23 -48.23
C ALA A 62 -26.45 -17.56 -49.29
N ALA A 63 -26.82 -16.58 -50.11
CA ALA A 63 -27.83 -16.81 -51.13
C ALA A 63 -27.30 -17.74 -52.23
N THR A 64 -26.11 -17.44 -52.75
CA THR A 64 -25.53 -18.21 -53.85
C THR A 64 -24.14 -18.66 -53.46
N LYS A 65 -23.87 -19.95 -53.64
CA LYS A 65 -22.57 -20.51 -53.28
C LYS A 65 -21.52 -20.07 -54.29
N ALA A 66 -21.21 -18.77 -54.31
CA ALA A 66 -20.23 -18.20 -55.21
C ALA A 66 -19.09 -17.62 -54.39
N TRP A 67 -17.93 -18.27 -54.43
CA TRP A 67 -16.77 -17.79 -53.72
C TRP A 67 -16.20 -16.55 -54.39
N ASN A 68 -15.77 -15.60 -53.57
CA ASN A 68 -15.30 -14.30 -54.04
C ASN A 68 -13.81 -14.16 -53.82
N GLY A 69 -13.21 -13.24 -54.59
CA GLY A 69 -11.83 -12.88 -54.34
C GLY A 69 -10.86 -14.00 -54.69
N MET A 70 -9.76 -14.04 -53.93
CA MET A 70 -8.70 -15.01 -54.22
C MET A 70 -9.19 -16.44 -54.07
N VAL A 71 -9.90 -16.76 -52.99
CA VAL A 71 -10.40 -18.11 -52.87
C VAL A 71 -11.46 -18.37 -53.93
N GLY A 72 -12.02 -17.32 -54.52
CA GLY A 72 -12.89 -17.51 -55.66
C GLY A 72 -12.08 -17.65 -56.92
N GLU A 73 -11.11 -16.76 -57.11
CA GLU A 73 -10.30 -16.78 -58.32
C GLU A 73 -9.55 -18.09 -58.47
N LEU A 74 -9.36 -18.83 -57.38
CA LEU A 74 -8.69 -20.13 -57.45
C LEU A 74 -9.65 -21.24 -57.88
N VAL A 75 -10.84 -21.30 -57.26
CA VAL A 75 -11.74 -22.41 -57.50
C VAL A 75 -12.18 -22.45 -58.96
N TYR A 76 -12.50 -21.28 -59.52
CA TYR A 76 -13.01 -21.21 -60.88
C TYR A 76 -11.93 -21.32 -61.93
N GLY A 77 -10.71 -21.68 -61.55
CA GLY A 77 -9.65 -21.92 -62.50
C GLY A 77 -9.04 -20.68 -63.12
N ARG A 78 -9.40 -19.49 -62.62
CA ARG A 78 -8.86 -18.26 -63.21
C ARG A 78 -7.35 -18.16 -63.01
N ALA A 79 -6.85 -18.54 -61.83
CA ALA A 79 -5.42 -18.54 -61.58
C ALA A 79 -5.10 -19.42 -60.39
N ALA A 80 -3.87 -19.95 -60.37
CA ALA A 80 -3.53 -21.08 -59.48
C ALA A 80 -3.09 -20.69 -58.07
N ALA A 81 -1.91 -20.11 -57.94
CA ALA A 81 -1.25 -20.00 -56.64
C ALA A 81 -1.70 -18.71 -55.94
N ALA A 82 -2.18 -18.84 -54.70
CA ALA A 82 -2.70 -17.71 -53.94
C ALA A 82 -1.67 -17.18 -52.94
N ALA A 83 -0.54 -16.69 -53.47
CA ALA A 83 0.60 -16.32 -52.64
C ALA A 83 0.26 -15.04 -51.88
N ALA A 84 -0.53 -15.20 -50.83
CA ALA A 84 -1.05 -14.06 -50.08
C ALA A 84 -1.64 -14.59 -48.77
N PRO A 85 -1.89 -13.70 -47.80
CA PRO A 85 -2.29 -14.16 -46.46
C PRO A 85 -3.70 -14.72 -46.35
N LEU A 86 -3.93 -15.94 -46.80
CA LEU A 86 -5.22 -16.60 -46.60
C LEU A 86 -5.19 -17.36 -45.29
N THR A 87 -6.05 -16.99 -44.35
CA THR A 87 -6.15 -17.76 -43.13
C THR A 87 -6.55 -19.18 -43.46
N ILE A 88 -5.89 -20.15 -42.82
CA ILE A 88 -6.19 -21.56 -43.03
C ILE A 88 -7.43 -21.88 -42.18
N THR A 89 -8.59 -21.98 -42.84
CA THR A 89 -9.84 -22.21 -42.16
C THR A 89 -10.53 -23.43 -42.75
N LEU A 90 -11.49 -23.96 -42.00
CA LEU A 90 -12.16 -25.19 -42.40
C LEU A 90 -12.90 -25.03 -43.71
N VAL A 91 -13.67 -23.95 -43.84
CA VAL A 91 -14.57 -23.80 -44.98
C VAL A 91 -13.78 -23.61 -46.27
N ARG A 92 -12.70 -22.83 -46.21
CA ARG A 92 -11.82 -22.72 -47.37
C ARG A 92 -11.11 -24.03 -47.65
N GLU A 93 -10.82 -24.79 -46.59
CA GLU A 93 -10.09 -26.04 -46.76
C GLU A 93 -10.93 -27.09 -47.48
N GLU A 94 -12.21 -27.18 -47.16
CA GLU A 94 -13.07 -28.17 -47.81
C GLU A 94 -13.21 -27.93 -49.30
N VAL A 95 -12.90 -26.72 -49.75
CA VAL A 95 -12.98 -26.37 -51.17
C VAL A 95 -11.61 -26.31 -51.81
N ILE A 96 -10.63 -25.74 -51.11
CA ILE A 96 -9.31 -25.52 -51.68
C ILE A 96 -8.28 -26.17 -50.77
N ASP A 97 -7.12 -26.49 -51.35
CA ASP A 97 -6.05 -27.18 -50.64
C ASP A 97 -4.91 -26.21 -50.38
N PHE A 98 -4.56 -26.05 -49.10
CA PHE A 98 -3.55 -25.09 -48.68
C PHE A 98 -2.15 -25.70 -48.72
N SER A 99 -1.21 -24.96 -48.13
CA SER A 99 0.09 -25.45 -47.71
C SER A 99 0.18 -25.35 -46.20
N LYS A 100 1.32 -25.76 -45.67
CA LYS A 100 1.54 -25.56 -44.24
C LYS A 100 1.78 -24.08 -44.00
N PRO A 101 1.41 -23.57 -42.83
CA PRO A 101 1.45 -22.12 -42.61
C PRO A 101 2.85 -21.57 -42.83
N PHE A 102 2.92 -20.39 -43.45
CA PHE A 102 4.18 -19.66 -43.48
C PHE A 102 4.23 -18.61 -42.40
N MET A 103 3.22 -18.52 -41.55
CA MET A 103 3.19 -17.56 -40.47
C MET A 103 2.04 -17.91 -39.55
N SER A 104 2.23 -17.68 -38.26
CA SER A 104 1.20 -17.95 -37.27
C SER A 104 0.94 -16.69 -36.47
N LEU A 105 -0.22 -16.66 -35.81
CA LEU A 105 -0.68 -15.41 -35.20
C LEU A 105 -1.91 -15.70 -34.36
N GLY A 106 -2.54 -14.63 -33.87
CA GLY A 106 -3.77 -14.79 -33.12
C GLY A 106 -4.41 -13.45 -32.86
N ILE A 107 -5.51 -13.47 -32.11
CA ILE A 107 -6.16 -12.24 -31.68
C ILE A 107 -5.34 -11.63 -30.55
N SER A 108 -4.98 -10.37 -30.70
CA SER A 108 -4.05 -9.73 -29.79
C SER A 108 -4.55 -8.37 -29.35
N ILE A 109 -4.19 -8.01 -28.11
CA ILE A 109 -4.60 -6.73 -27.53
C ILE A 109 -3.89 -5.58 -28.25
N MET A 110 -4.46 -4.39 -28.12
CA MET A 110 -3.82 -3.18 -28.62
C MET A 110 -4.24 -2.01 -27.76
N ILE A 111 -3.27 -1.39 -27.08
CA ILE A 111 -3.55 -0.30 -26.15
C ILE A 111 -2.64 0.87 -26.46
N LYS A 112 -3.06 2.05 -25.99
CA LYS A 112 -2.28 3.26 -26.19
C LYS A 112 -0.96 3.18 -25.44
N LYS A 113 0.12 3.57 -26.10
CA LYS A 113 1.43 3.44 -25.50
C LYS A 113 1.57 4.40 -24.33
N PRO A 114 1.94 3.93 -23.14
CA PRO A 114 2.08 4.83 -22.00
C PRO A 114 3.20 5.83 -22.22
N GLN A 115 2.89 7.10 -21.99
CA GLN A 115 3.89 8.15 -22.18
C GLN A 115 4.90 8.15 -21.03
N LYS A 116 5.99 8.89 -21.24
CA LYS A 116 7.01 8.99 -20.21
C LYS A 116 6.46 9.64 -18.94
N SER A 117 5.58 10.63 -19.11
CA SER A 117 4.97 11.35 -17.99
C SER A 117 6.03 12.02 -17.11
N LYS A 118 6.74 12.96 -17.71
CA LYS A 118 7.78 13.68 -16.99
C LYS A 118 7.15 14.47 -15.84
N PRO A 119 7.72 14.39 -14.63
CA PRO A 119 7.14 15.14 -13.52
C PRO A 119 7.34 16.64 -13.70
N GLY A 120 6.45 17.40 -13.08
CA GLY A 120 6.57 18.83 -13.14
C GLY A 120 7.81 19.33 -12.42
N VAL A 121 8.19 20.57 -12.75
CA VAL A 121 9.37 21.15 -12.11
C VAL A 121 9.16 21.28 -10.61
N PHE A 122 8.01 21.81 -10.22
CA PHE A 122 7.68 22.01 -8.81
C PHE A 122 6.72 20.96 -8.30
N SER A 123 6.95 19.71 -8.70
CA SER A 123 6.10 18.62 -8.26
C SER A 123 6.31 18.23 -6.81
N PHE A 124 7.36 18.72 -6.16
CA PHE A 124 7.60 18.30 -4.78
C PHE A 124 6.51 18.77 -3.84
N LEU A 125 5.70 19.73 -4.25
CA LEU A 125 4.67 20.31 -3.38
C LEU A 125 3.27 19.87 -3.77
N ASP A 126 3.14 18.78 -4.54
CA ASP A 126 1.82 18.20 -4.74
C ASP A 126 1.15 17.70 -3.48
N PRO A 127 1.83 16.99 -2.55
CA PRO A 127 1.09 16.36 -1.45
C PRO A 127 0.22 17.30 -0.63
N LEU A 128 0.38 18.60 -0.82
CA LEU A 128 -0.48 19.59 -0.19
C LEU A 128 -1.02 20.53 -1.26
N ALA A 129 -2.32 20.83 -1.18
CA ALA A 129 -2.94 21.66 -2.21
C ALA A 129 -2.40 23.07 -2.16
N TYR A 130 -2.67 23.82 -3.22
CA TYR A 130 -2.16 25.19 -3.34
C TYR A 130 -2.72 26.09 -2.25
N GLU A 131 -3.98 25.88 -1.88
CA GLU A 131 -4.57 26.68 -0.81
C GLU A 131 -3.81 26.49 0.50
N ILE A 132 -3.39 25.27 0.80
CA ILE A 132 -2.60 25.05 2.00
C ILE A 132 -1.27 25.77 1.91
N TRP A 133 -0.59 25.65 0.77
CA TRP A 133 0.72 26.27 0.63
C TRP A 133 0.66 27.77 0.69
N MET A 134 -0.48 28.39 0.44
CA MET A 134 -0.53 29.83 0.61
C MET A 134 -1.09 30.27 1.95
N CYS A 135 -2.02 29.53 2.54
CA CYS A 135 -2.42 29.86 3.89
C CYS A 135 -1.30 29.64 4.88
N ILE A 136 -0.33 28.78 4.57
CA ILE A 136 0.84 28.67 5.42
C ILE A 136 1.61 29.99 5.44
N VAL A 137 1.83 30.58 4.26
CA VAL A 137 2.54 31.85 4.20
C VAL A 137 1.77 32.93 4.94
N PHE A 138 0.46 32.96 4.76
CA PHE A 138 -0.32 34.03 5.36
C PHE A 138 -0.41 33.87 6.88
N ALA A 139 -0.53 32.64 7.37
CA ALA A 139 -0.48 32.42 8.80
C ALA A 139 0.89 32.71 9.36
N TYR A 140 1.95 32.48 8.59
CA TYR A 140 3.29 32.81 9.07
C TYR A 140 3.45 34.30 9.26
N ILE A 141 2.99 35.10 8.31
CA ILE A 141 3.04 36.55 8.50
C ILE A 141 2.19 36.97 9.69
N GLY A 142 1.01 36.39 9.83
CA GLY A 142 0.17 36.73 10.96
C GLY A 142 0.83 36.44 12.29
N VAL A 143 1.45 35.26 12.42
CA VAL A 143 2.10 34.89 13.66
C VAL A 143 3.31 35.79 13.93
N SER A 144 4.09 36.08 12.90
CA SER A 144 5.26 36.93 13.10
C SER A 144 4.87 38.32 13.54
N VAL A 145 3.70 38.80 13.13
CA VAL A 145 3.30 40.13 13.60
C VAL A 145 2.69 40.06 15.00
N VAL A 146 1.94 39.01 15.31
CA VAL A 146 1.36 38.93 16.65
C VAL A 146 2.44 38.74 17.70
N LEU A 147 3.48 37.97 17.39
CA LEU A 147 4.53 37.75 18.37
C LEU A 147 5.28 39.05 18.66
N PHE A 148 5.54 39.84 17.63
CA PHE A 148 6.06 41.20 17.83
C PHE A 148 5.14 42.03 18.71
N LEU A 149 3.86 42.08 18.36
CA LEU A 149 2.91 42.84 19.16
C LEU A 149 3.02 42.49 20.63
N VAL A 150 2.98 41.20 20.94
CA VAL A 150 2.90 40.77 22.33
C VAL A 150 4.21 41.01 23.05
N SER A 151 5.34 40.82 22.36
CA SER A 151 6.61 41.06 23.03
C SER A 151 6.84 42.53 23.28
N ARG A 152 6.24 43.41 22.47
CA ARG A 152 6.60 44.83 22.49
C ARG A 152 5.73 45.71 23.37
N PHE A 153 4.84 45.19 24.22
CA PHE A 153 4.14 46.05 25.16
C PHE A 153 5.07 46.71 26.15
N SER A 154 4.79 47.98 26.45
CA SER A 154 5.52 48.75 27.43
C SER A 154 4.68 49.94 27.86
N ASN A 166 13.12 43.93 24.41
CA ASN A 166 14.12 42.89 24.29
C ASN A 166 14.50 42.61 22.85
N GLU A 167 14.73 41.33 22.54
CA GLU A 167 15.35 40.95 21.27
C GLU A 167 14.34 40.68 20.16
N PHE A 168 13.05 40.67 20.46
CA PHE A 168 12.04 40.26 19.48
C PHE A 168 11.49 41.49 18.75
N GLY A 169 12.35 42.10 17.95
CA GLY A 169 11.91 43.15 17.06
C GLY A 169 11.03 42.56 15.98
N ILE A 170 10.81 43.25 14.87
CA ILE A 170 9.98 42.62 13.84
C ILE A 170 10.80 41.68 12.98
N PHE A 171 11.99 42.11 12.57
CA PHE A 171 12.82 41.23 11.74
C PHE A 171 13.23 40.00 12.53
N ASN A 172 13.60 40.18 13.78
CA ASN A 172 13.97 39.05 14.62
C ASN A 172 12.81 38.11 14.82
N SER A 173 11.59 38.66 14.91
CA SER A 173 10.41 37.81 15.10
C SER A 173 10.09 37.02 13.85
N LEU A 174 10.22 37.64 12.67
CA LEU A 174 10.04 36.89 11.44
C LEU A 174 11.06 35.77 11.33
N TRP A 175 12.30 36.04 11.76
CA TRP A 175 13.31 34.98 11.73
C TRP A 175 12.96 33.85 12.66
N PHE A 176 12.52 34.16 13.88
CA PHE A 176 12.17 33.09 14.80
C PHE A 176 11.04 32.26 14.25
N SER A 177 10.00 32.90 13.70
CA SER A 177 8.85 32.14 13.24
C SER A 177 9.18 31.30 12.01
N LEU A 178 10.01 31.81 11.10
CA LEU A 178 10.52 30.98 10.03
C LEU A 178 11.26 29.77 10.57
N GLY A 179 12.18 29.98 11.52
CA GLY A 179 12.90 28.85 12.06
C GLY A 179 11.96 27.85 12.69
N ALA A 180 10.95 28.33 13.39
CA ALA A 180 10.03 27.43 14.08
C ALA A 180 9.20 26.62 13.09
N PHE A 181 8.88 27.17 11.92
CA PHE A 181 8.14 26.34 10.97
C PHE A 181 8.98 25.21 10.44
N MET A 182 10.26 25.46 10.13
CA MET A 182 11.09 24.47 9.48
C MET A 182 11.69 23.47 10.45
N GLN A 183 11.11 23.31 11.63
CA GLN A 183 11.53 22.36 12.65
C GLN A 183 12.95 22.62 13.16
N GLN A 184 13.60 23.70 12.74
CA GLN A 184 14.98 23.92 13.13
C GLN A 184 15.09 24.63 14.48
N GLY A 185 14.42 25.76 14.63
CA GLY A 185 14.50 26.46 15.89
C GLY A 185 15.76 27.27 16.01
N CYS A 186 15.66 28.45 16.62
CA CYS A 186 16.72 29.44 16.64
C CYS A 186 17.39 29.47 18.01
N ASP A 187 18.27 30.45 18.18
CA ASP A 187 18.91 30.67 19.49
C ASP A 187 17.98 31.36 20.47
N ILE A 188 17.11 32.23 19.99
CA ILE A 188 16.21 32.99 20.86
C ILE A 188 14.91 32.22 21.05
N SER A 189 14.21 32.54 22.14
CA SER A 189 12.93 31.89 22.41
C SER A 189 12.12 32.82 23.29
N PRO A 190 10.81 32.92 23.08
CA PRO A 190 10.01 33.84 23.89
C PRO A 190 10.08 33.49 25.37
N ARG A 191 10.12 34.52 26.20
CA ARG A 191 10.34 34.34 27.63
C ARG A 191 9.22 34.93 28.47
N SER A 192 8.06 35.15 27.86
CA SER A 192 6.90 35.66 28.57
C SER A 192 5.71 34.76 28.25
N LEU A 193 4.71 34.78 29.12
CA LEU A 193 3.58 33.86 28.95
C LEU A 193 2.89 34.06 27.62
N SER A 194 2.62 35.31 27.26
CA SER A 194 1.84 35.59 26.07
C SER A 194 2.67 35.55 24.80
N GLY A 195 3.97 35.31 24.89
CA GLY A 195 4.74 34.99 23.71
C GLY A 195 4.91 33.50 23.63
N ARG A 196 4.94 32.85 24.79
CA ARG A 196 5.07 31.40 24.80
C ARG A 196 3.80 30.73 24.30
N ILE A 197 2.64 31.34 24.47
CA ILE A 197 1.41 30.78 23.90
C ILE A 197 1.49 30.77 22.37
N VAL A 198 1.92 31.89 21.78
CA VAL A 198 2.06 31.96 20.33
C VAL A 198 3.08 30.95 19.85
N GLY A 199 4.21 30.85 20.55
CA GLY A 199 5.21 29.87 20.18
C GLY A 199 4.66 28.46 20.20
N GLY A 200 3.96 28.10 21.28
CA GLY A 200 3.46 26.74 21.39
C GLY A 200 2.44 26.40 20.32
N VAL A 201 1.55 27.34 20.01
CA VAL A 201 0.52 27.05 19.02
C VAL A 201 1.11 26.96 17.62
N TRP A 202 2.04 27.86 17.28
CA TRP A 202 2.70 27.75 15.98
C TRP A 202 3.52 26.48 15.87
N TRP A 203 4.13 26.05 16.98
CA TRP A 203 4.85 24.78 16.98
C TRP A 203 3.92 23.60 16.69
N PHE A 204 2.78 23.56 17.36
CA PHE A 204 1.85 22.46 17.12
C PHE A 204 1.36 22.46 15.68
N PHE A 205 1.03 23.63 15.15
CA PHE A 205 0.58 23.73 13.77
C PHE A 205 1.64 23.21 12.81
N THR A 206 2.89 23.65 12.98
CA THR A 206 3.91 23.21 12.04
C THR A 206 4.19 21.72 12.18
N LEU A 207 4.08 21.17 13.39
CA LEU A 207 4.26 19.74 13.55
C LEU A 207 3.21 18.98 12.75
N ILE A 208 1.95 19.38 12.87
CA ILE A 208 0.90 18.69 12.14
C ILE A 208 1.11 18.83 10.64
N ILE A 209 1.47 20.02 10.17
CA ILE A 209 1.60 20.21 8.72
C ILE A 209 2.74 19.40 8.16
N ILE A 210 3.88 19.36 8.84
CA ILE A 210 5.01 18.61 8.30
C ILE A 210 4.76 17.12 8.36
N SER A 211 4.18 16.63 9.45
CA SER A 211 3.81 15.22 9.50
C SER A 211 2.85 14.87 8.40
N SER A 212 1.89 15.76 8.13
CA SER A 212 0.92 15.53 7.08
C SER A 212 1.57 15.50 5.70
N TYR A 213 2.49 16.42 5.44
CA TYR A 213 3.18 16.42 4.15
C TYR A 213 3.91 15.11 3.93
N THR A 214 4.69 14.67 4.92
CA THR A 214 5.42 13.42 4.74
C THR A 214 4.49 12.23 4.56
N ALA A 215 3.42 12.16 5.34
CA ALA A 215 2.49 11.04 5.22
C ALA A 215 1.85 11.00 3.83
N ASN A 216 1.38 12.14 3.34
CA ASN A 216 0.73 12.12 2.04
C ASN A 216 1.71 11.87 0.92
N LEU A 217 2.95 12.34 1.05
CA LEU A 217 3.95 12.01 0.04
C LEU A 217 4.21 10.51 0.00
N ALA A 218 4.29 9.88 1.18
CA ALA A 218 4.45 8.43 1.20
C ALA A 218 3.25 7.75 0.56
N ALA A 219 2.05 8.28 0.76
CA ALA A 219 0.88 7.70 0.11
C ALA A 219 0.99 7.80 -1.41
N PHE A 220 1.38 8.96 -1.92
CA PHE A 220 1.59 9.10 -3.36
C PHE A 220 2.55 8.04 -3.89
N LEU A 221 3.73 7.95 -3.26
CA LEU A 221 4.75 7.07 -3.81
C LEU A 221 4.33 5.62 -3.72
N THR A 222 3.74 5.21 -2.59
CA THR A 222 3.31 3.83 -2.43
C THR A 222 2.26 3.46 -3.46
N VAL A 223 1.25 4.31 -3.65
CA VAL A 223 0.20 3.96 -4.59
C VAL A 223 0.75 3.92 -6.01
N GLU A 224 1.57 4.90 -6.39
CA GLU A 224 2.13 4.87 -7.74
C GLU A 224 2.98 3.63 -7.97
N ARG A 225 3.60 3.11 -6.91
CA ARG A 225 4.47 1.95 -7.06
C ARG A 225 3.66 0.69 -7.37
N MET A 226 2.50 0.53 -6.75
CA MET A 226 1.63 -0.60 -7.05
C MET A 226 0.67 -0.25 -8.19
N VAL A 227 1.26 -0.05 -9.36
CA VAL A 227 0.51 0.13 -10.60
C VAL A 227 0.77 -1.09 -11.47
N SER A 228 -0.30 -1.67 -12.01
CA SER A 228 -0.19 -2.88 -12.81
C SER A 228 -0.95 -2.64 -14.12
N PRO A 229 -0.27 -2.51 -15.24
CA PRO A 229 -0.97 -2.29 -16.50
C PRO A 229 -1.69 -3.55 -16.96
N ILE A 230 -2.68 -3.35 -17.83
CA ILE A 230 -3.45 -4.44 -18.39
C ILE A 230 -2.53 -5.24 -19.31
N GLU A 231 -2.15 -6.44 -18.88
CA GLU A 231 -1.13 -7.20 -19.57
C GLU A 231 -1.69 -8.41 -20.32
N SER A 232 -2.72 -9.06 -19.80
CA SER A 232 -3.30 -10.22 -20.46
C SER A 232 -4.78 -9.95 -20.77
N ALA A 233 -5.43 -10.97 -21.33
CA ALA A 233 -6.87 -10.84 -21.61
C ALA A 233 -7.69 -10.98 -20.34
N GLU A 234 -7.26 -11.81 -19.40
CA GLU A 234 -8.02 -11.98 -18.16
C GLU A 234 -8.08 -10.68 -17.38
N ASP A 235 -6.95 -9.97 -17.29
CA ASP A 235 -6.92 -8.71 -16.57
C ASP A 235 -7.85 -7.69 -17.22
N LEU A 236 -7.88 -7.65 -18.55
CA LEU A 236 -8.77 -6.74 -19.24
C LEU A 236 -10.22 -7.16 -19.06
N ALA A 237 -10.47 -8.47 -18.90
CA ALA A 237 -11.83 -8.95 -18.70
C ALA A 237 -12.37 -8.54 -17.34
N LYS A 238 -11.57 -8.77 -16.28
CA LYS A 238 -12.02 -8.40 -14.94
C LYS A 238 -12.20 -6.88 -14.82
N GLN A 239 -11.20 -6.12 -15.23
CA GLN A 239 -11.28 -4.68 -15.18
C GLN A 239 -12.36 -4.17 -16.12
N THR A 240 -13.05 -3.10 -15.72
CA THR A 240 -14.13 -2.55 -16.51
C THR A 240 -13.96 -1.09 -16.88
N GLU A 241 -12.85 -0.46 -16.48
CA GLU A 241 -12.67 0.95 -16.77
C GLU A 241 -12.38 1.23 -18.24
N ILE A 242 -11.81 0.26 -18.95
CA ILE A 242 -11.38 0.44 -20.33
C ILE A 242 -12.33 -0.34 -21.24
N ALA A 243 -12.84 0.33 -22.27
CA ALA A 243 -13.70 -0.32 -23.24
C ALA A 243 -12.88 -0.85 -24.40
N TYR A 244 -13.21 -2.06 -24.84
CA TYR A 244 -12.50 -2.73 -25.91
C TYR A 244 -13.46 -3.09 -27.03
N GLY A 245 -13.04 -2.86 -28.27
CA GLY A 245 -13.91 -3.08 -29.40
C GLY A 245 -13.27 -3.72 -30.61
N THR A 246 -13.91 -4.75 -31.15
CA THR A 246 -13.44 -5.42 -32.34
C THR A 246 -13.91 -4.67 -33.58
N LEU A 247 -13.59 -5.22 -34.75
CA LEU A 247 -14.15 -4.69 -36.00
C LEU A 247 -15.63 -5.03 -36.10
N ALA A 248 -16.31 -4.31 -36.98
CA ALA A 248 -17.75 -4.49 -37.14
C ALA A 248 -18.08 -5.91 -37.57
N ALA A 249 -17.62 -6.31 -38.76
CA ALA A 249 -17.85 -7.65 -39.28
C ALA A 249 -16.51 -8.26 -39.66
N GLY A 250 -16.21 -9.42 -39.10
CA GLY A 250 -14.96 -10.08 -39.39
C GLY A 250 -14.85 -11.37 -38.62
N SER A 251 -13.71 -12.05 -38.81
CA SER A 251 -13.48 -13.30 -38.11
C SER A 251 -13.26 -13.10 -36.62
N THR A 252 -12.87 -11.89 -36.20
CA THR A 252 -12.64 -11.65 -34.79
C THR A 252 -13.95 -11.50 -34.02
N LYS A 253 -14.95 -10.82 -34.59
CA LYS A 253 -16.24 -10.70 -33.91
C LYS A 253 -16.97 -12.04 -33.90
N GLU A 254 -16.98 -12.73 -35.04
CA GLU A 254 -17.62 -14.04 -35.10
C GLU A 254 -16.96 -15.02 -34.15
N PHE A 255 -15.65 -14.89 -33.94
CA PHE A 255 -14.97 -15.67 -32.91
C PHE A 255 -15.62 -15.45 -31.56
N PHE A 256 -15.83 -14.19 -31.18
CA PHE A 256 -16.37 -13.92 -29.86
C PHE A 256 -17.81 -14.36 -29.74
N ARG A 257 -18.61 -14.20 -30.80
CA ARG A 257 -19.98 -14.66 -30.78
C ARG A 257 -20.03 -16.18 -30.62
N ARG A 258 -19.19 -16.90 -31.35
CA ARG A 258 -19.13 -18.35 -31.23
C ARG A 258 -18.26 -18.82 -30.07
N SER A 259 -17.59 -17.89 -29.39
CA SER A 259 -16.73 -18.26 -28.28
C SER A 259 -17.54 -18.89 -27.15
N LYS A 260 -17.03 -20.00 -26.63
CA LYS A 260 -17.66 -20.73 -25.54
C LYS A 260 -16.75 -20.79 -24.32
N ILE A 261 -15.97 -19.73 -24.11
CA ILE A 261 -15.10 -19.61 -22.95
C ILE A 261 -15.63 -18.50 -22.06
N ALA A 262 -15.68 -18.76 -20.75
CA ALA A 262 -16.32 -17.82 -19.83
C ALA A 262 -15.69 -16.43 -19.93
N VAL A 263 -14.36 -16.36 -19.96
CA VAL A 263 -13.69 -15.07 -20.09
C VAL A 263 -14.01 -14.45 -21.44
N ALA A 264 -13.98 -15.25 -22.51
CA ALA A 264 -14.35 -14.73 -23.82
C ALA A 264 -15.82 -14.33 -23.85
N ALA A 265 -16.70 -15.15 -23.28
CA ALA A 265 -18.10 -14.81 -23.23
C ALA A 265 -18.34 -13.55 -22.40
N LYS A 266 -17.55 -13.36 -21.34
CA LYS A 266 -17.67 -12.17 -20.53
C LYS A 266 -17.40 -10.92 -21.36
N MET A 267 -16.37 -10.97 -22.21
CA MET A 267 -16.10 -9.84 -23.10
C MET A 267 -17.24 -9.66 -24.10
N TRP A 268 -17.72 -10.76 -24.67
CA TRP A 268 -18.78 -10.66 -25.66
C TRP A 268 -20.05 -10.09 -25.05
N ALA A 269 -20.37 -10.50 -23.82
CA ALA A 269 -21.51 -9.93 -23.13
C ALA A 269 -21.33 -8.43 -22.94
N TYR A 270 -20.11 -8.01 -22.63
CA TYR A 270 -19.81 -6.58 -22.55
C TYR A 270 -19.87 -5.91 -23.91
N MET A 271 -19.21 -6.50 -24.91
CA MET A 271 -19.15 -5.87 -26.22
C MET A 271 -20.50 -5.84 -26.92
N ALA A 272 -21.42 -6.73 -26.55
CA ALA A 272 -22.73 -6.75 -27.20
C ALA A 272 -23.50 -5.46 -26.93
N SER A 273 -23.46 -4.98 -25.69
CA SER A 273 -24.22 -3.81 -25.28
C SER A 273 -23.28 -2.81 -24.63
N ALA A 274 -23.27 -1.59 -25.17
CA ALA A 274 -22.50 -0.50 -24.58
C ALA A 274 -23.15 0.81 -24.98
N GLU A 275 -23.02 1.80 -24.10
CA GLU A 275 -23.65 3.10 -24.38
C GLU A 275 -23.16 3.70 -25.68
N PRO A 276 -21.86 3.79 -25.95
CA PRO A 276 -21.40 4.03 -27.33
C PRO A 276 -21.10 2.71 -28.03
N SER A 277 -21.05 2.78 -29.36
CA SER A 277 -20.71 1.61 -30.15
C SER A 277 -19.23 1.31 -29.98
N VAL A 278 -18.91 0.29 -29.18
CA VAL A 278 -17.51 -0.09 -29.01
C VAL A 278 -16.95 -0.65 -30.31
N PHE A 279 -17.79 -1.19 -31.16
CA PHE A 279 -17.34 -1.73 -32.43
C PHE A 279 -16.87 -0.62 -33.34
N ALA A 280 -15.88 -0.93 -34.17
CA ALA A 280 -15.34 0.02 -35.14
C ALA A 280 -15.67 -0.47 -36.55
N ALA A 281 -15.99 0.47 -37.44
CA ALA A 281 -16.36 0.10 -38.79
C ALA A 281 -15.15 -0.33 -39.61
N THR A 282 -14.05 0.40 -39.49
CA THR A 282 -12.86 0.13 -40.29
C THR A 282 -11.65 0.03 -39.37
N THR A 283 -10.68 -0.80 -39.77
CA THR A 283 -9.49 -0.97 -38.96
C THR A 283 -8.67 0.30 -38.88
N ALA A 284 -8.72 1.15 -39.90
CA ALA A 284 -8.13 2.47 -39.78
C ALA A 284 -8.85 3.29 -38.72
N ALA A 285 -10.17 3.19 -38.68
CA ALA A 285 -10.94 3.86 -37.63
C ALA A 285 -10.62 3.28 -36.26
N GLY A 286 -10.46 1.97 -36.18
CA GLY A 286 -10.15 1.35 -34.90
C GLY A 286 -8.84 1.84 -34.31
N ALA A 287 -7.82 1.99 -35.16
CA ALA A 287 -6.55 2.52 -34.67
C ALA A 287 -6.71 3.95 -34.19
N ALA A 288 -7.48 4.76 -34.92
CA ALA A 288 -7.67 6.15 -34.54
C ALA A 288 -8.42 6.26 -33.21
N ARG A 289 -9.43 5.41 -33.01
CA ARG A 289 -10.23 5.50 -31.80
C ARG A 289 -9.39 5.25 -30.56
N VAL A 290 -8.46 4.28 -30.62
CA VAL A 290 -7.60 4.01 -29.48
C VAL A 290 -6.68 5.19 -29.21
N ARG A 291 -6.10 5.77 -30.26
CA ARG A 291 -5.19 6.90 -30.07
C ARG A 291 -5.90 8.09 -29.43
N LYS A 292 -7.11 8.39 -29.90
CA LYS A 292 -7.84 9.54 -29.37
C LYS A 292 -8.39 9.27 -27.99
N ALA A 293 -8.70 8.01 -27.67
CA ALA A 293 -9.32 7.70 -26.38
C ALA A 293 -8.34 7.80 -25.22
N LYS A 294 -7.04 7.81 -25.49
CA LYS A 294 -6.01 7.95 -24.47
C LYS A 294 -6.15 6.87 -23.39
N GLY A 295 -6.11 5.62 -23.85
CA GLY A 295 -6.19 4.48 -22.97
C GLY A 295 -7.59 3.96 -22.72
N LYS A 296 -8.63 4.67 -23.19
CA LYS A 296 -10.00 4.21 -22.98
C LYS A 296 -10.38 3.07 -23.92
N ALA A 297 -9.86 3.07 -25.14
CA ALA A 297 -10.20 2.07 -26.13
C ALA A 297 -9.05 1.08 -26.28
N ALA A 298 -9.40 -0.21 -26.36
CA ALA A 298 -8.42 -1.30 -26.48
C ALA A 298 -8.86 -2.20 -27.63
N ALA A 299 -8.36 -1.93 -28.84
CA ALA A 299 -8.76 -2.70 -30.00
C ALA A 299 -8.29 -4.15 -29.87
N LEU A 300 -9.03 -5.06 -30.51
CA LEU A 300 -8.70 -6.48 -30.52
C LEU A 300 -8.53 -6.90 -31.98
N LEU A 301 -7.32 -6.79 -32.49
CA LEU A 301 -7.03 -7.12 -33.87
C LEU A 301 -6.01 -8.25 -33.94
N GLU A 302 -5.77 -8.72 -35.16
CA GLU A 302 -4.85 -9.82 -35.35
C GLU A 302 -3.42 -9.43 -34.99
N SER A 303 -2.65 -10.42 -34.58
CA SER A 303 -1.32 -10.15 -34.06
C SER A 303 -0.41 -9.50 -35.10
N THR A 304 -0.45 -9.96 -36.34
CA THR A 304 0.47 -9.41 -37.33
C THR A 304 0.19 -7.94 -37.61
N MET A 305 -1.09 -7.57 -37.76
CA MET A 305 -1.40 -6.17 -37.96
C MET A 305 -1.02 -5.34 -36.75
N ASN A 306 -1.22 -5.88 -35.54
CA ASN A 306 -0.84 -5.17 -34.34
C ASN A 306 0.65 -4.88 -34.33
N GLU A 307 1.46 -5.89 -34.66
CA GLU A 307 2.90 -5.70 -34.70
C GLU A 307 3.34 -4.82 -35.84
N TYR A 308 2.54 -4.72 -36.90
CA TYR A 308 2.90 -3.74 -37.93
C TYR A 308 2.58 -2.33 -37.49
N ILE A 309 1.44 -2.14 -36.84
CA ILE A 309 1.04 -0.79 -36.46
C ILE A 309 1.95 -0.24 -35.37
N GLU A 310 2.23 -1.03 -34.34
CA GLU A 310 3.05 -0.50 -33.26
C GLU A 310 4.48 -0.22 -33.71
N GLN A 311 4.88 -0.71 -34.87
CA GLN A 311 6.27 -0.62 -35.30
C GLN A 311 6.46 0.38 -36.43
N ARG A 312 5.77 0.19 -37.55
CA ARG A 312 5.88 1.07 -38.72
C ARG A 312 4.81 2.14 -38.74
N LYS A 313 4.42 2.63 -37.57
CA LYS A 313 3.56 3.79 -37.42
C LYS A 313 4.04 4.56 -36.19
N PRO A 314 3.78 5.86 -36.12
CA PRO A 314 4.22 6.63 -34.94
C PRO A 314 3.75 5.99 -33.65
N CYS A 315 4.71 5.73 -32.76
CA CYS A 315 4.48 4.83 -31.64
C CYS A 315 3.57 5.43 -30.58
N ASP A 316 2.30 5.62 -30.91
CA ASP A 316 1.30 5.97 -29.91
C ASP A 316 0.64 4.75 -29.29
N THR A 317 0.79 3.58 -29.90
CA THR A 317 0.15 2.36 -29.45
C THR A 317 1.18 1.26 -29.29
N MET A 318 0.77 0.17 -28.65
CA MET A 318 1.66 -0.97 -28.46
C MET A 318 0.82 -2.22 -28.28
N LYS A 319 1.47 -3.37 -28.48
CA LYS A 319 0.84 -4.67 -28.31
C LYS A 319 1.26 -5.27 -26.98
N VAL A 320 0.30 -5.65 -26.16
CA VAL A 320 0.59 -6.20 -24.84
C VAL A 320 -0.10 -7.55 -24.71
N GLY A 321 0.63 -8.52 -24.21
CA GLY A 321 0.03 -9.82 -23.93
C GLY A 321 0.06 -10.74 -25.12
N GLY A 322 0.08 -12.04 -24.83
CA GLY A 322 0.10 -13.02 -25.89
C GLY A 322 -1.22 -13.10 -26.61
N ASN A 323 -1.17 -13.57 -27.85
CA ASN A 323 -2.36 -13.72 -28.66
C ASN A 323 -3.26 -14.81 -28.09
N LEU A 324 -4.57 -14.62 -28.23
CA LEU A 324 -5.54 -15.47 -27.56
C LEU A 324 -5.75 -16.79 -28.29
N ASP A 325 -5.90 -16.74 -29.61
CA ASP A 325 -6.16 -17.91 -30.41
C ASP A 325 -5.03 -18.13 -31.40
N SER A 326 -5.21 -19.08 -32.31
CA SER A 326 -4.17 -19.41 -33.27
C SER A 326 -4.78 -19.63 -34.64
N LYS A 327 -3.95 -19.44 -35.67
CA LYS A 327 -4.32 -19.66 -37.05
C LYS A 327 -3.07 -19.42 -37.89
N GLY A 328 -3.15 -19.62 -39.20
CA GLY A 328 -1.96 -19.45 -40.02
C GLY A 328 -2.33 -19.04 -41.42
N TYR A 329 -1.33 -18.75 -42.22
CA TYR A 329 -1.47 -18.34 -43.61
C TYR A 329 -0.80 -19.34 -44.55
N GLY A 330 -1.58 -20.17 -45.21
CA GLY A 330 -1.01 -21.00 -46.24
C GLY A 330 -0.89 -20.27 -47.56
N ALA A 331 -0.07 -20.82 -48.45
CA ALA A 331 0.01 -20.36 -49.83
C ALA A 331 -0.81 -21.31 -50.69
N ALA A 332 -2.13 -21.13 -50.66
CA ALA A 332 -3.07 -22.12 -51.19
C ALA A 332 -2.91 -22.31 -52.69
N THR A 333 -3.23 -23.53 -53.14
CA THR A 333 -3.23 -23.93 -54.54
C THR A 333 -4.55 -24.58 -54.90
N PRO A 334 -4.95 -24.52 -56.17
CA PRO A 334 -6.26 -25.08 -56.55
C PRO A 334 -6.32 -26.57 -56.27
N LYS A 335 -7.50 -27.05 -55.89
CA LYS A 335 -7.63 -28.42 -55.43
C LYS A 335 -7.22 -29.40 -56.51
N GLY A 336 -6.37 -30.36 -56.14
CA GLY A 336 -5.89 -31.33 -57.09
C GLY A 336 -5.04 -30.76 -58.20
N SER A 337 -4.20 -29.79 -57.90
CA SER A 337 -3.34 -29.23 -58.93
C SER A 337 -2.01 -29.95 -58.99
N ALA A 338 -1.31 -29.76 -60.12
CA ALA A 338 -0.05 -30.46 -60.34
C ALA A 338 1.06 -29.95 -59.43
N LEU A 339 1.04 -28.67 -59.08
CA LEU A 339 2.01 -28.07 -58.17
C LEU A 339 1.49 -27.98 -56.74
N ARG A 340 0.72 -28.97 -56.30
CA ARG A 340 0.21 -28.93 -54.95
C ARG A 340 1.29 -29.25 -53.93
N ALA A 341 2.20 -30.17 -54.26
CA ALA A 341 3.25 -30.55 -53.32
C ALA A 341 4.48 -29.65 -53.43
N PRO A 342 5.06 -29.43 -54.62
CA PRO A 342 6.28 -28.61 -54.68
C PRO A 342 6.07 -27.16 -54.28
N VAL A 343 4.94 -26.86 -53.65
CA VAL A 343 4.76 -25.64 -52.88
C VAL A 343 4.75 -25.91 -51.37
N ASN A 344 4.14 -27.02 -50.95
CA ASN A 344 4.24 -27.40 -49.54
C ASN A 344 5.69 -27.66 -49.15
N LEU A 345 6.43 -28.34 -50.00
CA LEU A 345 7.86 -28.51 -49.77
C LEU A 345 8.60 -27.17 -49.79
N ALA A 346 8.23 -26.28 -50.70
CA ALA A 346 8.91 -24.99 -50.77
C ALA A 346 8.73 -24.20 -49.49
N VAL A 347 7.50 -24.15 -48.98
CA VAL A 347 7.25 -23.43 -47.73
C VAL A 347 8.00 -24.10 -46.57
N LEU A 348 7.98 -25.44 -46.53
CA LEU A 348 8.63 -26.10 -45.41
C LEU A 348 10.14 -25.94 -45.42
N LYS A 349 10.77 -25.85 -46.60
CA LYS A 349 12.20 -25.56 -46.62
C LYS A 349 12.48 -24.10 -46.30
N LEU A 350 11.67 -23.18 -46.80
CA LEU A 350 11.91 -21.77 -46.49
C LEU A 350 11.83 -21.53 -44.99
N ALA A 351 10.84 -22.11 -44.33
CA ALA A 351 10.74 -21.91 -42.89
C ALA A 351 11.95 -22.50 -42.16
N GLU A 352 12.55 -23.57 -42.70
CA GLU A 352 13.71 -24.17 -42.05
C GLU A 352 14.93 -23.26 -42.18
N GLN A 353 15.19 -22.75 -43.38
CA GLN A 353 16.37 -21.92 -43.58
C GLN A 353 16.19 -20.48 -43.12
N GLY A 354 15.03 -20.14 -42.57
CA GLY A 354 14.82 -18.81 -42.04
C GLY A 354 14.46 -17.75 -43.04
N ALA A 355 14.40 -18.09 -44.33
CA ALA A 355 14.02 -17.10 -45.33
C ALA A 355 12.60 -16.62 -45.12
N LEU A 356 11.79 -17.35 -44.36
CA LEU A 356 10.48 -16.88 -43.93
C LEU A 356 10.54 -16.03 -42.68
N ASP A 357 11.69 -16.02 -42.01
CA ASP A 357 11.86 -15.22 -40.80
C ASP A 357 12.80 -14.05 -40.99
N LYS A 358 13.72 -14.14 -41.95
CA LYS A 358 14.44 -12.95 -42.38
C LYS A 358 13.49 -11.94 -42.99
N LEU A 359 12.55 -12.41 -43.80
CA LEU A 359 11.63 -11.51 -44.49
C LEU A 359 10.71 -10.79 -43.51
N LYS A 360 10.19 -11.50 -42.50
CA LYS A 360 9.35 -10.82 -41.53
C LYS A 360 10.13 -9.78 -40.76
N ASN A 361 11.35 -10.10 -40.35
CA ASN A 361 12.17 -9.14 -39.64
C ASN A 361 12.53 -7.94 -40.50
N LYS A 362 12.38 -8.05 -41.83
CA LYS A 362 12.67 -6.93 -42.71
C LYS A 362 11.48 -5.97 -42.77
N TRP A 363 10.37 -6.41 -43.31
CA TRP A 363 9.26 -5.49 -43.57
C TRP A 363 8.58 -5.01 -42.29
N TRP A 364 8.70 -5.76 -41.19
CA TRP A 364 8.11 -5.29 -39.95
C TRP A 364 9.05 -4.36 -39.20
N TYR A 365 10.32 -4.76 -39.04
CA TYR A 365 11.27 -4.00 -38.23
C TYR A 365 12.25 -3.20 -39.07
N ASP A 366 12.91 -3.83 -40.04
CA ASP A 366 13.99 -3.17 -40.77
C ASP A 366 13.49 -2.01 -41.63
N LYS A 367 12.18 -1.85 -41.80
CA LYS A 367 11.63 -0.68 -42.48
C LYS A 367 10.64 0.07 -41.58
N GLY A 368 10.72 -0.14 -40.27
CA GLY A 368 9.78 0.48 -39.36
C GLY A 368 9.95 1.98 -39.31
N GLU A 369 8.86 2.72 -39.56
CA GLU A 369 8.91 4.17 -39.53
C GLU A 369 9.23 4.68 -38.13
N CYS A 370 8.53 4.17 -37.12
CA CYS A 370 8.84 4.55 -35.75
C CYS A 370 10.19 4.02 -35.31
N GLY A 371 10.67 2.97 -35.96
CA GLY A 371 11.98 2.44 -35.64
C GLY A 371 11.99 1.73 -34.29
N ALA A 372 13.17 1.23 -33.95
CA ALA A 372 13.38 0.50 -32.70
C ALA A 372 14.30 1.26 -31.76
N ALA A 373 14.11 2.58 -31.67
CA ALA A 373 14.88 3.37 -30.72
C ALA A 373 14.59 2.92 -29.30
N ALA A 374 15.65 2.71 -28.53
CA ALA A 374 15.55 2.16 -27.17
C ALA A 374 14.80 0.83 -27.19
N ALA A 375 15.11 -0.01 -28.18
CA ALA A 375 14.46 -1.32 -28.26
C ALA A 375 14.81 -2.17 -27.05
N ALA A 376 16.06 -2.14 -26.62
CA ALA A 376 16.46 -2.87 -25.42
C ALA A 376 15.83 -2.23 -24.18
N SER A 377 15.19 -3.07 -23.37
CA SER A 377 14.50 -2.57 -22.18
C SER A 377 15.50 -2.07 -21.14
N LYS A 378 15.17 -0.92 -20.53
CA LYS A 378 15.94 -0.36 -19.43
C LYS A 378 15.10 -0.47 -18.16
N ALA A 379 15.64 -1.17 -17.16
CA ALA A 379 14.92 -1.38 -15.91
C ALA A 379 14.74 -0.05 -15.19
N LYS A 380 13.53 0.48 -15.21
CA LYS A 380 13.25 1.74 -14.54
C LYS A 380 13.34 1.53 -13.03
N THR A 381 14.34 2.15 -12.41
CA THR A 381 14.47 2.05 -10.96
C THR A 381 13.37 2.85 -10.28
N SER A 382 13.03 2.44 -9.06
CA SER A 382 11.98 3.08 -8.30
C SER A 382 12.51 4.13 -7.33
N ALA A 383 13.79 4.48 -7.42
CA ALA A 383 14.34 5.54 -6.60
C ALA A 383 13.98 6.91 -7.18
N LEU A 384 13.85 7.90 -6.31
CA LEU A 384 13.54 9.25 -6.76
C LEU A 384 14.66 9.77 -7.64
N SER A 385 14.29 10.28 -8.80
CA SER A 385 15.28 10.82 -9.73
C SER A 385 15.42 12.31 -9.52
N LEU A 386 16.57 12.83 -9.95
CA LEU A 386 16.83 14.26 -9.76
C LEU A 386 15.82 15.11 -10.53
N SER A 387 15.23 14.56 -11.58
CA SER A 387 14.19 15.28 -12.29
C SER A 387 12.91 15.38 -11.47
N ASN A 388 12.82 14.67 -10.36
CA ASN A 388 11.61 14.63 -9.56
C ASN A 388 11.60 15.66 -8.44
N VAL A 389 12.77 16.05 -7.94
CA VAL A 389 12.87 17.07 -6.90
C VAL A 389 13.70 18.24 -7.40
N ALA A 390 13.65 18.54 -8.69
CA ALA A 390 14.46 19.62 -9.22
C ALA A 390 13.99 20.98 -8.74
N GLY A 391 12.73 21.10 -8.33
CA GLY A 391 12.22 22.40 -7.93
C GLY A 391 12.95 22.96 -6.73
N VAL A 392 13.23 22.12 -5.73
CA VAL A 392 13.89 22.60 -4.53
C VAL A 392 15.33 22.98 -4.83
N PHE A 393 15.97 22.33 -5.81
CA PHE A 393 17.31 22.73 -6.21
C PHE A 393 17.30 24.08 -6.92
N TYR A 394 16.32 24.31 -7.79
CA TYR A 394 16.19 25.64 -8.39
C TYR A 394 16.00 26.69 -7.31
N ILE A 395 15.14 26.41 -6.34
CA ILE A 395 14.89 27.37 -5.26
C ILE A 395 16.17 27.63 -4.48
N LEU A 396 16.92 26.60 -4.14
CA LEU A 396 18.13 26.80 -3.35
C LEU A 396 19.15 27.65 -4.09
N ALA A 397 19.41 27.34 -5.36
CA ALA A 397 20.39 28.12 -6.09
C ALA A 397 19.93 29.56 -6.27
N GLY A 398 18.63 29.76 -6.49
CA GLY A 398 18.11 31.12 -6.54
C GLY A 398 18.27 31.86 -5.23
N GLY A 399 18.07 31.15 -4.12
CA GLY A 399 18.23 31.77 -2.81
C GLY A 399 19.65 32.20 -2.56
N LEU A 400 20.63 31.38 -2.96
CA LEU A 400 22.01 31.80 -2.80
C LEU A 400 22.34 32.99 -3.69
N GLY A 401 21.82 33.01 -4.92
CA GLY A 401 22.03 34.18 -5.76
C GLY A 401 21.47 35.45 -5.17
N LEU A 402 20.26 35.37 -4.61
CA LEU A 402 19.65 36.53 -3.95
C LEU A 402 20.43 36.94 -2.71
N ALA A 403 20.92 35.97 -1.94
CA ALA A 403 21.71 36.31 -0.76
C ALA A 403 22.97 37.05 -1.15
N MET A 404 23.61 36.63 -2.24
CA MET A 404 24.81 37.34 -2.68
C MET A 404 24.46 38.76 -3.12
N ALA A 405 23.33 38.93 -3.82
CA ALA A 405 22.93 40.28 -4.20
C ALA A 405 22.74 41.17 -2.97
N VAL A 406 22.02 40.67 -1.97
CA VAL A 406 21.74 41.48 -0.77
C VAL A 406 23.03 41.77 -0.02
N ALA A 407 23.93 40.77 0.08
CA ALA A 407 25.18 40.97 0.80
C ALA A 407 26.09 41.94 0.09
N LEU A 408 26.00 42.06 -1.23
CA LEU A 408 26.76 43.13 -1.86
C LEU A 408 26.10 44.48 -1.66
N ILE A 409 24.77 44.53 -1.67
CA ILE A 409 24.10 45.81 -1.45
C ILE A 409 24.45 46.37 -0.09
N GLU A 410 24.49 45.52 0.93
CA GLU A 410 24.82 45.99 2.27
C GLU A 410 26.23 46.57 2.32
N PHE A 411 27.19 45.89 1.70
CA PHE A 411 28.56 46.38 1.74
C PHE A 411 28.73 47.67 0.94
N CYS A 412 28.04 47.80 -0.18
CA CYS A 412 28.09 49.07 -0.89
C CYS A 412 27.36 50.16 -0.12
N TYR A 413 26.43 49.78 0.76
CA TYR A 413 25.76 50.76 1.60
C TYR A 413 26.74 51.44 2.54
N LYS A 414 27.65 50.68 3.14
CA LYS A 414 28.64 51.24 4.06
C LYS A 414 29.92 51.62 3.32
N VAL B 1 -51.15 -22.35 -22.43
CA VAL B 1 -51.59 -21.00 -22.14
C VAL B 1 -50.91 -20.48 -20.88
N VAL B 2 -49.59 -20.32 -20.95
CA VAL B 2 -48.82 -19.87 -19.79
C VAL B 2 -48.96 -18.36 -19.64
N THR B 3 -49.11 -17.91 -18.41
CA THR B 3 -49.11 -16.47 -18.16
C THR B 3 -47.69 -16.02 -17.81
N THR B 4 -47.56 -14.72 -17.55
CA THR B 4 -46.30 -14.13 -17.13
C THR B 4 -46.62 -12.77 -16.52
N ILE B 5 -45.59 -12.02 -16.18
CA ILE B 5 -45.74 -10.68 -15.61
C ILE B 5 -44.71 -9.77 -16.26
N LEU B 6 -44.87 -8.46 -16.05
CA LEU B 6 -44.05 -7.45 -16.71
C LEU B 6 -42.78 -7.10 -15.96
N GLU B 7 -42.46 -7.78 -14.86
CA GLU B 7 -41.30 -7.41 -14.07
C GLU B 7 -40.03 -7.48 -14.90
N SER B 8 -39.19 -6.45 -14.77
CA SER B 8 -38.10 -6.24 -15.73
C SER B 8 -37.13 -7.41 -15.81
N PRO B 9 -36.59 -7.96 -14.71
CA PRO B 9 -35.62 -9.05 -14.86
C PRO B 9 -36.25 -10.40 -15.14
N TYR B 10 -37.57 -10.51 -15.13
CA TYR B 10 -38.23 -11.81 -15.16
C TYR B 10 -38.91 -12.08 -16.50
N VAL B 11 -39.63 -11.10 -17.03
CA VAL B 11 -40.15 -11.13 -18.40
C VAL B 11 -40.06 -9.71 -18.96
N MET B 12 -39.20 -9.50 -19.94
CA MET B 12 -38.97 -8.18 -20.50
C MET B 12 -39.17 -8.18 -22.01
N MET B 13 -39.62 -7.04 -22.52
CA MET B 13 -39.76 -6.84 -23.96
C MET B 13 -38.43 -6.43 -24.57
N LYS B 14 -38.09 -7.04 -25.71
CA LYS B 14 -36.86 -6.70 -26.38
C LYS B 14 -36.88 -5.25 -26.85
N LYS B 15 -35.71 -4.79 -27.28
CA LYS B 15 -35.65 -3.52 -27.99
C LYS B 15 -36.49 -3.61 -29.26
N ASN B 16 -37.29 -2.58 -29.50
CA ASN B 16 -38.25 -2.56 -30.60
C ASN B 16 -39.20 -3.75 -30.50
N HIS B 17 -39.92 -3.82 -29.39
CA HIS B 17 -40.93 -4.86 -29.20
C HIS B 17 -42.04 -4.73 -30.23
N GLU B 18 -42.26 -3.53 -30.76
CA GLU B 18 -43.25 -3.35 -31.82
C GLU B 18 -42.84 -4.12 -33.08
N MET B 19 -41.55 -4.08 -33.41
CA MET B 19 -41.07 -4.81 -34.60
C MET B 19 -41.24 -6.31 -34.42
N LEU B 20 -40.95 -6.83 -33.23
CA LEU B 20 -41.08 -8.25 -32.95
C LEU B 20 -41.73 -8.40 -31.58
N GLU B 21 -42.93 -8.97 -31.55
CA GLU B 21 -43.65 -9.22 -30.31
C GLU B 21 -44.29 -10.59 -30.38
N GLY B 22 -44.28 -11.30 -29.25
CA GLY B 22 -44.91 -12.60 -29.16
C GLY B 22 -44.01 -13.59 -28.47
N ASN B 23 -44.27 -14.87 -28.74
CA ASN B 23 -43.54 -15.94 -28.08
C ASN B 23 -42.05 -15.88 -28.41
N GLU B 24 -41.72 -15.77 -29.70
CA GLU B 24 -40.33 -15.79 -30.12
C GLU B 24 -39.61 -14.48 -29.85
N ARG B 25 -40.32 -13.44 -29.40
CA ARG B 25 -39.70 -12.15 -29.13
C ARG B 25 -39.47 -11.92 -27.64
N TYR B 26 -40.44 -12.25 -26.78
CA TYR B 26 -40.34 -11.94 -25.36
C TYR B 26 -39.05 -12.50 -24.76
N GLU B 27 -38.48 -11.74 -23.83
CA GLU B 27 -37.30 -12.14 -23.10
C GLU B 27 -37.56 -12.02 -21.60
N GLY B 28 -36.76 -12.72 -20.83
CA GLY B 28 -36.88 -12.64 -19.39
C GLY B 28 -36.52 -13.98 -18.76
N TYR B 29 -36.30 -13.94 -17.45
CA TYR B 29 -35.91 -15.14 -16.74
C TYR B 29 -37.00 -16.19 -16.81
N CYS B 30 -38.26 -15.77 -16.61
CA CYS B 30 -39.36 -16.72 -16.71
C CYS B 30 -39.50 -17.26 -18.12
N VAL B 31 -39.19 -16.46 -19.14
CA VAL B 31 -39.28 -16.93 -20.52
C VAL B 31 -38.32 -18.10 -20.74
N ASP B 32 -37.07 -17.93 -20.34
CA ASP B 32 -36.10 -18.99 -20.55
C ASP B 32 -36.42 -20.19 -19.67
N LEU B 33 -36.96 -19.95 -18.47
CA LEU B 33 -37.41 -21.06 -17.64
C LEU B 33 -38.51 -21.86 -18.35
N ALA B 34 -39.46 -21.17 -18.96
CA ALA B 34 -40.52 -21.87 -19.68
C ALA B 34 -39.94 -22.68 -20.83
N ALA B 35 -38.98 -22.10 -21.54
CA ALA B 35 -38.35 -22.82 -22.64
C ALA B 35 -37.67 -24.09 -22.15
N GLU B 36 -37.00 -24.02 -21.00
CA GLU B 36 -36.33 -25.21 -20.51
C GLU B 36 -37.32 -26.25 -20.00
N ILE B 37 -38.44 -25.81 -19.41
CA ILE B 37 -39.49 -26.76 -19.05
C ILE B 37 -40.01 -27.47 -20.29
N ALA B 38 -40.16 -26.73 -21.39
CA ALA B 38 -40.56 -27.36 -22.65
C ALA B 38 -39.52 -28.38 -23.10
N LYS B 39 -38.24 -28.04 -22.98
CA LYS B 39 -37.19 -28.98 -23.33
C LYS B 39 -37.27 -30.24 -22.48
N HIS B 40 -37.68 -30.11 -21.22
CA HIS B 40 -37.91 -31.28 -20.38
C HIS B 40 -39.33 -31.82 -20.47
N CYS B 41 -40.31 -30.99 -20.80
CA CYS B 41 -41.70 -31.43 -20.96
C CYS B 41 -42.25 -30.77 -22.21
N GLY B 42 -42.13 -31.47 -23.34
CA GLY B 42 -42.59 -30.92 -24.60
C GLY B 42 -44.10 -30.73 -24.59
N PHE B 43 -44.54 -29.49 -24.80
CA PHE B 43 -45.96 -29.19 -24.79
C PHE B 43 -46.21 -27.97 -25.66
N LYS B 44 -47.47 -27.82 -26.08
CA LYS B 44 -47.89 -26.71 -26.94
C LYS B 44 -48.38 -25.58 -26.04
N TYR B 45 -47.49 -24.68 -25.69
CA TYR B 45 -47.83 -23.50 -24.90
C TYR B 45 -47.67 -22.25 -25.75
N LYS B 46 -48.63 -21.35 -25.65
CA LYS B 46 -48.57 -20.05 -26.28
C LYS B 46 -48.50 -19.01 -25.18
N LEU B 47 -47.47 -18.17 -25.22
CA LEU B 47 -47.20 -17.26 -24.11
C LEU B 47 -48.17 -16.10 -24.15
N THR B 48 -48.96 -15.95 -23.09
CA THR B 48 -49.91 -14.85 -22.96
C THR B 48 -49.64 -14.10 -21.67
N ILE B 49 -49.47 -12.78 -21.77
CA ILE B 49 -49.25 -11.98 -20.59
C ILE B 49 -50.54 -11.93 -19.77
N VAL B 50 -50.38 -11.75 -18.45
CA VAL B 50 -51.55 -11.60 -17.59
C VAL B 50 -52.33 -10.37 -18.01
N GLY B 51 -53.65 -10.53 -18.10
CA GLY B 51 -54.49 -9.41 -18.49
C GLY B 51 -54.51 -8.30 -17.47
N ASP B 52 -54.65 -8.64 -16.19
CA ASP B 52 -54.80 -7.61 -15.17
C ASP B 52 -53.47 -6.94 -14.84
N GLY B 53 -52.36 -7.64 -15.02
CA GLY B 53 -51.06 -7.07 -14.76
C GLY B 53 -50.55 -7.24 -13.34
N LYS B 54 -51.27 -7.97 -12.50
CA LYS B 54 -50.86 -8.15 -11.11
C LYS B 54 -51.12 -9.59 -10.70
N TYR B 55 -50.72 -9.92 -9.48
CA TYR B 55 -50.83 -11.27 -8.97
C TYR B 55 -52.15 -11.44 -8.22
N GLY B 56 -52.42 -12.67 -7.80
CA GLY B 56 -53.74 -12.97 -7.26
C GLY B 56 -54.02 -12.27 -5.96
N ALA B 57 -55.30 -12.03 -5.70
CA ALA B 57 -55.83 -11.57 -4.43
C ALA B 57 -57.35 -11.58 -4.53
N ARG B 58 -58.00 -12.03 -3.48
CA ARG B 58 -59.46 -12.19 -3.48
C ARG B 58 -60.09 -11.04 -2.70
N ASP B 59 -60.95 -10.29 -3.37
CA ASP B 59 -61.72 -9.26 -2.67
C ASP B 59 -62.70 -9.91 -1.73
N ALA B 60 -62.85 -9.33 -0.54
CA ALA B 60 -63.65 -9.96 0.51
C ALA B 60 -65.10 -10.15 0.09
N ASP B 61 -65.74 -9.07 -0.38
CA ASP B 61 -67.11 -9.19 -0.84
C ASP B 61 -67.19 -9.88 -2.19
N THR B 62 -66.31 -9.50 -3.13
CA THR B 62 -66.37 -10.06 -4.47
C THR B 62 -66.04 -11.55 -4.47
N LYS B 63 -65.06 -11.96 -3.66
CA LYS B 63 -64.65 -13.35 -3.56
C LYS B 63 -64.29 -13.91 -4.93
N ILE B 64 -63.47 -13.17 -5.66
CA ILE B 64 -62.96 -13.60 -6.95
C ILE B 64 -61.46 -13.35 -7.01
N TRP B 65 -60.77 -14.22 -7.73
CA TRP B 65 -59.34 -14.07 -7.94
C TRP B 65 -59.07 -13.28 -9.21
N ASN B 66 -57.83 -12.84 -9.36
CA ASN B 66 -57.50 -11.98 -10.48
C ASN B 66 -56.02 -12.07 -10.78
N GLY B 67 -55.65 -11.65 -11.97
CA GLY B 67 -54.27 -11.79 -12.38
C GLY B 67 -53.93 -13.24 -12.62
N MET B 68 -52.83 -13.69 -12.01
CA MET B 68 -52.35 -15.05 -12.23
C MET B 68 -53.12 -16.10 -11.45
N VAL B 69 -53.88 -15.72 -10.45
CA VAL B 69 -54.77 -16.68 -9.81
C VAL B 69 -56.12 -16.71 -10.51
N GLY B 70 -56.67 -15.55 -10.86
CA GLY B 70 -57.91 -15.52 -11.61
C GLY B 70 -57.80 -16.17 -12.97
N GLU B 71 -56.64 -16.05 -13.62
CA GLU B 71 -56.44 -16.67 -14.93
C GLU B 71 -56.21 -18.16 -14.84
N LEU B 72 -56.03 -18.72 -13.64
CA LEU B 72 -55.76 -20.14 -13.46
C LEU B 72 -56.88 -20.90 -12.80
N VAL B 73 -57.52 -20.33 -11.78
CA VAL B 73 -58.65 -21.02 -11.15
C VAL B 73 -59.82 -21.11 -12.11
N TYR B 74 -60.01 -20.10 -12.96
CA TYR B 74 -61.12 -20.03 -13.89
C TYR B 74 -60.79 -20.61 -15.26
N GLY B 75 -59.75 -21.43 -15.36
CA GLY B 75 -59.45 -22.14 -16.58
C GLY B 75 -59.12 -21.23 -17.74
N LYS B 76 -58.89 -19.95 -17.46
CA LYS B 76 -58.57 -19.02 -18.53
C LYS B 76 -57.15 -19.20 -19.04
N ALA B 77 -56.29 -19.92 -18.31
CA ALA B 77 -54.92 -20.15 -18.72
C ALA B 77 -54.44 -21.48 -18.15
N ASP B 78 -53.37 -22.00 -18.74
CA ASP B 78 -52.88 -23.32 -18.35
C ASP B 78 -52.11 -23.27 -17.04
N ILE B 79 -50.98 -22.57 -17.02
CA ILE B 79 -50.12 -22.45 -15.84
C ILE B 79 -49.62 -21.01 -15.76
N ALA B 80 -48.77 -20.74 -14.76
CA ALA B 80 -48.24 -19.40 -14.53
C ALA B 80 -46.75 -19.50 -14.22
N ILE B 81 -45.91 -19.38 -15.24
CA ILE B 81 -44.44 -19.47 -15.06
C ILE B 81 -43.96 -18.07 -14.72
N ALA B 82 -44.07 -17.74 -13.44
CA ALA B 82 -43.77 -16.38 -13.00
C ALA B 82 -43.60 -16.31 -11.48
N PRO B 83 -43.04 -15.24 -10.93
CA PRO B 83 -42.82 -15.20 -9.49
C PRO B 83 -44.11 -15.13 -8.68
N LEU B 84 -44.49 -16.24 -8.08
CA LEU B 84 -45.60 -16.29 -7.14
C LEU B 84 -45.01 -16.51 -5.75
N THR B 85 -45.24 -15.58 -4.84
CA THR B 85 -44.85 -15.81 -3.46
C THR B 85 -45.78 -16.86 -2.90
N ILE B 86 -45.33 -18.12 -2.92
CA ILE B 86 -46.23 -19.22 -2.59
C ILE B 86 -46.69 -19.05 -1.16
N THR B 87 -47.99 -19.20 -0.94
CA THR B 87 -48.55 -18.90 0.36
C THR B 87 -49.82 -19.70 0.56
N LEU B 88 -50.43 -19.53 1.73
CA LEU B 88 -51.50 -20.42 2.14
C LEU B 88 -52.75 -20.27 1.27
N VAL B 89 -53.22 -19.03 1.10
CA VAL B 89 -54.46 -18.82 0.38
C VAL B 89 -54.29 -19.14 -1.10
N ARG B 90 -53.12 -18.88 -1.66
CA ARG B 90 -52.88 -19.23 -3.05
C ARG B 90 -52.72 -20.73 -3.23
N GLU B 91 -52.11 -21.41 -2.27
CA GLU B 91 -52.00 -22.86 -2.37
C GLU B 91 -53.33 -23.55 -2.17
N GLU B 92 -54.26 -22.94 -1.43
CA GLU B 92 -55.58 -23.56 -1.32
C GLU B 92 -56.37 -23.52 -2.61
N VAL B 93 -55.93 -22.78 -3.62
CA VAL B 93 -56.66 -22.65 -4.87
C VAL B 93 -55.86 -23.07 -6.08
N ILE B 94 -54.54 -23.17 -5.96
CA ILE B 94 -53.69 -23.64 -7.04
C ILE B 94 -52.82 -24.77 -6.51
N ASP B 95 -52.21 -25.52 -7.41
CA ASP B 95 -51.22 -26.53 -7.05
C ASP B 95 -49.85 -25.97 -7.37
N PHE B 96 -49.02 -25.80 -6.33
CA PHE B 96 -47.76 -25.08 -6.43
C PHE B 96 -46.60 -26.04 -6.62
N SER B 97 -45.66 -25.65 -7.47
CA SER B 97 -44.42 -26.38 -7.64
C SER B 97 -43.58 -26.34 -6.38
N LYS B 98 -42.53 -27.13 -6.37
CA LYS B 98 -41.49 -26.92 -5.38
C LYS B 98 -40.79 -25.60 -5.69
N PRO B 99 -40.53 -24.77 -4.68
CA PRO B 99 -39.96 -23.45 -4.93
C PRO B 99 -38.71 -23.50 -5.79
N PHE B 100 -38.76 -22.85 -6.94
CA PHE B 100 -37.61 -22.78 -7.81
C PHE B 100 -36.68 -21.64 -7.48
N MET B 101 -37.00 -20.83 -6.47
CA MET B 101 -36.08 -19.82 -5.97
C MET B 101 -36.58 -19.33 -4.62
N SER B 102 -35.68 -19.28 -3.64
CA SER B 102 -35.98 -18.85 -2.29
C SER B 102 -35.37 -17.49 -2.03
N LEU B 103 -36.00 -16.71 -1.16
CA LEU B 103 -35.60 -15.31 -0.98
C LEU B 103 -36.05 -14.83 0.40
N GLY B 104 -36.03 -13.52 0.61
CA GLY B 104 -36.39 -12.95 1.90
C GLY B 104 -36.50 -11.45 1.79
N ILE B 105 -36.72 -10.82 2.95
CA ILE B 105 -36.89 -9.37 3.03
C ILE B 105 -35.52 -8.77 3.30
N SER B 106 -34.83 -8.41 2.23
CA SER B 106 -33.48 -7.87 2.35
C SER B 106 -33.50 -6.47 2.92
N ILE B 107 -32.31 -5.90 3.10
CA ILE B 107 -32.13 -4.53 3.57
C ILE B 107 -31.30 -3.78 2.54
N MET B 108 -31.79 -2.62 2.12
CA MET B 108 -31.15 -1.87 1.06
C MET B 108 -30.67 -0.55 1.61
N ILE B 109 -29.37 -0.28 1.48
CA ILE B 109 -28.79 0.99 1.90
C ILE B 109 -27.92 1.53 0.78
N LYS B 110 -27.68 2.84 0.82
CA LYS B 110 -26.83 3.47 -0.17
C LYS B 110 -25.38 3.05 0.04
N LYS B 111 -24.67 2.85 -1.07
CA LYS B 111 -23.29 2.41 -0.99
C LYS B 111 -22.46 3.45 -0.25
N PRO B 112 -21.70 3.07 0.76
CA PRO B 112 -20.98 4.07 1.56
C PRO B 112 -19.82 4.66 0.79
N GLN B 113 -19.83 5.97 0.60
CA GLN B 113 -18.73 6.69 -0.02
C GLN B 113 -18.03 7.52 1.04
N LYS B 114 -16.80 7.95 0.72
CA LYS B 114 -16.02 8.73 1.67
C LYS B 114 -16.73 10.03 1.99
N SER B 115 -16.79 10.35 3.29
CA SER B 115 -17.50 11.54 3.73
C SER B 115 -16.64 12.78 3.53
N LYS B 116 -17.26 13.93 3.72
CA LYS B 116 -16.50 15.16 3.76
C LYS B 116 -15.66 15.19 5.02
N PRO B 117 -14.35 15.37 4.93
CA PRO B 117 -13.50 15.30 6.12
C PRO B 117 -13.76 16.46 7.07
N GLY B 118 -14.27 16.16 8.26
CA GLY B 118 -14.62 17.20 9.18
C GLY B 118 -13.41 17.88 9.76
N VAL B 119 -13.66 19.01 10.43
CA VAL B 119 -12.58 19.64 11.17
C VAL B 119 -12.19 18.74 12.33
N PHE B 120 -11.03 19.03 12.91
CA PHE B 120 -10.47 18.21 13.99
C PHE B 120 -10.26 16.78 13.52
N SER B 121 -10.03 16.60 12.23
CA SER B 121 -9.69 15.29 11.71
C SER B 121 -8.21 15.00 11.80
N PHE B 122 -7.39 16.01 12.05
CA PHE B 122 -5.94 15.80 12.09
C PHE B 122 -5.54 14.86 13.22
N LEU B 123 -6.40 14.68 14.21
CA LEU B 123 -6.12 13.81 15.34
C LEU B 123 -6.82 12.46 15.22
N ASP B 124 -7.12 12.04 14.01
CA ASP B 124 -7.65 10.71 13.74
C ASP B 124 -6.60 9.60 13.85
N PRO B 125 -5.36 9.79 13.36
CA PRO B 125 -4.39 8.69 13.39
C PRO B 125 -4.09 8.14 14.77
N LEU B 126 -4.46 8.83 15.84
CA LEU B 126 -4.27 8.33 17.19
C LEU B 126 -5.59 8.36 17.93
N ALA B 127 -5.86 7.31 18.70
CA ALA B 127 -7.12 7.23 19.41
C ALA B 127 -7.23 8.33 20.46
N TYR B 128 -8.46 8.58 20.89
CA TYR B 128 -8.71 9.63 21.88
C TYR B 128 -7.97 9.35 23.18
N GLU B 129 -7.97 8.09 23.62
CA GLU B 129 -7.29 7.76 24.86
C GLU B 129 -5.81 8.09 24.79
N ILE B 130 -5.19 7.88 23.62
CA ILE B 130 -3.78 8.21 23.49
C ILE B 130 -3.56 9.71 23.58
N TRP B 131 -4.44 10.51 23.00
CA TRP B 131 -4.27 11.96 23.11
C TRP B 131 -4.39 12.41 24.55
N MET B 132 -5.37 11.87 25.28
CA MET B 132 -5.49 12.27 26.68
C MET B 132 -4.26 11.84 27.47
N CYS B 133 -3.77 10.63 27.23
CA CYS B 133 -2.58 10.17 27.92
C CYS B 133 -1.37 11.03 27.58
N ILE B 134 -1.29 11.52 26.34
CA ILE B 134 -0.18 12.41 25.97
C ILE B 134 -0.25 13.70 26.76
N VAL B 135 -1.45 14.29 26.85
CA VAL B 135 -1.58 15.55 27.58
C VAL B 135 -1.15 15.37 29.03
N PHE B 136 -1.66 14.32 29.67
CA PHE B 136 -1.35 14.18 31.10
C PHE B 136 0.05 13.66 31.33
N ALA B 137 0.65 12.98 30.36
CA ALA B 137 2.05 12.62 30.48
C ALA B 137 2.93 13.85 30.39
N TYR B 138 2.61 14.79 29.51
CA TYR B 138 3.37 16.03 29.45
C TYR B 138 3.28 16.79 30.76
N ILE B 139 2.05 16.91 31.30
CA ILE B 139 1.90 17.61 32.57
C ILE B 139 2.50 16.85 33.74
N GLY B 140 2.68 15.54 33.63
CA GLY B 140 3.35 14.81 34.68
C GLY B 140 4.86 14.93 34.62
N VAL B 141 5.39 14.87 33.39
CA VAL B 141 6.84 14.99 33.21
C VAL B 141 7.32 16.37 33.62
N SER B 142 6.58 17.42 33.26
CA SER B 142 7.01 18.75 33.63
C SER B 142 7.05 18.95 35.13
N VAL B 143 6.03 18.49 35.85
CA VAL B 143 6.03 18.68 37.29
C VAL B 143 7.11 17.84 37.96
N VAL B 144 7.36 16.63 37.44
CA VAL B 144 8.42 15.82 38.03
C VAL B 144 9.78 16.47 37.78
N LEU B 145 10.00 17.02 36.59
CA LEU B 145 11.26 17.69 36.32
C LEU B 145 11.45 18.89 37.21
N PHE B 146 10.36 19.62 37.48
CA PHE B 146 10.42 20.72 38.42
C PHE B 146 10.82 20.25 39.82
N LEU B 147 10.15 19.20 40.31
CA LEU B 147 10.44 18.72 41.65
C LEU B 147 11.88 18.25 41.77
N VAL B 148 12.37 17.56 40.73
CA VAL B 148 13.73 17.07 40.75
C VAL B 148 14.72 18.22 40.77
N SER B 149 14.53 19.21 39.89
CA SER B 149 15.45 20.34 39.87
C SER B 149 15.33 21.22 41.10
N ARG B 150 14.30 21.04 41.92
CA ARG B 150 14.20 21.82 43.15
C ARG B 150 14.39 20.97 44.41
N PHE B 151 14.73 19.69 44.30
CA PHE B 151 15.34 18.98 45.42
C PHE B 151 16.78 19.45 45.59
N SER B 152 17.62 19.16 44.60
CA SER B 152 19.02 19.60 44.59
C SER B 152 19.14 21.09 44.32
N ASN B 174 20.53 25.91 38.30
CA ASN B 174 19.47 25.48 37.40
C ASN B 174 18.15 26.11 37.81
N GLU B 175 17.43 26.66 36.83
CA GLU B 175 16.22 27.43 37.11
C GLU B 175 14.99 26.53 37.10
N PHE B 176 14.62 26.02 35.93
CA PHE B 176 13.63 24.98 35.75
C PHE B 176 12.46 25.05 36.73
N GLY B 177 11.98 26.26 36.99
CA GLY B 177 10.72 26.41 37.69
C GLY B 177 9.59 25.81 36.88
N ILE B 178 8.39 25.83 37.45
CA ILE B 178 7.29 25.15 36.79
C ILE B 178 7.02 25.77 35.42
N PHE B 179 7.03 27.09 35.35
CA PHE B 179 6.71 27.76 34.10
C PHE B 179 7.77 27.48 33.04
N ASN B 180 9.02 27.34 33.45
CA ASN B 180 10.11 27.09 32.52
C ASN B 180 10.24 25.61 32.19
N SER B 181 9.94 24.74 33.14
CA SER B 181 9.93 23.31 32.87
C SER B 181 8.82 22.91 31.92
N LEU B 182 7.65 23.53 32.01
CA LEU B 182 6.59 23.25 31.05
C LEU B 182 7.00 23.63 29.64
N TRP B 183 7.67 24.78 29.50
CA TRP B 183 8.18 25.20 28.20
C TRP B 183 9.23 24.24 27.67
N PHE B 184 10.13 23.76 28.54
CA PHE B 184 11.12 22.81 28.06
C PHE B 184 10.47 21.52 27.57
N SER B 185 9.51 20.99 28.33
CA SER B 185 8.85 19.75 27.92
C SER B 185 8.10 19.94 26.60
N LEU B 186 7.35 21.04 26.47
CA LEU B 186 6.62 21.29 25.24
C LEU B 186 7.57 21.48 24.08
N GLY B 187 8.70 22.15 24.30
CA GLY B 187 9.67 22.30 23.23
C GLY B 187 10.23 20.96 22.79
N ALA B 188 10.51 20.08 23.74
CA ALA B 188 11.06 18.77 23.41
C ALA B 188 10.05 17.89 22.68
N PHE B 189 8.76 18.04 22.98
CA PHE B 189 7.77 17.23 22.28
C PHE B 189 7.62 17.66 20.83
N MET B 190 7.54 18.96 20.57
CA MET B 190 7.31 19.45 19.22
C MET B 190 8.56 19.46 18.38
N ARG B 191 9.59 18.71 18.77
CA ARG B 191 10.81 18.54 18.00
C ARG B 191 11.59 19.84 17.81
N GLN B 192 11.09 20.95 18.33
CA GLN B 192 11.82 22.20 18.25
C GLN B 192 12.88 22.24 19.33
N GLY B 193 14.04 22.80 18.99
CA GLY B 193 15.20 22.76 19.86
C GLY B 193 14.96 23.32 21.24
N CYS B 194 15.50 22.66 22.27
CA CYS B 194 15.32 23.11 23.64
C CYS B 194 16.20 24.30 23.95
N ASP B 195 15.67 25.24 24.72
CA ASP B 195 16.43 26.43 25.11
C ASP B 195 17.56 26.07 26.07
N ILE B 196 17.25 25.26 27.08
CA ILE B 196 18.20 24.86 28.12
C ILE B 196 18.11 23.35 28.29
N SER B 197 19.10 22.79 28.98
CA SER B 197 19.15 21.36 29.20
C SER B 197 19.47 21.08 30.65
N PRO B 198 18.94 20.00 31.22
CA PRO B 198 19.22 19.70 32.62
C PRO B 198 20.69 19.35 32.84
N ARG B 199 21.21 19.72 34.00
CA ARG B 199 22.60 19.44 34.32
C ARG B 199 22.79 18.33 35.33
N SER B 200 21.84 18.12 36.23
CA SER B 200 22.00 17.08 37.24
C SER B 200 21.82 15.72 36.60
N LEU B 201 21.94 14.67 37.41
CA LEU B 201 21.67 13.33 36.88
C LEU B 201 20.18 13.06 36.86
N SER B 202 19.51 13.28 37.97
CA SER B 202 18.08 13.00 38.03
C SER B 202 17.29 13.95 37.14
N GLY B 203 17.80 15.14 36.87
CA GLY B 203 17.16 15.97 35.89
C GLY B 203 17.40 15.52 34.48
N ARG B 204 18.42 14.69 34.26
CA ARG B 204 18.75 14.22 32.93
C ARG B 204 18.05 12.93 32.57
N ILE B 205 17.77 12.08 33.56
CA ILE B 205 16.99 10.87 33.30
C ILE B 205 15.61 11.22 32.77
N VAL B 206 14.96 12.22 33.38
CA VAL B 206 13.64 12.65 32.91
C VAL B 206 13.72 13.16 31.49
N GLY B 207 14.72 13.98 31.19
CA GLY B 207 14.88 14.47 29.83
C GLY B 207 15.05 13.35 28.84
N GLY B 208 15.88 12.36 29.15
CA GLY B 208 16.11 11.27 28.22
C GLY B 208 14.86 10.45 27.98
N VAL B 209 14.13 10.14 29.04
CA VAL B 209 12.90 9.36 28.90
C VAL B 209 11.87 10.10 28.07
N TRP B 210 11.69 11.40 28.34
CA TRP B 210 10.70 12.16 27.58
C TRP B 210 11.12 12.31 26.12
N TRP B 211 12.41 12.39 25.85
CA TRP B 211 12.87 12.42 24.46
C TRP B 211 12.52 11.12 23.75
N PHE B 212 12.79 9.99 24.38
CA PHE B 212 12.44 8.72 23.75
C PHE B 212 10.94 8.63 23.49
N PHE B 213 10.15 8.98 24.50
CA PHE B 213 8.70 8.89 24.38
C PHE B 213 8.20 9.75 23.22
N THR B 214 8.64 11.00 23.15
CA THR B 214 8.16 11.86 22.08
C THR B 214 8.62 11.38 20.71
N LEU B 215 9.81 10.81 20.60
CA LEU B 215 10.24 10.28 19.30
C LEU B 215 9.32 9.17 18.85
N ILE B 216 9.02 8.23 19.74
CA ILE B 216 8.16 7.11 19.37
C ILE B 216 6.76 7.60 19.00
N ILE B 217 6.21 8.53 19.78
CA ILE B 217 4.85 8.97 19.52
C ILE B 217 4.75 9.70 18.18
N ILE B 218 5.69 10.58 17.88
CA ILE B 218 5.61 11.29 16.61
C ILE B 218 5.80 10.32 15.43
N SER B 219 6.70 9.35 15.57
CA SER B 219 6.84 8.37 14.50
C SER B 219 5.56 7.58 14.31
N SER B 220 4.90 7.21 15.40
CA SER B 220 3.64 6.47 15.30
C SER B 220 2.57 7.29 14.61
N TYR B 221 2.45 8.57 14.96
CA TYR B 221 1.44 9.42 14.33
C TYR B 221 1.68 9.54 12.84
N THR B 222 2.92 9.83 12.44
CA THR B 222 3.20 9.98 11.01
C THR B 222 2.93 8.69 10.26
N ALA B 223 3.37 7.55 10.81
CA ALA B 223 3.19 6.28 10.10
C ALA B 223 1.72 5.93 9.97
N ASN B 224 0.94 6.07 11.04
CA ASN B 224 -0.46 5.70 10.95
C ASN B 224 -1.21 6.65 10.02
N LEU B 225 -0.86 7.93 10.00
CA LEU B 225 -1.49 8.82 9.04
C LEU B 225 -1.17 8.41 7.62
N ALA B 226 0.06 7.98 7.37
CA ALA B 226 0.40 7.51 6.03
C ALA B 226 -0.43 6.29 5.67
N ALA B 227 -0.66 5.40 6.64
CA ALA B 227 -1.53 4.27 6.38
C ALA B 227 -2.94 4.72 6.05
N PHE B 228 -3.46 5.71 6.78
CA PHE B 228 -4.81 6.21 6.50
C PHE B 228 -4.91 6.73 5.08
N LEU B 229 -3.90 7.47 4.63
CA LEU B 229 -3.97 8.07 3.31
C LEU B 229 -3.73 7.07 2.19
N THR B 230 -2.93 6.04 2.44
CA THR B 230 -2.53 5.14 1.36
C THR B 230 -3.69 4.24 0.94
N VAL B 231 -4.15 3.39 1.85
CA VAL B 231 -5.24 2.46 1.57
C VAL B 231 -6.42 2.83 2.44
N GLU B 232 -7.59 2.96 1.81
CA GLU B 232 -8.79 3.40 2.50
C GLU B 232 -9.74 2.23 2.63
N ARG B 233 -10.37 2.12 3.79
CA ARG B 233 -11.36 1.09 4.08
C ARG B 233 -12.69 1.75 4.34
N MET B 234 -13.72 1.27 3.66
CA MET B 234 -15.08 1.76 3.87
C MET B 234 -15.89 0.69 4.58
N VAL B 235 -16.55 1.09 5.66
CA VAL B 235 -17.36 0.18 6.47
C VAL B 235 -18.82 0.57 6.33
N SER B 236 -19.68 -0.44 6.19
CA SER B 236 -21.11 -0.18 6.13
C SER B 236 -21.59 0.30 7.49
N PRO B 237 -22.33 1.40 7.55
CA PRO B 237 -22.80 1.90 8.84
C PRO B 237 -23.68 0.90 9.57
N ILE B 238 -24.44 0.09 8.84
CA ILE B 238 -25.35 -0.88 9.42
C ILE B 238 -25.07 -2.25 8.82
N GLU B 239 -25.12 -3.28 9.64
CA GLU B 239 -24.77 -4.63 9.21
C GLU B 239 -26.00 -5.53 9.08
N SER B 240 -26.81 -5.62 10.12
CA SER B 240 -27.97 -6.50 10.13
C SER B 240 -29.18 -5.74 10.67
N ALA B 241 -30.33 -6.41 10.67
CA ALA B 241 -31.56 -5.75 11.08
C ALA B 241 -31.62 -5.54 12.59
N GLU B 242 -31.00 -6.41 13.37
CA GLU B 242 -30.97 -6.20 14.82
C GLU B 242 -30.24 -4.91 15.16
N ASP B 243 -29.07 -4.71 14.57
CA ASP B 243 -28.34 -3.47 14.79
C ASP B 243 -29.08 -2.28 14.20
N LEU B 244 -29.85 -2.50 13.14
CA LEU B 244 -30.63 -1.40 12.58
C LEU B 244 -31.73 -0.98 13.54
N SER B 245 -32.37 -1.93 14.21
CA SER B 245 -33.33 -1.58 15.24
C SER B 245 -32.66 -0.89 16.41
N LYS B 246 -31.48 -1.37 16.82
CA LYS B 246 -30.79 -0.76 17.96
C LYS B 246 -30.39 0.69 17.66
N GLN B 247 -29.90 0.95 16.45
CA GLN B 247 -29.40 2.29 16.13
C GLN B 247 -30.51 3.33 16.20
N THR B 248 -31.49 3.22 15.31
CA THR B 248 -32.63 4.13 15.24
C THR B 248 -32.24 5.56 14.87
N GLU B 249 -30.94 5.78 14.61
CA GLU B 249 -30.52 7.06 14.06
C GLU B 249 -30.83 7.15 12.57
N ILE B 250 -30.79 6.01 11.87
CA ILE B 250 -31.14 5.94 10.47
C ILE B 250 -32.60 5.53 10.35
N ALA B 251 -33.36 6.26 9.56
CA ALA B 251 -34.77 5.96 9.35
C ALA B 251 -34.90 4.96 8.21
N TYR B 252 -35.63 3.87 8.47
CA TYR B 252 -35.79 2.78 7.53
C TYR B 252 -37.27 2.59 7.21
N GLY B 253 -37.59 2.50 5.93
CA GLY B 253 -38.97 2.45 5.50
C GLY B 253 -39.22 1.35 4.48
N THR B 254 -40.46 0.89 4.46
CA THR B 254 -40.91 -0.16 3.57
C THR B 254 -41.68 0.42 2.39
N LEU B 255 -42.31 -0.44 1.61
CA LEU B 255 -43.36 -0.01 0.71
C LEU B 255 -44.64 0.19 1.51
N ASP B 256 -45.60 0.90 0.93
CA ASP B 256 -46.81 1.28 1.67
C ASP B 256 -47.59 0.06 2.13
N SER B 257 -48.14 -0.69 1.18
CA SER B 257 -49.00 -1.82 1.48
C SER B 257 -48.60 -3.02 0.65
N GLY B 258 -48.38 -4.14 1.32
CA GLY B 258 -47.97 -5.35 0.63
C GLY B 258 -47.45 -6.36 1.63
N SER B 259 -46.95 -7.48 1.08
CA SER B 259 -46.41 -8.53 1.93
C SER B 259 -45.24 -8.01 2.76
N THR B 260 -44.33 -7.30 2.12
CA THR B 260 -43.18 -6.72 2.83
C THR B 260 -43.61 -5.67 3.84
N LYS B 261 -44.84 -5.18 3.75
CA LYS B 261 -45.38 -4.27 4.75
C LYS B 261 -46.23 -4.98 5.78
N GLU B 262 -47.16 -5.83 5.33
CA GLU B 262 -48.05 -6.52 6.25
C GLU B 262 -47.31 -7.52 7.12
N PHE B 263 -46.12 -7.94 6.71
CA PHE B 263 -45.34 -8.86 7.51
C PHE B 263 -45.01 -8.29 8.88
N PHE B 264 -44.60 -7.02 8.92
CA PHE B 264 -44.14 -6.43 10.18
C PHE B 264 -45.28 -6.24 11.16
N ARG B 265 -46.51 -6.06 10.66
CA ARG B 265 -47.65 -5.92 11.54
C ARG B 265 -47.96 -7.24 12.23
N ARG B 266 -47.99 -8.34 11.47
CA ARG B 266 -48.31 -9.66 12.00
C ARG B 266 -47.07 -10.40 12.49
N SER B 267 -46.05 -9.68 12.94
CA SER B 267 -44.82 -10.27 13.42
C SER B 267 -44.72 -10.11 14.92
N LYS B 268 -44.32 -11.18 15.61
CA LYS B 268 -44.19 -11.17 17.05
C LYS B 268 -42.76 -11.37 17.53
N ILE B 269 -41.79 -11.51 16.63
CA ILE B 269 -40.40 -11.62 17.05
C ILE B 269 -39.97 -10.30 17.69
N ALA B 270 -39.07 -10.38 18.66
CA ALA B 270 -38.72 -9.22 19.47
C ALA B 270 -38.22 -8.06 18.61
N VAL B 271 -37.23 -8.32 17.75
CA VAL B 271 -36.63 -7.25 16.97
C VAL B 271 -37.64 -6.67 15.99
N PHE B 272 -38.42 -7.54 15.34
CA PHE B 272 -39.29 -7.08 14.26
C PHE B 272 -40.42 -6.23 14.81
N ASP B 273 -40.91 -6.54 16.01
CA ASP B 273 -41.95 -5.70 16.59
C ASP B 273 -41.42 -4.31 16.87
N LYS B 274 -40.16 -4.20 17.30
CA LYS B 274 -39.55 -2.88 17.46
C LYS B 274 -39.44 -2.17 16.13
N MET B 275 -38.96 -2.87 15.10
CA MET B 275 -38.79 -2.24 13.79
C MET B 275 -40.13 -1.85 13.18
N TRP B 276 -41.23 -2.43 13.64
CA TRP B 276 -42.54 -1.99 13.19
C TRP B 276 -43.06 -0.82 14.01
N THR B 277 -43.07 -0.97 15.34
CA THR B 277 -43.60 0.08 16.20
C THR B 277 -42.79 1.36 16.08
N TYR B 278 -41.56 1.28 15.60
CA TYR B 278 -40.85 2.48 15.19
C TYR B 278 -41.54 3.12 13.99
N MET B 279 -41.47 2.44 12.85
CA MET B 279 -42.03 3.00 11.63
C MET B 279 -43.53 3.15 11.69
N ARG B 280 -44.20 2.48 12.64
CA ARG B 280 -45.64 2.70 12.79
C ARG B 280 -45.94 4.14 13.17
N SER B 281 -45.14 4.71 14.07
CA SER B 281 -45.32 6.08 14.55
C SER B 281 -44.00 6.83 14.36
N ALA B 282 -43.83 7.44 13.20
CA ALA B 282 -42.65 8.23 12.91
C ALA B 282 -42.97 9.21 11.80
N GLU B 283 -42.41 10.41 11.89
CA GLU B 283 -42.65 11.45 10.91
C GLU B 283 -41.33 11.93 10.32
N PRO B 284 -41.28 12.18 8.99
CA PRO B 284 -42.40 12.05 8.06
C PRO B 284 -42.69 10.62 7.63
N SER B 285 -43.44 10.49 6.55
CA SER B 285 -43.85 9.17 6.07
C SER B 285 -42.65 8.43 5.48
N VAL B 286 -42.13 7.45 6.22
CA VAL B 286 -41.10 6.58 5.68
C VAL B 286 -41.66 5.66 4.60
N PHE B 287 -42.92 5.28 4.73
CA PHE B 287 -43.53 4.36 3.77
C PHE B 287 -43.62 5.02 2.41
N VAL B 288 -43.17 4.30 1.39
CA VAL B 288 -42.97 4.84 0.06
C VAL B 288 -44.07 4.36 -0.86
N ARG B 289 -44.47 5.22 -1.79
CA ARG B 289 -45.56 4.90 -2.70
C ARG B 289 -45.19 3.73 -3.62
N THR B 290 -43.98 3.73 -4.15
CA THR B 290 -43.56 2.69 -5.08
C THR B 290 -42.08 2.40 -4.87
N THR B 291 -41.66 1.24 -5.35
CA THR B 291 -40.27 0.84 -5.18
C THR B 291 -39.31 1.76 -5.93
N ALA B 292 -39.75 2.30 -7.07
CA ALA B 292 -38.90 3.28 -7.77
C ALA B 292 -38.70 4.53 -6.92
N GLU B 293 -39.77 5.01 -6.29
CA GLU B 293 -39.61 6.15 -5.38
C GLU B 293 -38.77 5.78 -4.17
N GLY B 294 -38.88 4.55 -3.68
CA GLY B 294 -38.05 4.15 -2.54
C GLY B 294 -36.57 4.13 -2.87
N VAL B 295 -36.22 3.55 -4.02
CA VAL B 295 -34.82 3.54 -4.42
C VAL B 295 -34.34 4.94 -4.74
N ALA B 296 -35.20 5.78 -5.31
CA ALA B 296 -34.80 7.17 -5.54
C ALA B 296 -34.54 7.89 -4.23
N ARG B 297 -35.37 7.64 -3.22
CA ARG B 297 -35.17 8.27 -1.92
C ARG B 297 -33.90 7.77 -1.24
N VAL B 298 -33.62 6.47 -1.35
CA VAL B 298 -32.36 5.95 -0.79
C VAL B 298 -31.17 6.57 -1.50
N ARG B 299 -31.23 6.69 -2.82
CA ARG B 299 -30.14 7.31 -3.56
C ARG B 299 -29.96 8.78 -3.18
N LYS B 300 -31.08 9.49 -3.01
CA LYS B 300 -31.04 10.90 -2.66
C LYS B 300 -30.43 11.13 -1.29
N SER B 301 -31.10 10.67 -0.24
CA SER B 301 -30.56 10.83 1.11
C SER B 301 -29.25 10.07 1.22
N LYS B 302 -28.24 10.72 1.81
CA LYS B 302 -26.91 10.14 1.81
C LYS B 302 -26.86 8.85 2.60
N GLY B 303 -27.30 8.87 3.85
CA GLY B 303 -27.21 7.69 4.69
C GLY B 303 -28.36 7.49 5.64
N LYS B 304 -29.35 8.38 5.58
CA LYS B 304 -30.42 8.38 6.57
C LYS B 304 -31.54 7.41 6.25
N TYR B 305 -31.56 6.81 5.06
CA TYR B 305 -32.66 5.96 4.64
C TYR B 305 -32.19 4.56 4.29
N ALA B 306 -32.89 3.56 4.81
CA ALA B 306 -32.67 2.16 4.49
C ALA B 306 -33.99 1.55 4.06
N TYR B 307 -33.97 0.79 2.98
CA TYR B 307 -35.18 0.28 2.34
C TYR B 307 -35.24 -1.23 2.49
N LEU B 308 -36.41 -1.74 2.87
CA LEU B 308 -36.63 -3.17 3.14
C LEU B 308 -37.50 -3.75 2.03
N LEU B 309 -36.87 -4.41 1.07
CA LEU B 309 -37.59 -4.95 -0.08
C LEU B 309 -37.31 -6.43 -0.22
N GLU B 310 -37.92 -7.05 -1.23
CA GLU B 310 -37.65 -8.45 -1.53
C GLU B 310 -36.19 -8.62 -1.92
N SER B 311 -35.60 -9.75 -1.51
CA SER B 311 -34.18 -9.95 -1.71
C SER B 311 -33.80 -9.92 -3.18
N THR B 312 -34.61 -10.55 -4.03
CA THR B 312 -34.30 -10.61 -5.45
C THR B 312 -34.31 -9.22 -6.08
N MET B 313 -35.32 -8.43 -5.77
CA MET B 313 -35.37 -7.09 -6.35
C MET B 313 -34.18 -6.26 -5.92
N ASN B 314 -33.75 -6.42 -4.67
CA ASN B 314 -32.58 -5.71 -4.18
C ASN B 314 -31.32 -6.13 -4.93
N GLU B 315 -31.12 -7.44 -5.09
CA GLU B 315 -29.94 -7.93 -5.77
C GLU B 315 -29.92 -7.44 -7.21
N TYR B 316 -31.08 -7.43 -7.86
CA TYR B 316 -31.15 -6.94 -9.23
C TYR B 316 -30.85 -5.45 -9.31
N ILE B 317 -31.43 -4.67 -8.40
CA ILE B 317 -31.26 -3.22 -8.45
C ILE B 317 -29.80 -2.85 -8.26
N GLU B 318 -29.13 -3.49 -7.30
CA GLU B 318 -27.75 -3.10 -7.04
C GLU B 318 -26.82 -3.39 -8.20
N GLN B 319 -27.27 -4.17 -9.18
CA GLN B 319 -26.47 -4.44 -10.38
C GLN B 319 -26.69 -3.40 -11.47
N ARG B 320 -27.84 -2.76 -11.50
CA ARG B 320 -28.13 -1.78 -12.53
C ARG B 320 -27.39 -0.47 -12.27
N LYS B 321 -27.28 0.34 -13.32
CA LYS B 321 -26.70 1.66 -13.18
C LYS B 321 -27.58 2.53 -12.29
N PRO B 322 -27.00 3.48 -11.54
CA PRO B 322 -25.57 3.81 -11.51
C PRO B 322 -24.77 2.98 -10.51
N CYS B 323 -25.36 1.88 -10.04
CA CYS B 323 -24.72 1.01 -9.05
C CYS B 323 -24.37 1.78 -7.78
N ASP B 324 -25.25 2.68 -7.37
CA ASP B 324 -25.02 3.54 -6.22
C ASP B 324 -25.55 2.95 -4.92
N THR B 325 -26.10 1.75 -4.95
CA THR B 325 -26.70 1.14 -3.78
C THR B 325 -26.11 -0.25 -3.57
N MET B 326 -26.46 -0.86 -2.45
CA MET B 326 -25.98 -2.20 -2.14
C MET B 326 -26.89 -2.84 -1.12
N LYS B 327 -26.81 -4.15 -1.03
CA LYS B 327 -27.63 -4.95 -0.12
C LYS B 327 -26.78 -5.41 1.05
N VAL B 328 -27.26 -5.17 2.25
CA VAL B 328 -26.52 -5.50 3.46
C VAL B 328 -27.39 -6.36 4.36
N GLY B 329 -26.79 -7.38 4.93
CA GLY B 329 -27.47 -8.25 5.88
C GLY B 329 -28.21 -9.39 5.22
N GLY B 330 -28.52 -10.39 6.03
CA GLY B 330 -29.20 -11.57 5.53
C GLY B 330 -30.68 -11.33 5.31
N ASN B 331 -31.36 -12.38 4.88
CA ASN B 331 -32.79 -12.30 4.62
C ASN B 331 -33.55 -12.46 5.92
N LEU B 332 -34.55 -11.61 6.13
CA LEU B 332 -35.25 -11.58 7.40
C LEU B 332 -36.25 -12.73 7.55
N ASP B 333 -36.95 -13.08 6.47
CA ASP B 333 -37.91 -14.18 6.52
C ASP B 333 -38.01 -14.76 5.12
N SER B 334 -38.03 -16.09 5.04
CA SER B 334 -37.88 -16.79 3.75
C SER B 334 -39.22 -17.12 3.12
N LYS B 335 -39.29 -16.91 1.80
CA LYS B 335 -40.44 -17.22 0.95
C LYS B 335 -39.93 -17.95 -0.27
N GLY B 336 -40.85 -18.36 -1.14
CA GLY B 336 -40.45 -19.08 -2.35
C GLY B 336 -41.32 -18.69 -3.52
N TYR B 337 -40.73 -18.80 -4.71
CA TYR B 337 -41.46 -18.62 -5.95
C TYR B 337 -41.75 -19.98 -6.58
N GLY B 338 -42.98 -20.17 -7.03
CA GLY B 338 -43.38 -21.44 -7.60
C GLY B 338 -43.78 -21.34 -9.05
N ILE B 339 -44.39 -22.40 -9.56
CA ILE B 339 -44.94 -22.44 -10.91
C ILE B 339 -46.36 -22.97 -10.76
N ALA B 340 -47.33 -22.06 -10.71
CA ALA B 340 -48.69 -22.44 -10.37
C ALA B 340 -49.28 -23.35 -11.44
N THR B 341 -50.26 -24.14 -11.03
CA THR B 341 -50.97 -25.08 -11.90
C THR B 341 -52.31 -25.45 -11.27
N PRO B 342 -53.41 -25.40 -12.01
CA PRO B 342 -54.72 -25.66 -11.40
C PRO B 342 -54.84 -27.10 -10.95
N LYS B 343 -55.74 -27.31 -9.99
CA LYS B 343 -55.73 -28.54 -9.20
C LYS B 343 -55.91 -29.78 -10.07
N GLY B 344 -56.85 -29.75 -11.00
CA GLY B 344 -57.13 -30.94 -11.74
C GLY B 344 -56.21 -31.23 -12.91
N SER B 345 -55.18 -30.42 -13.12
CA SER B 345 -54.40 -30.55 -14.33
C SER B 345 -53.58 -31.83 -14.34
N SER B 346 -53.48 -32.44 -15.52
CA SER B 346 -52.51 -33.50 -15.76
C SER B 346 -51.10 -32.98 -15.92
N LEU B 347 -50.94 -31.66 -16.02
CA LEU B 347 -49.64 -31.02 -15.98
C LEU B 347 -49.19 -30.73 -14.56
N GLY B 348 -50.02 -31.05 -13.56
CA GLY B 348 -49.69 -30.69 -12.18
C GLY B 348 -48.45 -31.39 -11.66
N ASN B 349 -48.30 -32.67 -11.98
CA ASN B 349 -47.15 -33.43 -11.51
C ASN B 349 -46.02 -33.46 -12.52
N ALA B 350 -46.23 -32.93 -13.72
CA ALA B 350 -45.17 -32.88 -14.72
C ALA B 350 -44.27 -31.68 -14.54
N VAL B 351 -44.57 -30.81 -13.58
CA VAL B 351 -43.73 -29.64 -13.32
C VAL B 351 -42.92 -29.78 -12.05
N ASN B 352 -43.43 -30.46 -11.02
CA ASN B 352 -42.63 -30.68 -9.82
C ASN B 352 -41.31 -31.32 -10.17
N LEU B 353 -41.37 -32.42 -10.92
CA LEU B 353 -40.16 -33.19 -11.22
C LEU B 353 -39.22 -32.40 -12.11
N ALA B 354 -39.78 -31.66 -13.06
CA ALA B 354 -38.95 -30.82 -13.92
C ALA B 354 -38.22 -29.75 -13.12
N VAL B 355 -38.93 -29.10 -12.20
CA VAL B 355 -38.31 -28.06 -11.37
C VAL B 355 -37.21 -28.64 -10.51
N LEU B 356 -37.47 -29.80 -9.90
CA LEU B 356 -36.46 -30.41 -9.04
C LEU B 356 -35.24 -30.81 -9.84
N LYS B 357 -35.44 -31.38 -11.04
CA LYS B 357 -34.29 -31.75 -11.85
C LYS B 357 -33.51 -30.52 -12.32
N LEU B 358 -34.22 -29.46 -12.69
CA LEU B 358 -33.54 -28.23 -13.12
C LEU B 358 -32.73 -27.66 -11.98
N ASN B 359 -33.28 -27.67 -10.77
CA ASN B 359 -32.56 -27.20 -9.60
C ASN B 359 -31.34 -28.06 -9.33
N GLU B 360 -31.47 -29.37 -9.48
CA GLU B 360 -30.37 -30.27 -9.13
C GLU B 360 -29.26 -30.25 -10.16
N GLU B 361 -29.60 -30.01 -11.43
CA GLU B 361 -28.60 -30.01 -12.49
C GLU B 361 -27.66 -28.81 -12.44
N GLY B 362 -27.93 -27.84 -11.57
CA GLY B 362 -27.16 -26.62 -11.61
C GLY B 362 -27.49 -25.75 -12.78
N LEU B 363 -28.69 -25.88 -13.33
CA LEU B 363 -29.10 -25.09 -14.48
C LEU B 363 -29.87 -23.82 -14.09
N LEU B 364 -30.75 -23.92 -13.10
CA LEU B 364 -31.48 -22.75 -12.65
C LEU B 364 -30.54 -21.72 -12.05
N ASP B 365 -29.57 -22.18 -11.25
CA ASP B 365 -28.55 -21.27 -10.71
C ASP B 365 -27.73 -20.66 -11.83
N LYS B 366 -27.39 -21.44 -12.84
CA LYS B 366 -26.67 -20.90 -13.99
C LYS B 366 -27.48 -19.80 -14.66
N LEU B 367 -28.78 -20.03 -14.78
CA LEU B 367 -29.66 -19.05 -15.41
C LEU B 367 -29.68 -17.75 -14.62
N LYS B 368 -29.93 -17.84 -13.31
CA LYS B 368 -29.98 -16.63 -12.50
C LYS B 368 -28.64 -15.92 -12.50
N ASN B 369 -27.55 -16.67 -12.37
CA ASN B 369 -26.22 -16.08 -12.42
C ASN B 369 -26.03 -15.29 -13.70
N LYS B 370 -26.34 -15.91 -14.85
CA LYS B 370 -26.11 -15.20 -16.10
C LYS B 370 -26.97 -13.95 -16.17
N TRP B 371 -28.27 -14.08 -15.95
CA TRP B 371 -29.14 -12.94 -16.22
C TRP B 371 -29.03 -11.85 -15.17
N TRP B 372 -28.38 -12.10 -14.04
CA TRP B 372 -28.26 -11.07 -13.03
C TRP B 372 -26.85 -10.49 -12.91
N TYR B 373 -25.81 -11.30 -13.09
CA TYR B 373 -24.45 -10.79 -13.03
C TYR B 373 -23.82 -10.62 -14.40
N ASP B 374 -24.04 -11.55 -15.33
CA ASP B 374 -23.47 -11.39 -16.66
C ASP B 374 -24.09 -10.20 -17.38
N LYS B 375 -25.39 -9.99 -17.20
CA LYS B 375 -26.02 -8.74 -17.64
C LYS B 375 -25.91 -7.67 -16.57
N GLY B 376 -24.67 -7.48 -16.09
CA GLY B 376 -24.42 -6.57 -14.99
C GLY B 376 -23.84 -5.25 -15.48
N GLU B 377 -24.51 -4.16 -15.10
CA GLU B 377 -24.02 -2.84 -15.45
C GLU B 377 -22.68 -2.54 -14.80
N CYS B 378 -22.34 -3.24 -13.72
CA CYS B 378 -21.07 -3.02 -13.04
C CYS B 378 -20.61 -4.34 -12.42
N GLY B 379 -19.30 -4.48 -12.30
CA GLY B 379 -18.70 -5.71 -11.79
C GLY B 379 -17.82 -5.43 -10.58
N SER B 380 -17.97 -6.27 -9.54
CA SER B 380 -17.19 -6.08 -8.32
C SER B 380 -15.76 -6.56 -8.47
N GLY B 381 -15.51 -7.55 -9.32
CA GLY B 381 -14.17 -8.11 -9.46
C GLY B 381 -13.18 -7.25 -10.19
N GLY B 382 -13.63 -6.16 -10.81
CA GLY B 382 -12.75 -5.26 -11.54
C GLY B 382 -12.83 -3.86 -10.97
N GLY B 383 -11.68 -3.21 -10.85
CA GLY B 383 -11.64 -1.89 -10.26
C GLY B 383 -12.04 -1.85 -8.81
N ASP B 384 -11.96 -2.99 -8.11
CA ASP B 384 -12.37 -3.03 -6.71
C ASP B 384 -11.48 -2.13 -5.85
N SER B 385 -10.17 -2.17 -6.09
CA SER B 385 -9.27 -1.26 -5.38
C SER B 385 -9.47 0.17 -5.84
N LYS B 386 -9.44 0.39 -7.16
CA LYS B 386 -9.64 1.72 -7.75
C LYS B 386 -8.74 2.75 -7.09
N GLU B 387 -7.47 2.38 -6.90
CA GLU B 387 -6.56 3.19 -6.11
C GLU B 387 -6.30 4.54 -6.76
N LYS B 388 -6.60 5.61 -6.04
CA LYS B 388 -6.35 6.96 -6.51
C LYS B 388 -6.05 7.84 -5.31
N THR B 389 -4.98 8.62 -5.42
CA THR B 389 -4.55 9.52 -4.34
C THR B 389 -4.62 10.97 -4.82
N SER B 390 -5.05 11.84 -3.92
CA SER B 390 -5.29 13.23 -4.26
C SER B 390 -4.56 14.14 -3.28
N ALA B 391 -4.21 15.32 -3.76
CA ALA B 391 -3.57 16.30 -2.91
C ALA B 391 -4.47 16.66 -1.74
N LEU B 392 -3.86 16.87 -0.58
CA LEU B 392 -4.59 17.06 0.66
C LEU B 392 -5.17 18.47 0.67
N SER B 393 -6.48 18.58 0.58
CA SER B 393 -7.13 19.88 0.42
C SER B 393 -7.15 20.62 1.75
N LEU B 394 -7.54 21.89 1.68
CA LEU B 394 -7.63 22.70 2.90
C LEU B 394 -8.68 22.19 3.86
N SER B 395 -9.66 21.43 3.38
CA SER B 395 -10.71 20.95 4.27
C SER B 395 -10.15 20.00 5.31
N ASN B 396 -9.21 19.14 4.91
CA ASN B 396 -8.62 18.18 5.83
C ASN B 396 -7.88 18.87 6.97
N VAL B 397 -7.29 20.02 6.70
CA VAL B 397 -6.31 20.64 7.58
C VAL B 397 -6.92 21.77 8.40
N ALA B 398 -7.91 22.48 7.84
CA ALA B 398 -8.41 23.70 8.43
C ALA B 398 -8.71 23.59 9.92
N GLY B 399 -8.88 22.36 10.42
CA GLY B 399 -9.05 22.17 11.84
C GLY B 399 -7.86 22.60 12.66
N VAL B 400 -6.71 22.81 12.03
CA VAL B 400 -5.52 23.26 12.75
C VAL B 400 -5.32 24.74 12.50
N PHE B 401 -5.79 25.26 11.36
CA PHE B 401 -5.77 26.70 11.17
C PHE B 401 -6.69 27.38 12.17
N TYR B 402 -7.83 26.78 12.46
CA TYR B 402 -8.71 27.34 13.48
C TYR B 402 -8.00 27.39 14.83
N ILE B 403 -7.31 26.31 15.19
CA ILE B 403 -6.61 26.28 16.48
C ILE B 403 -5.49 27.30 16.50
N LEU B 404 -4.78 27.46 15.39
CA LEU B 404 -3.73 28.45 15.34
C LEU B 404 -4.26 29.85 15.60
N VAL B 405 -5.32 30.24 14.88
CA VAL B 405 -5.83 31.60 15.08
C VAL B 405 -6.46 31.76 16.45
N GLY B 406 -7.08 30.70 16.97
CA GLY B 406 -7.59 30.76 18.34
C GLY B 406 -6.47 31.00 19.35
N GLY B 407 -5.35 30.31 19.17
CA GLY B 407 -4.22 30.51 20.06
C GLY B 407 -3.66 31.91 19.99
N LEU B 408 -3.58 32.47 18.78
CA LEU B 408 -3.10 33.85 18.65
C LEU B 408 -4.05 34.84 19.34
N GLY B 409 -5.36 34.68 19.14
CA GLY B 409 -6.28 35.56 19.82
C GLY B 409 -6.16 35.45 21.33
N LEU B 410 -6.03 34.23 21.83
CA LEU B 410 -5.87 34.03 23.27
C LEU B 410 -4.58 34.68 23.78
N ALA B 411 -3.50 34.59 22.99
CA ALA B 411 -2.24 35.19 23.42
C ALA B 411 -2.37 36.69 23.54
N MET B 412 -3.02 37.34 22.57
CA MET B 412 -3.22 38.77 22.69
C MET B 412 -4.09 39.10 23.90
N LEU B 413 -5.11 38.29 24.16
CA LEU B 413 -5.98 38.54 25.30
C LEU B 413 -5.22 38.49 26.61
N VAL B 414 -4.43 37.43 26.82
CA VAL B 414 -3.67 37.36 28.07
C VAL B 414 -2.61 38.44 28.13
N ALA B 415 -2.09 38.89 26.99
CA ALA B 415 -1.14 39.99 27.03
C ALA B 415 -1.78 41.25 27.56
N LEU B 416 -2.98 41.59 27.09
CA LEU B 416 -3.65 42.77 27.64
C LEU B 416 -4.04 42.57 29.10
N ILE B 417 -4.40 41.35 29.49
CA ILE B 417 -4.75 41.13 30.89
C ILE B 417 -3.55 41.37 31.79
N GLU B 418 -2.39 40.84 31.41
CA GLU B 418 -1.17 41.08 32.17
C GLU B 418 -0.78 42.55 32.16
N PHE B 419 -0.95 43.23 31.04
CA PHE B 419 -0.64 44.64 30.97
C PHE B 419 -1.52 45.46 31.90
N CYS B 420 -2.84 45.24 31.85
CA CYS B 420 -3.75 45.97 32.71
C CYS B 420 -3.53 45.64 34.19
N TYR B 421 -3.08 44.42 34.47
CA TYR B 421 -2.74 44.06 35.85
C TYR B 421 -1.48 44.78 36.32
N LYS B 422 -0.45 44.83 35.45
CA LYS B 422 0.79 45.50 35.82
C LYS B 422 0.59 47.00 35.99
N SER B 423 -0.25 47.61 35.15
CA SER B 423 -0.44 49.05 35.22
C SER B 423 -1.05 49.49 36.54
N ARG B 424 -1.68 48.59 37.28
CA ARG B 424 -2.24 48.92 38.58
C ARG B 424 -1.82 47.92 39.64
N THR C 1 -54.30 -43.81 14.90
CA THR C 1 -53.04 -43.16 15.22
C THR C 1 -52.08 -43.24 14.04
N ALA C 2 -50.97 -42.50 14.12
CA ALA C 2 -49.96 -42.48 13.09
C ALA C 2 -48.58 -42.62 13.72
N VAL C 3 -47.62 -43.09 12.93
CA VAL C 3 -46.28 -43.38 13.40
C VAL C 3 -45.31 -42.45 12.66
N VAL C 4 -44.48 -41.76 13.43
CA VAL C 4 -43.57 -40.76 12.89
C VAL C 4 -42.16 -41.36 12.84
N THR C 5 -41.33 -40.86 11.93
CA THR C 5 -39.98 -41.37 11.75
C THR C 5 -38.97 -40.22 11.79
N THR C 6 -38.17 -40.16 12.84
CA THR C 6 -37.22 -39.08 13.03
C THR C 6 -35.81 -39.64 13.13
N ILE C 7 -34.86 -38.95 12.50
CA ILE C 7 -33.44 -39.24 12.67
C ILE C 7 -32.97 -38.61 13.97
N LEU C 8 -31.75 -38.90 14.40
CA LEU C 8 -31.27 -38.49 15.72
C LEU C 8 -29.99 -37.66 15.66
N GLU C 9 -29.49 -37.37 16.85
CA GLU C 9 -28.12 -36.96 17.14
C GLU C 9 -27.80 -35.54 16.68
N ASP C 10 -28.72 -34.94 15.97
CA ASP C 10 -28.48 -33.66 15.31
C ASP C 10 -28.85 -32.52 16.26
N PRO C 11 -28.86 -31.26 15.81
CA PRO C 11 -29.60 -30.23 16.55
C PRO C 11 -31.09 -30.48 16.56
N TYR C 12 -31.60 -31.34 15.68
CA TYR C 12 -33.03 -31.47 15.48
C TYR C 12 -33.69 -32.33 16.55
N VAL C 13 -33.37 -33.62 16.59
CA VAL C 13 -33.96 -34.51 17.58
C VAL C 13 -32.86 -35.00 18.50
N MET C 14 -33.05 -34.78 19.81
CA MET C 14 -32.09 -35.18 20.81
C MET C 14 -32.78 -35.96 21.91
N ALA C 15 -32.01 -36.80 22.61
CA ALA C 15 -32.51 -37.56 23.74
C ALA C 15 -32.33 -36.76 25.02
N LYS C 16 -33.41 -36.61 25.78
CA LYS C 16 -33.37 -35.78 26.97
C LYS C 16 -32.51 -36.42 28.05
N LYS C 17 -32.05 -35.58 28.98
CA LYS C 17 -31.44 -36.10 30.20
C LYS C 17 -32.47 -36.88 31.00
N ASN C 18 -32.01 -37.94 31.67
CA ASN C 18 -32.90 -38.90 32.31
C ASN C 18 -33.88 -39.49 31.29
N ALA C 19 -33.32 -39.91 30.15
CA ALA C 19 -34.14 -40.52 29.10
C ALA C 19 -34.80 -41.80 29.59
N ALA C 20 -34.08 -42.58 30.40
CA ALA C 20 -34.67 -43.77 30.98
C ALA C 20 -35.81 -43.44 31.93
N ALA C 21 -35.70 -42.31 32.65
CA ALA C 21 -36.78 -41.91 33.54
C ALA C 21 -38.07 -41.64 32.78
N ALA C 22 -37.97 -40.92 31.66
CA ALA C 22 -39.14 -40.64 30.84
C ALA C 22 -39.47 -41.82 29.94
N GLU C 23 -40.66 -41.80 29.37
CA GLU C 23 -41.14 -42.89 28.53
C GLU C 23 -41.87 -42.33 27.32
N GLY C 24 -42.05 -43.19 26.31
CA GLY C 24 -42.75 -42.79 25.11
C GLY C 24 -41.94 -41.78 24.30
N ASN C 25 -42.67 -40.95 23.55
CA ASN C 25 -42.01 -39.92 22.76
C ASN C 25 -41.35 -38.86 23.65
N ALA C 26 -41.89 -38.64 24.85
CA ALA C 26 -41.33 -37.63 25.74
C ALA C 26 -39.91 -37.97 26.18
N ALA C 27 -39.46 -39.21 25.99
CA ALA C 27 -38.11 -39.59 26.38
C ALA C 27 -37.05 -38.84 25.58
N TYR C 28 -37.41 -38.28 24.43
CA TYR C 28 -36.48 -37.56 23.58
C TYR C 28 -37.19 -36.43 22.86
N GLU C 29 -36.65 -35.22 22.99
CA GLU C 29 -37.27 -34.02 22.44
C GLU C 29 -36.21 -33.16 21.78
N GLY C 30 -36.66 -32.30 20.87
CA GLY C 30 -35.76 -31.47 20.11
C GLY C 30 -36.52 -30.48 19.26
N TYR C 31 -35.80 -29.89 18.30
CA TYR C 31 -36.46 -28.95 17.40
C TYR C 31 -37.53 -29.62 16.58
N CYS C 32 -37.18 -30.70 15.90
CA CYS C 32 -38.13 -31.40 15.03
C CYS C 32 -39.10 -32.26 15.80
N VAL C 33 -38.97 -32.35 17.12
CA VAL C 33 -40.05 -32.88 17.93
C VAL C 33 -41.03 -31.77 18.31
N ALA C 34 -40.52 -30.58 18.61
CA ALA C 34 -41.40 -29.44 18.84
C ALA C 34 -42.19 -29.10 17.59
N LEU C 35 -41.55 -29.16 16.42
CA LEU C 35 -42.27 -28.98 15.17
C LEU C 35 -43.34 -30.05 14.99
N ALA C 36 -42.96 -31.31 15.08
CA ALA C 36 -43.93 -32.37 14.90
C ALA C 36 -44.96 -32.42 16.01
N ALA C 37 -44.94 -31.46 16.92
CA ALA C 37 -46.08 -31.22 17.79
C ALA C 37 -47.05 -30.22 17.18
N GLU C 38 -46.52 -29.19 16.52
CA GLU C 38 -47.41 -28.17 15.94
C GLU C 38 -48.21 -28.73 14.78
N ILE C 39 -47.59 -29.55 13.92
CA ILE C 39 -48.31 -30.10 12.77
C ILE C 39 -49.47 -30.96 13.22
N ALA C 40 -49.38 -31.56 14.40
CA ALA C 40 -50.49 -32.35 14.90
C ALA C 40 -51.75 -31.50 15.05
N LYS C 41 -51.63 -30.33 15.66
CA LYS C 41 -52.80 -29.49 15.92
C LYS C 41 -53.41 -28.92 14.64
N HIS C 42 -52.74 -29.02 13.50
CA HIS C 42 -53.31 -28.60 12.24
C HIS C 42 -53.76 -29.76 11.35
N ALA C 43 -53.31 -30.98 11.63
CA ALA C 43 -53.82 -32.16 10.96
C ALA C 43 -54.56 -33.09 11.91
N ALA C 44 -54.57 -32.81 13.21
CA ALA C 44 -55.46 -33.43 14.19
C ALA C 44 -55.27 -34.95 14.23
N TYR C 45 -54.08 -35.37 14.61
CA TYR C 45 -53.82 -36.78 14.88
C TYR C 45 -52.93 -36.92 16.10
N ALA C 46 -53.06 -38.06 16.78
CA ALA C 46 -52.23 -38.39 17.93
C ALA C 46 -51.27 -39.50 17.52
N TYR C 47 -49.99 -39.20 17.59
CA TYR C 47 -48.93 -40.07 17.11
C TYR C 47 -48.11 -40.60 18.28
N ALA C 48 -47.06 -41.33 17.95
CA ALA C 48 -46.09 -41.78 18.95
C ALA C 48 -44.73 -41.78 18.25
N ALA C 49 -43.87 -40.82 18.59
CA ALA C 49 -42.64 -40.62 17.85
C ALA C 49 -41.81 -41.89 17.87
N ALA C 50 -41.31 -42.29 16.69
CA ALA C 50 -40.60 -43.54 16.54
C ALA C 50 -39.33 -43.29 15.74
N ILE C 51 -38.19 -43.38 16.40
CA ILE C 51 -36.91 -43.13 15.75
C ILE C 51 -36.64 -44.21 14.72
N VAL C 52 -36.02 -43.81 13.59
CA VAL C 52 -35.63 -44.80 12.60
C VAL C 52 -34.57 -45.70 13.19
N ALA C 53 -34.55 -46.96 12.74
CA ALA C 53 -33.64 -47.94 13.32
C ALA C 53 -32.28 -47.91 12.63
N ASP C 54 -32.27 -47.93 11.29
CA ASP C 54 -31.01 -48.05 10.57
C ASP C 54 -30.10 -46.85 10.85
N GLY C 55 -30.67 -45.65 10.83
CA GLY C 55 -29.88 -44.46 11.05
C GLY C 55 -29.30 -43.89 9.77
N LYS C 56 -30.08 -43.96 8.70
CA LYS C 56 -29.68 -43.37 7.43
C LYS C 56 -30.92 -42.75 6.79
N TYR C 57 -30.70 -41.77 5.93
CA TYR C 57 -31.80 -41.02 5.34
C TYR C 57 -32.48 -41.79 4.23
N GLY C 58 -31.72 -42.20 3.22
CA GLY C 58 -32.28 -43.12 2.27
C GLY C 58 -31.76 -43.02 0.87
N ALA C 59 -31.51 -44.17 0.26
CA ALA C 59 -31.07 -44.24 -1.11
C ALA C 59 -31.27 -45.67 -1.61
N ARG C 60 -31.78 -45.80 -2.83
CA ARG C 60 -31.90 -47.12 -3.45
C ARG C 60 -30.51 -47.68 -3.68
N ASP C 61 -30.23 -48.83 -3.08
CA ASP C 61 -28.92 -49.45 -3.23
C ASP C 61 -28.70 -49.79 -4.70
N ALA C 62 -27.44 -49.65 -5.15
CA ALA C 62 -27.14 -49.86 -6.56
C ALA C 62 -27.49 -51.27 -6.99
N ALA C 63 -27.15 -52.27 -6.17
CA ALA C 63 -27.43 -53.65 -6.52
C ALA C 63 -28.93 -53.95 -6.48
N THR C 64 -29.60 -53.56 -5.39
CA THR C 64 -31.01 -53.85 -5.21
C THR C 64 -31.75 -52.57 -4.91
N LYS C 65 -32.86 -52.35 -5.60
CA LYS C 65 -33.64 -51.13 -5.42
C LYS C 65 -34.36 -51.15 -4.08
N ALA C 66 -33.60 -51.12 -2.99
CA ALA C 66 -34.14 -51.12 -1.64
C ALA C 66 -33.82 -49.78 -0.98
N TRP C 67 -34.85 -49.09 -0.53
CA TRP C 67 -34.70 -47.79 0.11
C TRP C 67 -34.47 -47.98 1.60
N ASN C 68 -33.45 -47.32 2.13
CA ASN C 68 -32.98 -47.59 3.48
C ASN C 68 -33.38 -46.46 4.43
N GLY C 69 -33.56 -46.84 5.70
CA GLY C 69 -33.66 -45.85 6.74
C GLY C 69 -34.99 -45.12 6.72
N MET C 70 -34.91 -43.78 6.75
CA MET C 70 -36.08 -42.97 7.05
C MET C 70 -37.05 -42.88 5.87
N VAL C 71 -36.54 -42.81 4.64
CA VAL C 71 -37.46 -42.84 3.51
C VAL C 71 -37.94 -44.27 3.27
N GLY C 72 -37.10 -45.26 3.56
CA GLY C 72 -37.54 -46.64 3.42
C GLY C 72 -38.69 -46.96 4.33
N GLU C 73 -38.63 -46.48 5.57
CA GLU C 73 -39.71 -46.72 6.52
C GLU C 73 -41.02 -46.13 6.03
N LEU C 74 -40.97 -45.18 5.10
CA LEU C 74 -42.17 -44.62 4.51
C LEU C 74 -42.64 -45.43 3.32
N VAL C 75 -41.73 -45.76 2.40
CA VAL C 75 -42.14 -46.40 1.15
C VAL C 75 -42.79 -47.75 1.42
N TYR C 76 -42.24 -48.52 2.36
CA TYR C 76 -42.75 -49.85 2.66
C TYR C 76 -43.91 -49.83 3.63
N GLY C 77 -44.48 -48.67 3.91
CA GLY C 77 -45.66 -48.60 4.76
C GLY C 77 -45.42 -48.84 6.23
N ALA C 78 -44.16 -48.89 6.67
CA ALA C 78 -43.88 -49.15 8.07
C ALA C 78 -44.31 -47.99 8.96
N ALA C 79 -44.18 -46.75 8.47
CA ALA C 79 -44.60 -45.59 9.25
C ALA C 79 -44.93 -44.44 8.29
N ASP C 80 -45.66 -43.46 8.82
CA ASP C 80 -46.39 -42.52 7.97
C ASP C 80 -45.65 -41.21 7.67
N ALA C 81 -45.46 -40.36 8.68
CA ALA C 81 -44.84 -39.06 8.42
C ALA C 81 -43.32 -39.17 8.52
N ALA C 82 -42.63 -38.11 8.13
CA ALA C 82 -41.17 -38.08 8.09
C ALA C 82 -40.63 -36.80 8.69
N ALA C 83 -41.12 -36.43 9.87
CA ALA C 83 -40.87 -35.11 10.45
C ALA C 83 -39.40 -35.01 10.84
N ALA C 84 -38.56 -34.78 9.84
CA ALA C 84 -37.12 -34.73 10.03
C ALA C 84 -36.49 -34.15 8.78
N PRO C 85 -35.22 -33.71 8.85
CA PRO C 85 -34.63 -33.00 7.72
C PRO C 85 -34.34 -33.83 6.50
N LEU C 86 -35.35 -34.18 5.72
CA LEU C 86 -35.15 -34.88 4.46
C LEU C 86 -34.98 -33.87 3.35
N THR C 87 -33.78 -33.79 2.78
CA THR C 87 -33.57 -32.89 1.66
C THR C 87 -34.52 -33.24 0.53
N ILE C 88 -35.08 -32.21 -0.10
CA ILE C 88 -36.01 -32.40 -1.20
C ILE C 88 -35.19 -32.67 -2.46
N THR C 89 -35.15 -33.93 -2.88
CA THR C 89 -34.38 -34.35 -4.04
C THR C 89 -35.27 -35.02 -5.06
N LEU C 90 -34.82 -34.97 -6.32
CA LEU C 90 -35.58 -35.56 -7.42
C LEU C 90 -35.79 -37.05 -7.21
N VAL C 91 -34.74 -37.76 -6.83
CA VAL C 91 -34.82 -39.21 -6.70
C VAL C 91 -35.78 -39.60 -5.58
N ARG C 92 -35.70 -38.91 -4.44
CA ARG C 92 -36.67 -39.14 -3.37
C ARG C 92 -38.06 -38.69 -3.78
N GLU C 93 -38.14 -37.66 -4.63
CA GLU C 93 -39.45 -37.15 -5.03
C GLU C 93 -40.20 -38.14 -5.91
N GLU C 94 -39.50 -38.80 -6.83
CA GLU C 94 -40.15 -39.73 -7.74
C GLU C 94 -40.78 -40.90 -7.00
N VAL C 95 -40.33 -41.19 -5.79
CA VAL C 95 -40.87 -42.27 -4.99
C VAL C 95 -41.82 -41.76 -3.92
N ILE C 96 -41.43 -40.72 -3.20
CA ILE C 96 -42.19 -40.25 -2.05
C ILE C 96 -42.69 -38.83 -2.35
N ASP C 97 -43.75 -38.44 -1.66
CA ASP C 97 -44.38 -37.14 -1.87
C ASP C 97 -44.08 -36.24 -0.68
N PHE C 98 -43.45 -35.10 -0.95
CA PHE C 98 -42.93 -34.22 0.08
C PHE C 98 -43.98 -33.21 0.52
N SER C 99 -43.53 -32.18 1.20
CA SER C 99 -44.25 -30.95 1.49
C SER C 99 -43.40 -29.78 1.03
N LYS C 100 -43.95 -28.59 1.15
CA LYS C 100 -43.15 -27.41 0.85
C LYS C 100 -42.09 -27.25 1.91
N PRO C 101 -40.91 -26.72 1.55
CA PRO C 101 -39.80 -26.70 2.51
C PRO C 101 -40.19 -25.97 3.78
N PHE C 102 -39.75 -26.50 4.91
CA PHE C 102 -39.85 -25.77 6.16
C PHE C 102 -38.52 -25.13 6.54
N MET C 103 -37.52 -25.21 5.69
CA MET C 103 -36.24 -24.57 5.93
C MET C 103 -35.41 -24.65 4.67
N SER C 104 -34.69 -23.58 4.37
CA SER C 104 -33.80 -23.55 3.22
C SER C 104 -32.37 -23.39 3.69
N LEU C 105 -31.44 -23.75 2.83
CA LEU C 105 -30.05 -23.87 3.24
C LEU C 105 -29.18 -24.03 2.00
N GLY C 106 -27.90 -24.34 2.21
CA GLY C 106 -27.02 -24.59 1.09
C GLY C 106 -25.64 -24.94 1.58
N ILE C 107 -24.75 -25.17 0.62
CA ILE C 107 -23.35 -25.42 0.95
C ILE C 107 -22.71 -24.11 1.36
N SER C 108 -22.08 -24.10 2.54
CA SER C 108 -21.57 -22.88 3.13
C SER C 108 -20.13 -23.05 3.59
N ILE C 109 -19.39 -21.95 3.56
CA ILE C 109 -17.99 -21.95 3.99
C ILE C 109 -17.92 -22.15 5.50
N MET C 110 -16.77 -22.61 5.98
CA MET C 110 -16.52 -22.70 7.41
C MET C 110 -15.04 -22.52 7.66
N ILE C 111 -14.68 -21.44 8.37
CA ILE C 111 -13.28 -21.11 8.61
C ILE C 111 -13.07 -20.85 10.09
N LYS C 112 -11.81 -20.96 10.51
CA LYS C 112 -11.47 -20.72 11.90
C LYS C 112 -11.70 -19.27 12.28
N LYS C 113 -12.29 -19.05 13.44
CA LYS C 113 -12.65 -17.70 13.85
C LYS C 113 -11.39 -16.89 14.11
N PRO C 114 -11.24 -15.72 13.48
CA PRO C 114 -10.03 -14.91 13.72
C PRO C 114 -9.99 -14.41 15.15
N GLN C 115 -8.88 -14.67 15.83
CA GLN C 115 -8.73 -14.24 17.20
C GLN C 115 -8.53 -12.73 17.26
N LYS C 116 -8.67 -12.17 18.46
CA LYS C 116 -8.49 -10.74 18.64
C LYS C 116 -7.06 -10.32 18.30
N SER C 117 -6.09 -11.17 18.61
CA SER C 117 -4.68 -10.92 18.30
C SER C 117 -4.20 -9.63 18.96
N LYS C 118 -4.23 -9.63 20.29
CA LYS C 118 -3.82 -8.45 21.03
C LYS C 118 -2.33 -8.19 20.80
N PRO C 119 -1.92 -6.93 20.68
CA PRO C 119 -0.51 -6.64 20.45
C PRO C 119 0.31 -6.86 21.71
N GLY C 120 1.60 -7.09 21.51
CA GLY C 120 2.49 -7.24 22.63
C GLY C 120 2.66 -5.94 23.39
N VAL C 121 3.18 -6.04 24.61
CA VAL C 121 3.40 -4.86 25.43
C VAL C 121 4.41 -3.95 24.76
N PHE C 122 5.53 -4.51 24.30
CA PHE C 122 6.59 -3.76 23.66
C PHE C 122 6.55 -3.92 22.15
N SER C 123 5.35 -3.91 21.58
CA SER C 123 5.20 -4.06 20.14
C SER C 123 5.76 -2.90 19.35
N PHE C 124 6.02 -1.75 19.97
CA PHE C 124 6.54 -0.65 19.18
C PHE C 124 7.96 -0.88 18.70
N LEU C 125 8.65 -1.89 19.22
CA LEU C 125 10.00 -2.18 18.79
C LEU C 125 10.07 -3.06 17.56
N ASP C 126 8.94 -3.56 17.07
CA ASP C 126 8.98 -4.49 15.94
C ASP C 126 9.62 -3.92 14.69
N PRO C 127 9.37 -2.68 14.27
CA PRO C 127 9.91 -2.24 12.97
C PRO C 127 11.42 -2.33 12.85
N LEU C 128 12.10 -2.75 13.90
CA LEU C 128 13.54 -2.94 13.87
C LEU C 128 13.89 -4.16 14.71
N ALA C 129 14.71 -5.04 14.17
CA ALA C 129 14.98 -6.31 14.83
C ALA C 129 15.73 -6.10 16.13
N TYR C 130 15.78 -7.16 16.94
CA TYR C 130 16.49 -7.13 18.22
C TYR C 130 17.95 -6.74 18.04
N GLU C 131 18.60 -7.29 17.03
CA GLU C 131 20.01 -7.01 16.82
C GLU C 131 20.24 -5.53 16.56
N ILE C 132 19.33 -4.88 15.84
CA ILE C 132 19.51 -3.47 15.55
C ILE C 132 19.43 -2.64 16.82
N TRP C 133 18.44 -2.91 17.68
CA TRP C 133 18.34 -2.13 18.92
C TRP C 133 19.57 -2.34 19.80
N MET C 134 20.02 -3.57 19.94
CA MET C 134 21.15 -3.77 20.83
C MET C 134 22.45 -3.18 20.24
N CYS C 135 22.63 -3.26 18.93
CA CYS C 135 23.80 -2.61 18.36
C CYS C 135 23.69 -1.10 18.43
N ILE C 136 22.47 -0.55 18.46
CA ILE C 136 22.32 0.89 18.70
C ILE C 136 22.83 1.24 20.08
N VAL C 137 22.46 0.45 21.09
CA VAL C 137 22.93 0.73 22.44
C VAL C 137 24.46 0.64 22.50
N PHE C 138 25.03 -0.39 21.88
CA PHE C 138 26.47 -0.58 21.98
C PHE C 138 27.25 0.46 21.20
N ALA C 139 26.73 0.87 20.04
CA ALA C 139 27.38 1.95 19.32
C ALA C 139 27.26 3.27 20.07
N TYR C 140 26.16 3.47 20.79
CA TYR C 140 26.04 4.67 21.62
C TYR C 140 27.14 4.72 22.67
N ILE C 141 27.36 3.62 23.38
CA ILE C 141 28.41 3.62 24.39
C ILE C 141 29.76 3.86 23.72
N GLY C 142 30.01 3.21 22.59
CA GLY C 142 31.28 3.39 21.91
C GLY C 142 31.51 4.83 21.49
N VAL C 143 30.49 5.46 20.91
CA VAL C 143 30.63 6.83 20.45
C VAL C 143 30.84 7.78 21.62
N SER C 144 30.12 7.57 22.72
CA SER C 144 30.32 8.43 23.87
C SER C 144 31.75 8.35 24.38
N VAL C 145 32.30 7.14 24.49
CA VAL C 145 33.66 7.01 25.00
C VAL C 145 34.67 7.62 24.02
N VAL C 146 34.48 7.41 22.72
CA VAL C 146 35.44 7.97 21.77
C VAL C 146 35.38 9.49 21.76
N LEU C 147 34.19 10.07 21.85
CA LEU C 147 34.07 11.52 21.88
C LEU C 147 34.73 12.09 23.12
N PHE C 148 34.53 11.44 24.27
CA PHE C 148 35.22 11.88 25.48
C PHE C 148 36.73 11.83 25.30
N LEU C 149 37.24 10.71 24.81
CA LEU C 149 38.68 10.54 24.70
C LEU C 149 39.28 11.58 23.78
N VAL C 150 38.67 11.80 22.62
CA VAL C 150 39.20 12.75 21.65
C VAL C 150 39.11 14.17 22.20
N SER C 151 38.07 14.47 22.96
CA SER C 151 37.95 15.81 23.52
C SER C 151 39.11 16.15 24.44
N ARG C 152 39.61 15.17 25.19
CA ARG C 152 40.61 15.41 26.22
C ARG C 152 42.00 14.99 25.76
N PHE C 153 42.83 15.98 25.44
CA PHE C 153 44.26 15.76 25.20
C PHE C 153 45.04 16.88 25.85
N SER C 154 45.88 16.54 26.82
CA SER C 154 46.81 17.49 27.41
C SER C 154 48.19 16.88 27.40
N ASN C 165 37.82 20.65 28.79
CA ASN C 165 36.68 21.55 28.70
C ASN C 165 35.41 20.91 29.26
N GLU C 166 34.29 21.12 28.58
CA GLU C 166 33.00 20.71 29.10
C GLU C 166 32.64 19.27 28.80
N PHE C 167 33.38 18.60 27.91
CA PHE C 167 33.01 17.26 27.47
C PHE C 167 33.72 16.22 28.32
N GLY C 168 33.31 16.14 29.59
CA GLY C 168 33.75 15.08 30.46
C GLY C 168 33.15 13.77 29.99
N ILE C 169 33.07 12.76 30.83
CA ILE C 169 32.41 11.54 30.38
C ILE C 169 30.90 11.67 30.50
N PHE C 170 30.42 12.29 31.57
CA PHE C 170 28.98 12.42 31.73
C PHE C 170 28.39 13.36 30.68
N ASN C 171 29.02 14.51 30.47
CA ASN C 171 28.52 15.41 29.42
C ASN C 171 28.58 14.74 28.08
N SER C 172 29.56 13.87 27.85
CA SER C 172 29.67 13.21 26.55
C SER C 172 28.55 12.21 26.36
N LEU C 173 28.24 11.43 27.39
CA LEU C 173 27.10 10.52 27.28
C LEU C 173 25.81 11.29 27.08
N TRP C 174 25.67 12.44 27.75
CA TRP C 174 24.46 13.23 27.57
C TRP C 174 24.37 13.78 26.16
N PHE C 175 25.47 14.30 25.62
CA PHE C 175 25.42 14.82 24.26
C PHE C 175 25.08 13.73 23.27
N SER C 176 25.69 12.55 23.41
CA SER C 176 25.43 11.49 22.45
C SER C 176 24.00 10.97 22.55
N LEU C 177 23.48 10.84 23.77
CA LEU C 177 22.07 10.48 23.91
C LEU C 177 21.17 11.51 23.26
N GLY C 178 21.42 12.79 23.51
CA GLY C 178 20.62 13.82 22.89
C GLY C 178 20.69 13.75 21.38
N ALA C 179 21.89 13.53 20.85
CA ALA C 179 22.07 13.51 19.41
C ALA C 179 21.36 12.33 18.77
N PHE C 180 21.23 11.21 19.47
CA PHE C 180 20.46 10.12 18.87
C PHE C 180 18.97 10.48 18.79
N MET C 181 18.42 11.01 19.87
CA MET C 181 16.99 11.30 19.86
C MET C 181 16.64 12.49 19.04
N GLN C 182 17.59 12.99 18.25
CA GLN C 182 17.43 14.15 17.37
C GLN C 182 16.99 15.39 18.11
N GLN C 183 17.22 15.45 19.42
CA GLN C 183 16.83 16.63 20.18
C GLN C 183 17.92 17.68 20.21
N GLY C 184 19.17 17.27 20.39
CA GLY C 184 20.25 18.23 20.43
C GLY C 184 20.32 18.96 21.75
N CYS C 185 21.54 19.25 22.20
CA CYS C 185 21.79 19.78 23.53
C CYS C 185 22.30 21.20 23.44
N ASP C 186 22.81 21.71 24.56
CA ASP C 186 23.40 23.04 24.59
C ASP C 186 24.89 23.02 24.29
N ILE C 187 25.57 21.92 24.56
CA ILE C 187 27.01 21.80 24.27
C ILE C 187 27.18 21.15 22.91
N SER C 188 28.17 21.61 22.16
CA SER C 188 28.50 21.02 20.88
C SER C 188 30.02 20.95 20.75
N PRO C 189 30.53 19.98 20.00
CA PRO C 189 31.98 19.89 19.84
C PRO C 189 32.53 21.11 19.14
N ARG C 190 33.77 21.46 19.48
CA ARG C 190 34.40 22.66 18.93
C ARG C 190 35.78 22.37 18.35
N SER C 191 36.12 21.11 18.14
CA SER C 191 37.39 20.71 17.55
C SER C 191 37.12 19.79 16.40
N LEU C 192 38.07 19.71 15.47
CA LEU C 192 37.85 18.91 14.26
C LEU C 192 37.61 17.44 14.61
N SER C 193 38.49 16.86 15.40
CA SER C 193 38.38 15.45 15.74
C SER C 193 37.20 15.16 16.65
N GLY C 194 36.65 16.16 17.32
CA GLY C 194 35.41 15.98 18.02
C GLY C 194 34.19 16.27 17.20
N ARG C 195 34.36 16.92 16.06
CA ARG C 195 33.25 17.20 15.16
C ARG C 195 33.04 16.10 14.15
N ILE C 196 34.08 15.33 13.82
CA ILE C 196 33.88 14.17 12.95
C ILE C 196 32.99 13.14 13.62
N VAL C 197 33.23 12.89 14.91
CA VAL C 197 32.38 11.94 15.65
C VAL C 197 30.94 12.42 15.65
N GLY C 198 30.74 13.70 15.93
CA GLY C 198 29.39 14.23 15.93
C GLY C 198 28.71 14.10 14.58
N GLY C 199 29.42 14.43 13.50
CA GLY C 199 28.81 14.33 12.19
C GLY C 199 28.42 12.92 11.83
N VAL C 200 29.28 11.95 12.12
CA VAL C 200 29.00 10.57 11.76
C VAL C 200 27.86 10.00 12.60
N TRP C 201 27.86 10.28 13.90
CA TRP C 201 26.76 9.83 14.74
C TRP C 201 25.45 10.49 14.35
N TRP C 202 25.49 11.74 13.92
CA TRP C 202 24.29 12.39 13.40
C TRP C 202 23.75 11.70 12.17
N PHE C 203 24.62 11.40 11.21
CA PHE C 203 24.16 10.72 10.01
C PHE C 203 23.57 9.35 10.34
N PHE C 204 24.24 8.60 11.21
CA PHE C 204 23.74 7.30 11.60
C PHE C 204 22.36 7.40 12.23
N THR C 205 22.19 8.32 13.17
CA THR C 205 20.88 8.42 13.81
C THR C 205 19.82 8.90 12.84
N LEU C 206 20.18 9.73 11.86
CA LEU C 206 19.21 10.14 10.86
C LEU C 206 18.70 8.95 10.07
N ILE C 207 19.61 8.12 9.59
CA ILE C 207 19.18 6.94 8.84
C ILE C 207 18.34 6.01 9.71
N ILE C 208 18.75 5.80 10.96
CA ILE C 208 18.03 4.84 11.78
C ILE C 208 16.61 5.32 12.08
N ILE C 209 16.45 6.60 12.43
CA ILE C 209 15.11 7.10 12.71
C ILE C 209 14.25 7.09 11.46
N SER C 210 14.81 7.50 10.32
CA SER C 210 14.05 7.50 9.08
C SER C 210 13.58 6.09 8.72
N SER C 211 14.47 5.11 8.85
CA SER C 211 14.13 3.74 8.52
C SER C 211 13.30 3.04 9.59
N TYR C 212 13.20 3.61 10.79
CA TYR C 212 12.19 3.11 11.72
C TYR C 212 10.81 3.59 11.31
N THR C 213 10.68 4.89 11.03
CA THR C 213 9.37 5.43 10.67
C THR C 213 8.86 4.82 9.38
N ALA C 214 9.72 4.68 8.37
CA ALA C 214 9.27 4.11 7.10
C ALA C 214 8.79 2.68 7.27
N ASN C 215 9.53 1.86 8.02
CA ASN C 215 9.10 0.48 8.18
C ASN C 215 7.85 0.38 9.03
N LEU C 216 7.67 1.27 10.00
CA LEU C 216 6.43 1.27 10.76
C LEU C 216 5.25 1.60 9.86
N ALA C 217 5.43 2.54 8.94
CA ALA C 217 4.37 2.81 7.98
C ALA C 217 4.11 1.59 7.12
N ALA C 218 5.15 0.83 6.79
CA ALA C 218 4.94 -0.38 6.00
C ALA C 218 4.10 -1.40 6.74
N PHE C 219 4.43 -1.68 8.01
CA PHE C 219 3.54 -2.52 8.83
C PHE C 219 2.11 -2.03 8.82
N LEU C 220 1.89 -0.75 9.14
CA LEU C 220 0.51 -0.31 9.29
C LEU C 220 -0.25 -0.39 7.98
N THR C 221 0.36 0.04 6.88
CA THR C 221 -0.32 -0.01 5.59
C THR C 221 -0.63 -1.45 5.20
N VAL C 222 0.34 -2.35 5.32
CA VAL C 222 0.09 -3.71 4.86
C VAL C 222 -0.95 -4.39 5.73
N GLU C 223 -0.87 -4.21 7.04
CA GLU C 223 -1.88 -4.82 7.90
C GLU C 223 -3.26 -4.29 7.57
N ARG C 224 -3.34 -3.02 7.17
CA ARG C 224 -4.65 -2.43 6.95
C ARG C 224 -5.31 -3.00 5.70
N MET C 225 -4.53 -3.23 4.64
CA MET C 225 -5.11 -3.78 3.41
C MET C 225 -5.00 -5.31 3.41
N VAL C 226 -5.74 -5.91 4.34
CA VAL C 226 -5.88 -7.35 4.44
C VAL C 226 -7.35 -7.70 4.28
N SER C 227 -7.64 -8.69 3.45
CA SER C 227 -9.01 -9.06 3.14
C SER C 227 -9.24 -10.52 3.46
N PRO C 228 -10.15 -10.86 4.36
CA PRO C 228 -10.41 -12.28 4.65
C PRO C 228 -11.17 -12.93 3.51
N ILE C 229 -11.09 -14.26 3.48
CA ILE C 229 -11.80 -15.04 2.47
C ILE C 229 -13.29 -14.97 2.76
N GLU C 230 -14.02 -14.19 1.97
CA GLU C 230 -15.41 -13.92 2.27
C GLU C 230 -16.38 -14.77 1.45
N SER C 231 -16.12 -14.98 0.17
CA SER C 231 -17.02 -15.76 -0.67
C SER C 231 -16.28 -16.95 -1.26
N ALA C 232 -17.02 -17.75 -2.04
CA ALA C 232 -16.41 -18.89 -2.70
C ALA C 232 -15.45 -18.47 -3.80
N GLU C 233 -15.73 -17.36 -4.48
CA GLU C 233 -14.84 -16.89 -5.52
C GLU C 233 -13.47 -16.54 -4.95
N ASP C 234 -13.46 -15.85 -3.80
CA ASP C 234 -12.19 -15.49 -3.17
C ASP C 234 -11.41 -16.74 -2.78
N LEU C 235 -12.10 -17.75 -2.27
CA LEU C 235 -11.43 -19.01 -1.94
C LEU C 235 -10.97 -19.74 -3.19
N ALA C 236 -11.62 -19.51 -4.33
CA ALA C 236 -11.18 -20.13 -5.56
C ALA C 236 -9.90 -19.49 -6.08
N LYS C 237 -9.86 -18.15 -6.14
CA LYS C 237 -8.67 -17.46 -6.60
C LYS C 237 -7.50 -17.72 -5.65
N GLN C 238 -7.75 -17.63 -4.35
CA GLN C 238 -6.74 -17.97 -3.36
C GLN C 238 -6.38 -19.45 -3.48
N THR C 239 -5.11 -19.77 -3.19
CA THR C 239 -4.63 -21.12 -3.42
C THR C 239 -3.80 -21.73 -2.30
N GLU C 240 -3.62 -21.06 -1.17
CA GLU C 240 -2.70 -21.60 -0.17
C GLU C 240 -3.38 -22.21 1.05
N ILE C 241 -4.68 -22.02 1.24
CA ILE C 241 -5.41 -22.73 2.29
C ILE C 241 -6.24 -23.83 1.63
N ALA C 242 -6.37 -24.95 2.32
CA ALA C 242 -7.04 -26.11 1.77
C ALA C 242 -8.46 -26.22 2.31
N TYR C 243 -9.37 -26.67 1.46
CA TYR C 243 -10.77 -26.87 1.80
C TYR C 243 -11.17 -28.30 1.50
N GLY C 244 -11.91 -28.91 2.42
CA GLY C 244 -12.29 -30.30 2.26
C GLY C 244 -13.72 -30.55 2.69
N THR C 245 -14.36 -31.47 1.98
CA THR C 245 -15.72 -31.89 2.25
C THR C 245 -15.72 -33.26 2.94
N LEU C 246 -16.91 -33.78 3.16
CA LEU C 246 -17.03 -35.14 3.67
C LEU C 246 -16.61 -36.14 2.60
N ALA C 247 -16.21 -37.33 3.07
CA ALA C 247 -15.70 -38.34 2.15
C ALA C 247 -16.75 -38.75 1.12
N ALA C 248 -17.98 -38.98 1.58
CA ALA C 248 -19.06 -39.39 0.69
C ALA C 248 -20.35 -38.75 1.18
N GLY C 249 -20.92 -37.87 0.37
CA GLY C 249 -22.14 -37.18 0.78
C GLY C 249 -22.72 -36.41 -0.38
N SER C 250 -23.81 -35.69 -0.09
CA SER C 250 -24.47 -34.89 -1.10
C SER C 250 -23.66 -33.68 -1.54
N THR C 251 -22.59 -33.34 -0.82
CA THR C 251 -21.78 -32.18 -1.17
C THR C 251 -20.61 -32.53 -2.07
N LYS C 252 -19.95 -33.67 -1.85
CA LYS C 252 -18.88 -34.07 -2.75
C LYS C 252 -19.44 -34.43 -4.12
N GLU C 253 -20.52 -35.21 -4.15
CA GLU C 253 -21.17 -35.53 -5.40
C GLU C 253 -21.70 -34.27 -6.09
N PHE C 254 -22.12 -33.28 -5.31
CA PHE C 254 -22.43 -31.98 -5.88
C PHE C 254 -21.26 -31.44 -6.68
N PHE C 255 -20.08 -31.42 -6.08
CA PHE C 255 -18.94 -30.84 -6.76
C PHE C 255 -18.54 -31.64 -7.99
N ARG C 256 -18.59 -32.97 -7.88
CA ARG C 256 -18.24 -33.82 -9.03
C ARG C 256 -19.20 -33.59 -10.18
N ARG C 257 -20.51 -33.55 -9.90
CA ARG C 257 -21.50 -33.35 -10.95
C ARG C 257 -21.60 -31.90 -11.37
N SER C 258 -21.11 -30.97 -10.57
CA SER C 258 -21.20 -29.55 -10.89
C SER C 258 -20.35 -29.21 -12.11
N LYS C 259 -20.89 -28.38 -12.98
CA LYS C 259 -20.15 -27.84 -14.13
C LYS C 259 -20.20 -26.32 -14.00
N ILE C 260 -19.29 -25.79 -13.20
CA ILE C 260 -19.12 -24.35 -13.02
C ILE C 260 -17.62 -24.07 -12.97
N ALA C 261 -17.20 -23.00 -13.64
CA ALA C 261 -15.77 -22.69 -13.70
C ALA C 261 -15.16 -22.61 -12.30
N VAL C 262 -15.85 -21.92 -11.38
CA VAL C 262 -15.36 -21.84 -10.01
C VAL C 262 -15.44 -23.20 -9.33
N ALA C 263 -16.58 -23.87 -9.46
CA ALA C 263 -16.76 -25.15 -8.79
C ALA C 263 -15.80 -26.20 -9.35
N ALA C 264 -15.67 -26.27 -10.68
CA ALA C 264 -14.74 -27.23 -11.26
C ALA C 264 -13.31 -26.92 -10.87
N LYS C 265 -12.97 -25.64 -10.73
CA LYS C 265 -11.64 -25.28 -10.24
C LYS C 265 -11.41 -25.83 -8.84
N MET C 266 -12.43 -25.74 -7.98
CA MET C 266 -12.31 -26.33 -6.66
C MET C 266 -12.20 -27.86 -6.74
N TRP C 267 -13.07 -28.48 -7.53
CA TRP C 267 -13.05 -29.93 -7.62
C TRP C 267 -11.72 -30.43 -8.16
N ALA C 268 -11.16 -29.74 -9.15
CA ALA C 268 -9.83 -30.08 -9.62
C ALA C 268 -8.81 -29.95 -8.50
N TYR C 269 -9.01 -28.97 -7.62
CA TYR C 269 -8.12 -28.81 -6.47
C TYR C 269 -8.30 -29.94 -5.47
N MET C 270 -9.55 -30.24 -5.11
CA MET C 270 -9.78 -31.24 -4.08
C MET C 270 -9.52 -32.65 -4.57
N ALA C 271 -9.54 -32.88 -5.88
CA ALA C 271 -9.30 -34.22 -6.41
C ALA C 271 -7.89 -34.69 -6.05
N SER C 272 -6.90 -33.80 -6.18
CA SER C 272 -5.50 -34.15 -5.92
C SER C 272 -4.95 -33.20 -4.88
N ALA C 273 -4.45 -33.76 -3.78
CA ALA C 273 -3.78 -32.98 -2.75
C ALA C 273 -2.86 -33.92 -1.98
N GLU C 274 -1.69 -33.41 -1.58
CA GLU C 274 -0.73 -34.28 -0.91
C GLU C 274 -1.28 -34.86 0.38
N PRO C 275 -1.89 -34.09 1.28
CA PRO C 275 -2.78 -34.69 2.28
C PRO C 275 -4.16 -34.92 1.68
N SER C 276 -4.95 -35.73 2.37
CA SER C 276 -6.34 -35.95 1.98
C SER C 276 -7.17 -34.78 2.50
N VAL C 277 -7.62 -33.91 1.59
CA VAL C 277 -8.46 -32.80 2.01
C VAL C 277 -9.80 -33.30 2.52
N PHE C 278 -10.33 -34.36 1.93
CA PHE C 278 -11.60 -34.92 2.36
C PHE C 278 -11.49 -35.43 3.79
N ALA C 279 -12.55 -35.28 4.56
CA ALA C 279 -12.62 -35.76 5.94
C ALA C 279 -13.63 -36.90 6.02
N ALA C 280 -13.33 -37.89 6.85
CA ALA C 280 -14.21 -39.05 6.95
C ALA C 280 -15.51 -38.73 7.66
N THR C 281 -15.44 -37.99 8.76
CA THR C 281 -16.61 -37.69 9.57
C THR C 281 -16.71 -36.19 9.78
N THR C 282 -17.95 -35.71 9.89
CA THR C 282 -18.16 -34.28 10.08
C THR C 282 -17.61 -33.82 11.43
N ALA C 283 -17.60 -34.69 12.44
CA ALA C 283 -16.90 -34.35 13.67
C ALA C 283 -15.41 -34.19 13.41
N ALA C 284 -14.84 -35.07 12.57
CA ALA C 284 -13.44 -34.92 12.20
C ALA C 284 -13.22 -33.64 11.40
N GLY C 285 -14.16 -33.31 10.51
CA GLY C 285 -14.01 -32.10 9.71
C GLY C 285 -13.94 -30.84 10.56
N ALA C 286 -14.78 -30.76 11.59
CA ALA C 286 -14.72 -29.62 12.48
C ALA C 286 -13.38 -29.55 13.21
N ALA C 287 -12.88 -30.71 13.67
CA ALA C 287 -11.61 -30.74 14.39
C ALA C 287 -10.46 -30.33 13.48
N ARG C 288 -10.48 -30.78 12.22
CA ARG C 288 -9.37 -30.47 11.32
C ARG C 288 -9.23 -28.98 11.09
N VAL C 289 -10.36 -28.27 10.95
CA VAL C 289 -10.31 -26.82 10.78
C VAL C 289 -9.75 -26.15 12.03
N ARG C 290 -10.21 -26.58 13.20
CA ARG C 290 -9.74 -25.97 14.44
C ARG C 290 -8.25 -26.14 14.63
N LYS C 291 -7.74 -27.34 14.35
CA LYS C 291 -6.31 -27.60 14.54
C LYS C 291 -5.47 -26.95 13.45
N ALA C 292 -6.03 -26.74 12.26
CA ALA C 292 -5.26 -26.20 11.14
C ALA C 292 -4.98 -24.71 11.29
N LYS C 293 -5.62 -24.03 12.25
CA LYS C 293 -5.38 -22.62 12.51
C LYS C 293 -5.56 -21.78 11.24
N GLY C 294 -6.65 -22.02 10.53
CA GLY C 294 -6.99 -21.28 9.34
C GLY C 294 -6.61 -21.94 8.03
N LYS C 295 -5.87 -23.05 8.08
CA LYS C 295 -5.48 -23.73 6.85
C LYS C 295 -6.66 -24.47 6.22
N ALA C 296 -7.44 -25.18 7.04
CA ALA C 296 -8.56 -25.97 6.55
C ALA C 296 -9.84 -25.14 6.54
N ALA C 297 -10.64 -25.32 5.50
CA ALA C 297 -11.91 -24.60 5.32
C ALA C 297 -12.99 -25.61 4.90
N ALA C 298 -13.69 -26.17 5.87
CA ALA C 298 -14.69 -27.18 5.58
C ALA C 298 -15.83 -26.60 4.76
N LEU C 299 -16.49 -27.46 3.98
CA LEU C 299 -17.64 -27.07 3.17
C LEU C 299 -18.82 -27.95 3.56
N LEU C 300 -19.67 -27.44 4.45
CA LEU C 300 -20.79 -28.22 4.95
C LEU C 300 -22.08 -27.45 4.75
N GLU C 301 -23.20 -28.10 5.05
CA GLU C 301 -24.50 -27.48 4.87
C GLU C 301 -24.67 -26.30 5.81
N SER C 302 -25.43 -25.31 5.36
CA SER C 302 -25.51 -24.04 6.08
C SER C 302 -26.07 -24.22 7.49
N THR C 303 -27.09 -25.06 7.65
CA THR C 303 -27.68 -25.19 8.98
C THR C 303 -26.71 -25.79 9.99
N MET C 304 -25.96 -26.81 9.60
CA MET C 304 -24.98 -27.37 10.52
C MET C 304 -23.88 -26.36 10.81
N ASN C 305 -23.48 -25.57 9.82
CA ASN C 305 -22.48 -24.55 10.04
C ASN C 305 -22.96 -23.54 11.08
N GLU C 306 -24.21 -23.09 10.94
CA GLU C 306 -24.76 -22.14 11.89
C GLU C 306 -24.99 -22.76 13.25
N TYR C 307 -25.15 -24.07 13.32
CA TYR C 307 -25.24 -24.68 14.65
C TYR C 307 -23.88 -24.79 15.31
N ILE C 308 -22.85 -25.15 14.54
CA ILE C 308 -21.54 -25.33 15.12
C ILE C 308 -20.97 -23.99 15.57
N GLU C 309 -21.08 -22.96 14.73
CA GLU C 309 -20.50 -21.68 15.11
C GLU C 309 -21.21 -21.04 16.28
N GLN C 310 -22.37 -21.55 16.69
CA GLN C 310 -23.18 -20.93 17.72
C GLN C 310 -23.20 -21.74 19.00
N ARG C 311 -23.65 -23.00 18.95
CA ARG C 311 -23.75 -23.86 20.13
C ARG C 311 -22.51 -24.74 20.29
N LYS C 312 -21.35 -24.23 19.92
CA LYS C 312 -20.06 -24.84 20.20
C LYS C 312 -19.08 -23.71 20.52
N PRO C 313 -18.03 -23.99 21.27
CA PRO C 313 -17.04 -22.94 21.60
C PRO C 313 -16.54 -22.26 20.33
N CYS C 314 -16.64 -20.93 20.32
CA CYS C 314 -16.51 -20.17 19.09
C CYS C 314 -15.08 -20.12 18.57
N ASP C 315 -14.57 -21.27 18.13
CA ASP C 315 -13.30 -21.28 17.41
C ASP C 315 -13.48 -21.14 15.91
N THR C 316 -14.70 -21.32 15.40
CA THR C 316 -14.98 -21.29 13.98
C THR C 316 -16.12 -20.32 13.72
N MET C 317 -16.32 -20.00 12.44
CA MET C 317 -17.40 -19.12 12.04
C MET C 317 -17.76 -19.40 10.60
N LYS C 318 -18.97 -18.98 10.22
CA LYS C 318 -19.48 -19.13 8.87
C LYS C 318 -19.37 -17.81 8.13
N VAL C 319 -18.72 -17.82 6.98
CA VAL C 319 -18.51 -16.62 6.21
C VAL C 319 -19.03 -16.82 4.80
N GLY C 320 -19.75 -15.83 4.30
CA GLY C 320 -20.21 -15.89 2.92
C GLY C 320 -21.52 -16.61 2.77
N GLY C 321 -22.28 -16.20 1.75
CA GLY C 321 -23.56 -16.81 1.51
C GLY C 321 -23.42 -18.22 0.99
N ASN C 322 -24.48 -19.00 1.21
CA ASN C 322 -24.50 -20.37 0.75
C ASN C 322 -24.51 -20.45 -0.77
N LEU C 323 -23.87 -21.50 -1.30
CA LEU C 323 -23.64 -21.58 -2.74
C LEU C 323 -24.85 -22.10 -3.49
N ASP C 324 -25.47 -23.16 -2.99
CA ASP C 324 -26.62 -23.79 -3.63
C ASP C 324 -27.82 -23.74 -2.71
N SER C 325 -28.92 -24.36 -3.13
CA SER C 325 -30.15 -24.32 -2.37
C SER C 325 -30.71 -25.74 -2.22
N LYS C 326 -31.43 -25.94 -1.13
CA LYS C 326 -32.01 -27.23 -0.78
C LYS C 326 -33.31 -26.93 -0.04
N GLY C 327 -33.81 -27.90 0.72
CA GLY C 327 -34.99 -27.67 1.49
C GLY C 327 -35.43 -28.91 2.21
N TYR C 328 -36.00 -28.76 3.39
CA TYR C 328 -36.47 -29.90 4.16
C TYR C 328 -37.99 -29.97 4.13
N GLY C 329 -38.54 -31.16 3.99
CA GLY C 329 -39.97 -31.25 4.00
C GLY C 329 -40.51 -32.38 4.83
N ALA C 330 -41.61 -32.15 5.54
CA ALA C 330 -42.25 -33.20 6.34
C ALA C 330 -42.93 -34.16 5.39
N ALA C 331 -42.14 -35.08 4.83
CA ALA C 331 -42.60 -35.99 3.77
C ALA C 331 -43.69 -36.94 4.27
N THR C 332 -44.56 -37.34 3.35
CA THR C 332 -45.61 -38.32 3.58
C THR C 332 -45.61 -39.36 2.46
N PRO C 333 -46.06 -40.58 2.74
CA PRO C 333 -45.93 -41.65 1.75
C PRO C 333 -46.76 -41.35 0.52
N LYS C 334 -46.30 -41.84 -0.62
CA LYS C 334 -46.91 -41.48 -1.89
C LYS C 334 -48.38 -41.86 -1.91
N GLY C 335 -49.22 -40.90 -2.30
CA GLY C 335 -50.64 -41.14 -2.35
C GLY C 335 -51.29 -41.48 -1.02
N SER C 336 -51.00 -40.69 0.01
CA SER C 336 -51.62 -40.90 1.32
C SER C 336 -52.58 -39.75 1.63
N ALA C 337 -53.37 -39.96 2.68
CA ALA C 337 -54.41 -39.01 3.07
C ALA C 337 -53.90 -37.89 3.96
N LEU C 338 -52.63 -37.90 4.32
CA LEU C 338 -52.00 -36.83 5.11
C LEU C 338 -51.04 -36.03 4.25
N ARG C 339 -51.42 -35.77 3.00
CA ARG C 339 -50.58 -34.94 2.13
C ARG C 339 -51.03 -33.49 2.16
N ALA C 340 -52.28 -33.24 1.77
CA ALA C 340 -52.76 -31.87 1.75
C ALA C 340 -52.78 -31.23 3.13
N PRO C 341 -53.34 -31.86 4.18
CA PRO C 341 -53.32 -31.18 5.48
C PRO C 341 -51.93 -30.90 6.00
N VAL C 342 -50.96 -31.77 5.74
CA VAL C 342 -49.60 -31.48 6.19
C VAL C 342 -48.98 -30.35 5.39
N ASN C 343 -49.22 -30.31 4.07
CA ASN C 343 -48.71 -29.19 3.29
C ASN C 343 -49.30 -27.87 3.79
N LEU C 344 -50.59 -27.87 4.08
CA LEU C 344 -51.21 -26.68 4.65
C LEU C 344 -50.63 -26.34 6.00
N ALA C 345 -50.39 -27.35 6.84
CA ALA C 345 -49.84 -27.08 8.16
C ALA C 345 -48.48 -26.44 8.07
N VAL C 346 -47.60 -26.94 7.20
CA VAL C 346 -46.29 -26.35 7.07
C VAL C 346 -46.38 -24.92 6.54
N LEU C 347 -47.21 -24.70 5.52
CA LEU C 347 -47.29 -23.34 4.97
C LEU C 347 -47.84 -22.35 5.99
N LYS C 348 -48.88 -22.75 6.73
CA LYS C 348 -49.43 -21.87 7.74
C LYS C 348 -48.46 -21.65 8.90
N LEU C 349 -47.69 -22.66 9.27
CA LEU C 349 -46.68 -22.45 10.30
C LEU C 349 -45.65 -21.44 9.85
N ALA C 350 -45.15 -21.58 8.63
CA ALA C 350 -44.14 -20.65 8.16
C ALA C 350 -44.69 -19.24 8.05
N GLU C 351 -45.98 -19.09 7.72
CA GLU C 351 -46.54 -17.74 7.59
C GLU C 351 -46.57 -17.02 8.93
N GLN C 352 -46.89 -17.73 10.01
CA GLN C 352 -46.98 -17.14 11.34
C GLN C 352 -45.66 -17.11 12.08
N GLY C 353 -44.58 -17.56 11.47
CA GLY C 353 -43.28 -17.49 12.10
C GLY C 353 -43.00 -18.57 13.13
N ALA C 354 -43.90 -19.52 13.32
CA ALA C 354 -43.65 -20.59 14.27
C ALA C 354 -42.49 -21.47 13.84
N LEU C 355 -42.04 -21.36 12.58
CA LEU C 355 -40.79 -21.99 12.18
C LEU C 355 -39.59 -21.08 12.36
N ASP C 356 -39.82 -19.76 12.44
CA ASP C 356 -38.72 -18.84 12.72
C ASP C 356 -38.52 -18.64 14.21
N LYS C 357 -39.59 -18.76 15.00
CA LYS C 357 -39.41 -18.74 16.44
C LYS C 357 -38.70 -19.99 16.93
N LEU C 358 -38.93 -21.12 16.26
CA LEU C 358 -38.29 -22.37 16.70
C LEU C 358 -36.83 -22.41 16.30
N LYS C 359 -36.50 -21.95 15.08
CA LYS C 359 -35.10 -21.94 14.67
C LYS C 359 -34.29 -21.01 15.54
N ALA C 360 -34.83 -19.82 15.84
CA ALA C 360 -34.12 -18.89 16.70
C ALA C 360 -33.96 -19.43 18.11
N LYS C 361 -34.74 -20.44 18.49
CA LYS C 361 -34.59 -21.01 19.82
C LYS C 361 -33.41 -21.98 19.89
N TRP C 362 -33.50 -23.09 19.17
CA TRP C 362 -32.49 -24.14 19.32
C TRP C 362 -31.15 -23.75 18.74
N TRP C 363 -31.10 -22.79 17.82
CA TRP C 363 -29.81 -22.36 17.30
C TRP C 363 -29.18 -21.29 18.17
N TYR C 364 -29.95 -20.26 18.53
CA TYR C 364 -29.42 -19.12 19.26
C TYR C 364 -29.79 -19.12 20.74
N ASP C 365 -31.06 -19.32 21.06
CA ASP C 365 -31.52 -19.17 22.44
C ASP C 365 -30.97 -20.24 23.37
N LYS C 366 -30.32 -21.27 22.84
CA LYS C 366 -29.65 -22.27 23.66
C LYS C 366 -28.19 -22.44 23.24
N GLY C 367 -27.62 -21.41 22.62
CA GLY C 367 -26.26 -21.50 22.13
C GLY C 367 -25.26 -21.56 23.27
N GLU C 368 -24.43 -22.60 23.28
CA GLU C 368 -23.43 -22.75 24.35
C GLU C 368 -22.43 -21.61 24.32
N CYS C 369 -21.91 -21.27 23.13
CA CYS C 369 -21.03 -20.13 23.03
C CYS C 369 -21.76 -18.82 23.26
N GLY C 370 -23.07 -18.81 23.11
CA GLY C 370 -23.84 -17.61 23.36
C GLY C 370 -23.64 -16.57 22.28
N ALA C 371 -24.33 -15.45 22.47
CA ALA C 371 -24.30 -14.34 21.52
C ALA C 371 -23.64 -13.11 22.14
N ALA C 372 -22.55 -13.32 22.87
CA ALA C 372 -21.80 -12.20 23.43
C ALA C 372 -21.25 -11.35 22.29
N ALA C 373 -21.47 -10.03 22.39
CA ALA C 373 -21.14 -9.08 21.33
C ALA C 373 -21.77 -9.51 20.00
N ALA C 374 -23.04 -9.90 20.07
CA ALA C 374 -23.76 -10.32 18.87
C ALA C 374 -23.86 -9.19 17.86
N ALA C 375 -24.11 -7.98 18.34
CA ALA C 375 -24.15 -6.82 17.45
C ALA C 375 -22.77 -6.59 16.83
N SER C 376 -22.76 -6.15 15.58
CA SER C 376 -21.52 -5.92 14.86
C SER C 376 -20.67 -4.87 15.56
N LYS C 377 -19.38 -5.17 15.73
CA LYS C 377 -18.42 -4.26 16.36
C LYS C 377 -17.21 -4.14 15.44
N ASP C 378 -17.11 -3.02 14.73
CA ASP C 378 -16.01 -2.77 13.81
C ASP C 378 -15.05 -1.79 14.48
N LYS C 379 -13.87 -2.29 14.85
CA LYS C 379 -12.86 -1.45 15.47
C LYS C 379 -12.35 -0.41 14.47
N THR C 380 -12.03 0.77 14.99
CA THR C 380 -11.49 1.83 14.15
C THR C 380 -10.05 1.51 13.77
N SER C 381 -9.54 2.26 12.79
CA SER C 381 -8.19 2.06 12.30
C SER C 381 -7.16 2.93 13.03
N ALA C 382 -7.59 3.68 14.04
CA ALA C 382 -6.67 4.49 14.82
C ALA C 382 -5.85 3.64 15.78
N LEU C 383 -4.62 4.08 16.03
CA LEU C 383 -3.76 3.38 16.96
C LEU C 383 -4.37 3.41 18.35
N SER C 384 -4.64 2.24 18.90
CA SER C 384 -5.18 2.16 20.25
C SER C 384 -4.04 2.25 21.26
N LEU C 385 -4.41 2.56 22.50
CA LEU C 385 -3.42 2.65 23.56
C LEU C 385 -2.74 1.32 23.82
N SER C 386 -3.31 0.23 23.34
CA SER C 386 -2.69 -1.07 23.53
C SER C 386 -1.50 -1.30 22.62
N ASN C 387 -1.40 -0.55 21.52
CA ASN C 387 -0.23 -0.70 20.64
C ASN C 387 1.01 -0.06 21.26
N VAL C 388 0.87 1.10 21.88
CA VAL C 388 2.02 1.86 22.35
C VAL C 388 2.05 1.93 23.86
N ALA C 389 1.57 0.89 24.54
CA ALA C 389 1.59 0.90 25.99
C ALA C 389 3.01 0.75 26.52
N GLY C 390 3.90 0.15 25.74
CA GLY C 390 5.25 -0.08 26.21
C GLY C 390 5.98 1.22 26.52
N VAL C 391 5.82 2.22 25.67
CA VAL C 391 6.53 3.47 25.88
C VAL C 391 5.97 4.21 27.08
N PHE C 392 4.68 4.03 27.39
CA PHE C 392 4.13 4.63 28.61
C PHE C 392 4.65 3.93 29.86
N TYR C 393 4.76 2.60 29.82
CA TYR C 393 5.41 1.91 30.94
C TYR C 393 6.82 2.42 31.15
N ILE C 394 7.57 2.56 30.05
CA ILE C 394 8.95 3.03 30.15
C ILE C 394 8.99 4.43 30.75
N LEU C 395 8.11 5.32 30.29
CA LEU C 395 8.15 6.70 30.78
C LEU C 395 7.84 6.77 32.27
N ALA C 396 6.79 6.07 32.72
CA ALA C 396 6.46 6.12 34.14
C ALA C 396 7.57 5.51 34.98
N GLY C 397 8.20 4.44 34.48
CA GLY C 397 9.33 3.88 35.18
C GLY C 397 10.51 4.83 35.24
N GLY C 398 10.74 5.58 34.16
CA GLY C 398 11.82 6.55 34.15
C GLY C 398 11.60 7.66 35.16
N LEU C 399 10.37 8.14 35.28
CA LEU C 399 10.10 9.16 36.29
C LEU C 399 10.28 8.60 37.69
N GLY C 400 9.84 7.35 37.92
CA GLY C 400 10.06 6.75 39.22
C GLY C 400 11.53 6.63 39.58
N LEU C 401 12.35 6.22 38.62
CA LEU C 401 13.80 6.12 38.86
C LEU C 401 14.43 7.50 39.06
N ALA C 402 13.98 8.50 38.31
CA ALA C 402 14.51 9.84 38.49
C ALA C 402 14.20 10.37 39.88
N MET C 403 13.01 10.09 40.38
CA MET C 403 12.68 10.51 41.74
C MET C 403 13.39 9.69 42.80
N ALA C 404 13.83 8.47 42.48
CA ALA C 404 14.71 7.79 43.44
C ALA C 404 16.09 8.42 43.49
N VAL C 405 16.67 8.73 42.32
CA VAL C 405 18.01 9.32 42.29
C VAL C 405 18.00 10.72 42.90
N ALA C 406 16.95 11.50 42.63
CA ALA C 406 16.88 12.87 43.14
C ALA C 406 16.68 12.92 44.63
N LEU C 407 16.30 11.81 45.25
CA LEU C 407 16.30 11.77 46.70
C LEU C 407 17.60 11.21 47.25
N ILE C 408 18.22 10.27 46.55
CA ILE C 408 19.51 9.77 47.01
C ILE C 408 20.53 10.91 47.05
N GLU C 409 20.51 11.77 46.03
CA GLU C 409 21.45 12.90 46.02
C GLU C 409 21.20 13.83 47.21
N PHE C 410 19.95 14.13 47.50
CA PHE C 410 19.67 15.07 48.58
C PHE C 410 19.98 14.47 49.94
N CYS C 411 19.67 13.20 50.13
CA CYS C 411 20.05 12.55 51.38
C CYS C 411 21.57 12.42 51.50
N TYR C 412 22.27 12.40 50.37
CA TYR C 412 23.73 12.38 50.39
C TYR C 412 24.28 13.67 51.01
N LYS C 413 23.71 14.81 50.64
CA LYS C 413 24.17 16.09 51.18
C LYS C 413 23.43 16.45 52.46
N VAL D 1 -4.81 -48.79 -34.80
CA VAL D 1 -3.40 -48.96 -34.47
C VAL D 1 -2.66 -47.65 -34.63
N VAL D 2 -2.69 -46.82 -33.59
CA VAL D 2 -2.07 -45.51 -33.59
C VAL D 2 -0.94 -45.50 -32.57
N THR D 3 0.19 -44.96 -32.96
CA THR D 3 1.32 -44.88 -32.05
C THR D 3 1.12 -43.72 -31.07
N THR D 4 2.13 -43.46 -30.27
CA THR D 4 2.13 -42.37 -29.30
C THR D 4 3.56 -42.24 -28.77
N ILE D 5 3.73 -41.47 -27.69
CA ILE D 5 5.03 -41.33 -27.05
C ILE D 5 4.77 -41.02 -25.58
N LEU D 6 5.81 -41.13 -24.76
CA LEU D 6 5.68 -41.14 -23.30
C LEU D 6 5.83 -39.78 -22.66
N GLU D 7 5.90 -38.69 -23.42
CA GLU D 7 6.10 -37.38 -22.81
C GLU D 7 4.99 -37.08 -21.82
N SER D 8 5.37 -36.61 -20.64
CA SER D 8 4.46 -36.60 -19.50
C SER D 8 3.18 -35.83 -19.72
N PRO D 9 3.18 -34.58 -20.20
CA PRO D 9 1.91 -33.85 -20.30
C PRO D 9 1.03 -34.29 -21.46
N TYR D 10 1.52 -35.16 -22.34
CA TYR D 10 0.79 -35.52 -23.55
C TYR D 10 0.19 -36.91 -23.48
N VAL D 11 0.96 -37.90 -23.04
CA VAL D 11 0.49 -39.26 -22.82
C VAL D 11 1.18 -39.78 -21.57
N MET D 12 0.42 -39.96 -20.49
CA MET D 12 1.00 -40.33 -19.21
C MET D 12 0.37 -41.61 -18.70
N MET D 13 1.11 -42.31 -17.85
CA MET D 13 0.63 -43.53 -17.22
C MET D 13 0.14 -43.11 -15.84
N LYS D 14 -1.14 -43.35 -15.56
CA LYS D 14 -1.73 -42.97 -14.28
C LYS D 14 -1.30 -43.84 -13.10
N LYS D 15 -1.73 -43.45 -11.90
CA LYS D 15 -1.40 -44.20 -10.70
C LYS D 15 -1.97 -45.60 -10.81
N ASN D 16 -1.19 -46.59 -10.38
CA ASN D 16 -1.56 -48.00 -10.50
C ASN D 16 -1.84 -48.35 -11.97
N HIS D 17 -0.79 -48.20 -12.78
CA HIS D 17 -0.90 -48.53 -14.20
C HIS D 17 -1.22 -50.00 -14.43
N GLU D 18 -0.91 -50.87 -13.47
CA GLU D 18 -1.23 -52.28 -13.63
C GLU D 18 -2.74 -52.51 -13.69
N MET D 19 -3.49 -51.85 -12.79
CA MET D 19 -4.94 -52.01 -12.81
C MET D 19 -5.56 -51.33 -14.03
N LEU D 20 -5.06 -50.16 -14.39
CA LEU D 20 -5.55 -49.39 -15.54
C LEU D 20 -4.45 -49.33 -16.58
N GLU D 21 -4.53 -50.23 -17.57
CA GLU D 21 -3.52 -50.31 -18.62
C GLU D 21 -4.20 -50.46 -19.96
N GLY D 22 -3.50 -50.04 -21.01
CA GLY D 22 -4.01 -50.17 -22.36
C GLY D 22 -4.89 -49.02 -22.79
N ASN D 23 -5.48 -49.21 -23.97
CA ASN D 23 -6.33 -48.18 -24.58
C ASN D 23 -7.52 -47.86 -23.69
N GLU D 24 -7.98 -48.83 -22.90
CA GLU D 24 -9.19 -48.62 -22.11
C GLU D 24 -9.01 -47.47 -21.11
N ARG D 25 -7.83 -47.34 -20.53
CA ARG D 25 -7.58 -46.32 -19.52
C ARG D 25 -6.17 -45.78 -19.69
N TYR D 26 -6.04 -44.66 -20.39
CA TYR D 26 -4.84 -43.84 -20.43
C TYR D 26 -5.18 -42.40 -20.10
N GLU D 27 -4.18 -41.65 -19.65
CA GLU D 27 -4.33 -40.24 -19.35
C GLU D 27 -3.32 -39.45 -20.17
N GLY D 28 -3.76 -38.31 -20.67
CA GLY D 28 -2.88 -37.42 -21.40
C GLY D 28 -3.64 -36.50 -22.32
N TYR D 29 -2.96 -35.43 -22.73
CA TYR D 29 -3.56 -34.52 -23.70
C TYR D 29 -3.75 -35.20 -25.04
N CYS D 30 -2.73 -35.90 -25.53
CA CYS D 30 -2.89 -36.62 -26.78
C CYS D 30 -3.94 -37.72 -26.69
N VAL D 31 -4.16 -38.26 -25.49
CA VAL D 31 -5.21 -39.26 -25.33
C VAL D 31 -6.57 -38.65 -25.59
N ASP D 32 -6.83 -37.47 -25.01
CA ASP D 32 -8.10 -36.79 -25.27
C ASP D 32 -8.19 -36.37 -26.74
N LEU D 33 -7.06 -36.00 -27.35
CA LEU D 33 -7.09 -35.67 -28.76
C LEU D 33 -7.50 -36.87 -29.60
N ALA D 34 -6.93 -38.04 -29.30
CA ALA D 34 -7.32 -39.24 -30.03
C ALA D 34 -8.78 -39.56 -29.82
N ALA D 35 -9.27 -39.42 -28.59
CA ALA D 35 -10.67 -39.68 -28.33
C ALA D 35 -11.55 -38.76 -29.16
N GLU D 36 -11.20 -37.48 -29.25
CA GLU D 36 -12.04 -36.55 -30.00
C GLU D 36 -11.91 -36.78 -31.50
N ILE D 37 -10.73 -37.12 -31.99
CA ILE D 37 -10.57 -37.37 -33.41
C ILE D 37 -11.33 -38.61 -33.82
N ALA D 38 -11.49 -39.57 -32.89
CA ALA D 38 -12.35 -40.71 -33.17
C ALA D 38 -13.82 -40.33 -33.08
N LYS D 39 -14.19 -39.45 -32.14
CA LYS D 39 -15.58 -39.01 -32.05
C LYS D 39 -16.02 -38.28 -33.31
N HIS D 40 -15.13 -37.48 -33.89
CA HIS D 40 -15.44 -36.85 -35.18
C HIS D 40 -15.31 -37.82 -36.33
N CYS D 41 -14.32 -38.70 -36.31
CA CYS D 41 -14.11 -39.69 -37.38
C CYS D 41 -14.11 -41.06 -36.73
N GLY D 42 -15.27 -41.70 -36.69
CA GLY D 42 -15.43 -42.99 -36.05
C GLY D 42 -14.59 -44.09 -36.69
N PHE D 43 -13.71 -44.70 -35.91
CA PHE D 43 -12.83 -45.72 -36.43
C PHE D 43 -12.32 -46.57 -35.27
N LYS D 44 -11.75 -47.72 -35.62
CA LYS D 44 -11.19 -48.66 -34.65
C LYS D 44 -9.71 -48.34 -34.46
N TYR D 45 -9.36 -47.86 -33.28
CA TYR D 45 -7.98 -47.52 -32.94
C TYR D 45 -7.60 -48.18 -31.63
N LYS D 46 -6.39 -48.71 -31.57
CA LYS D 46 -5.83 -49.32 -30.37
C LYS D 46 -4.51 -48.63 -30.06
N LEU D 47 -4.39 -48.11 -28.85
CA LEU D 47 -3.25 -47.27 -28.48
C LEU D 47 -2.01 -48.12 -28.35
N THR D 48 -1.19 -48.15 -29.39
CA THR D 48 0.03 -48.94 -29.42
C THR D 48 1.23 -48.00 -29.33
N ILE D 49 1.72 -47.80 -28.10
CA ILE D 49 2.88 -46.94 -27.89
C ILE D 49 4.05 -47.41 -28.74
N VAL D 50 4.83 -46.46 -29.25
CA VAL D 50 5.97 -46.79 -30.08
C VAL D 50 6.93 -47.68 -29.30
N GLY D 51 7.41 -48.73 -29.96
CA GLY D 51 8.36 -49.61 -29.31
C GLY D 51 9.72 -48.96 -29.07
N ASP D 52 10.19 -48.18 -30.05
CA ASP D 52 11.52 -47.60 -29.94
C ASP D 52 11.58 -46.50 -28.90
N GLY D 53 10.46 -45.82 -28.65
CA GLY D 53 10.40 -44.80 -27.62
C GLY D 53 10.90 -43.43 -28.04
N LYS D 54 11.12 -43.20 -29.33
CA LYS D 54 11.65 -41.93 -29.78
C LYS D 54 10.97 -41.56 -31.10
N TYR D 55 11.29 -40.36 -31.59
CA TYR D 55 10.70 -39.82 -32.79
C TYR D 55 11.56 -40.16 -34.00
N GLY D 56 11.02 -39.92 -35.18
CA GLY D 56 11.67 -40.40 -36.38
C GLY D 56 13.02 -39.76 -36.62
N ALA D 57 13.87 -40.50 -37.31
CA ALA D 57 15.16 -40.04 -37.84
C ALA D 57 15.75 -41.20 -38.64
N ARG D 58 16.61 -40.87 -39.59
CA ARG D 58 17.19 -41.87 -40.47
C ARG D 58 18.70 -41.87 -40.34
N ASP D 59 19.29 -43.05 -40.24
CA ASP D 59 20.74 -43.17 -40.24
C ASP D 59 21.25 -43.05 -41.67
N ALA D 60 22.40 -42.38 -41.83
CA ALA D 60 22.92 -42.11 -43.16
C ALA D 60 23.20 -43.40 -43.93
N ASP D 61 23.79 -44.39 -43.26
CA ASP D 61 24.07 -45.66 -43.91
C ASP D 61 22.85 -46.59 -43.86
N THR D 62 22.24 -46.73 -42.68
CA THR D 62 21.10 -47.63 -42.54
C THR D 62 19.93 -47.19 -43.40
N LYS D 63 19.68 -45.88 -43.46
CA LYS D 63 18.60 -45.32 -44.28
C LYS D 63 17.26 -45.96 -43.95
N ILE D 64 16.95 -46.01 -42.65
CA ILE D 64 15.68 -46.52 -42.17
C ILE D 64 15.11 -45.54 -41.15
N TRP D 65 13.79 -45.52 -41.04
CA TRP D 65 13.11 -44.67 -40.08
C TRP D 65 12.76 -45.47 -38.84
N ASN D 66 12.82 -44.81 -37.70
CA ASN D 66 12.62 -45.46 -36.42
C ASN D 66 11.71 -44.62 -35.55
N GLY D 67 11.01 -45.27 -34.64
CA GLY D 67 10.07 -44.56 -33.80
C GLY D 67 8.73 -44.41 -34.47
N MET D 68 8.11 -43.24 -34.32
CA MET D 68 6.79 -43.04 -34.91
C MET D 68 6.85 -42.68 -36.39
N VAL D 69 8.04 -42.58 -36.98
CA VAL D 69 8.11 -42.53 -38.43
C VAL D 69 8.32 -43.92 -39.01
N GLY D 70 9.18 -44.72 -38.39
CA GLY D 70 9.33 -46.10 -38.84
C GLY D 70 8.08 -46.92 -38.65
N GLU D 71 7.32 -46.63 -37.60
CA GLU D 71 6.06 -47.34 -37.38
C GLU D 71 4.97 -46.93 -38.37
N LEU D 72 5.21 -45.90 -39.17
CA LEU D 72 4.22 -45.40 -40.12
C LEU D 72 4.60 -45.62 -41.57
N VAL D 73 5.85 -45.40 -41.94
CA VAL D 73 6.28 -45.66 -43.30
C VAL D 73 6.20 -47.15 -43.62
N TYR D 74 6.49 -48.00 -42.64
CA TYR D 74 6.51 -49.46 -42.82
C TYR D 74 5.20 -50.12 -42.44
N GLY D 75 4.10 -49.38 -42.44
CA GLY D 75 2.81 -49.99 -42.23
C GLY D 75 2.62 -50.66 -40.89
N LYS D 76 3.48 -50.35 -39.92
CA LYS D 76 3.36 -50.99 -38.62
C LYS D 76 2.16 -50.44 -37.85
N ALA D 77 1.73 -49.23 -38.15
CA ALA D 77 0.59 -48.63 -37.47
C ALA D 77 -0.09 -47.64 -38.39
N ASP D 78 -1.35 -47.32 -38.08
CA ASP D 78 -2.15 -46.42 -38.90
C ASP D 78 -1.62 -44.99 -38.91
N ILE D 79 -1.67 -44.29 -37.79
CA ILE D 79 -1.28 -42.89 -37.67
C ILE D 79 -0.48 -42.70 -36.39
N ALA D 80 -0.13 -41.44 -36.10
CA ALA D 80 0.67 -41.10 -34.92
C ALA D 80 0.12 -39.83 -34.28
N ILE D 81 -0.72 -40.00 -33.26
CA ILE D 81 -1.32 -38.87 -32.56
C ILE D 81 -0.38 -38.50 -31.42
N ALA D 82 0.65 -37.72 -31.73
CA ALA D 82 1.68 -37.39 -30.76
C ALA D 82 2.45 -36.18 -31.29
N PRO D 83 3.20 -35.49 -30.43
CA PRO D 83 3.93 -34.32 -30.89
C PRO D 83 5.04 -34.65 -31.87
N LEU D 84 4.83 -34.34 -33.13
CA LEU D 84 5.87 -34.41 -34.15
C LEU D 84 6.16 -33.00 -34.63
N THR D 85 7.38 -32.55 -34.44
CA THR D 85 7.80 -31.30 -35.03
C THR D 85 7.76 -31.44 -36.54
N ILE D 86 6.79 -30.80 -37.18
CA ILE D 86 6.67 -30.86 -38.62
C ILE D 86 7.96 -30.38 -39.24
N THR D 87 8.49 -31.12 -40.20
CA THR D 87 9.75 -30.73 -40.82
C THR D 87 9.82 -31.32 -42.21
N LEU D 88 10.85 -30.93 -42.95
CA LEU D 88 10.94 -31.27 -44.35
C LEU D 88 11.08 -32.78 -44.56
N VAL D 89 12.04 -33.37 -43.86
CA VAL D 89 12.30 -34.80 -43.96
C VAL D 89 11.10 -35.68 -43.62
N ARG D 90 10.46 -35.38 -42.48
CA ARG D 90 9.30 -36.16 -42.04
C ARG D 90 8.14 -36.06 -43.03
N GLU D 91 7.90 -34.86 -43.54
CA GLU D 91 6.83 -34.63 -44.50
C GLU D 91 7.06 -35.43 -45.78
N GLU D 92 8.31 -35.46 -46.22
CA GLU D 92 8.68 -36.18 -47.44
C GLU D 92 8.36 -37.66 -47.39
N VAL D 93 8.12 -38.19 -46.19
CA VAL D 93 7.82 -39.61 -46.05
C VAL D 93 6.45 -39.86 -45.45
N ILE D 94 5.88 -38.90 -44.73
CA ILE D 94 4.56 -39.06 -44.15
C ILE D 94 3.68 -37.98 -44.76
N ASP D 95 2.38 -37.97 -44.43
CA ASP D 95 1.49 -36.88 -44.79
C ASP D 95 1.03 -36.21 -43.50
N PHE D 96 1.38 -34.94 -43.34
CA PHE D 96 1.18 -34.23 -42.08
C PHE D 96 -0.12 -33.45 -42.07
N SER D 97 -0.79 -33.48 -40.91
CA SER D 97 -1.96 -32.65 -40.69
C SER D 97 -1.59 -31.18 -40.71
N LYS D 98 -2.60 -30.33 -40.66
CA LYS D 98 -2.35 -28.94 -40.33
C LYS D 98 -1.95 -28.86 -38.86
N PRO D 99 -0.96 -28.05 -38.52
CA PRO D 99 -0.47 -28.02 -37.14
C PRO D 99 -1.56 -27.80 -36.13
N PHE D 100 -1.74 -28.76 -35.23
CA PHE D 100 -2.72 -28.60 -34.16
C PHE D 100 -2.16 -27.86 -32.96
N MET D 101 -0.88 -27.49 -32.98
CA MET D 101 -0.29 -26.66 -31.93
C MET D 101 1.00 -26.07 -32.44
N SER D 102 1.15 -24.76 -32.30
CA SER D 102 2.33 -24.03 -32.73
C SER D 102 3.16 -23.63 -31.52
N LEU D 103 4.46 -23.53 -31.69
CA LEU D 103 5.36 -23.31 -30.57
C LEU D 103 6.69 -22.75 -31.07
N GLY D 104 7.67 -22.70 -30.17
CA GLY D 104 8.96 -22.14 -30.50
C GLY D 104 9.97 -22.41 -29.41
N ILE D 105 11.14 -21.79 -29.56
CA ILE D 105 12.26 -22.00 -28.64
C ILE D 105 12.16 -20.93 -27.56
N SER D 106 11.50 -21.27 -26.47
CA SER D 106 11.30 -20.32 -25.39
C SER D 106 12.60 -20.12 -24.62
N ILE D 107 12.55 -19.21 -23.64
CA ILE D 107 13.68 -18.93 -22.75
C ILE D 107 13.25 -19.21 -21.32
N MET D 108 14.03 -20.00 -20.62
CA MET D 108 13.70 -20.43 -19.27
C MET D 108 14.69 -19.83 -18.30
N ILE D 109 14.19 -19.10 -17.31
CA ILE D 109 15.03 -18.55 -16.26
C ILE D 109 14.38 -18.83 -14.91
N LYS D 110 15.22 -18.81 -13.87
CA LYS D 110 14.73 -18.98 -12.51
C LYS D 110 13.89 -17.79 -12.11
N LYS D 111 12.85 -18.05 -11.34
CA LYS D 111 11.91 -17.01 -10.95
C LYS D 111 12.63 -15.93 -10.15
N PRO D 112 12.51 -14.66 -10.52
CA PRO D 112 13.25 -13.61 -9.82
C PRO D 112 12.72 -13.44 -8.41
N GLN D 113 13.57 -13.72 -7.42
CA GLN D 113 13.22 -13.60 -6.02
C GLN D 113 14.13 -12.60 -5.35
N LYS D 114 13.64 -11.99 -4.26
CA LYS D 114 14.35 -10.90 -3.61
C LYS D 114 15.72 -11.35 -3.15
N SER D 115 16.73 -10.53 -3.44
CA SER D 115 18.10 -10.85 -3.08
C SER D 115 18.38 -10.46 -1.64
N LYS D 116 19.54 -10.87 -1.15
CA LYS D 116 19.99 -10.40 0.15
C LYS D 116 20.30 -8.91 0.06
N PRO D 117 19.81 -8.09 0.98
CA PRO D 117 20.06 -6.65 0.91
C PRO D 117 21.54 -6.35 1.07
N GLY D 118 22.10 -5.69 0.09
CA GLY D 118 23.53 -5.46 0.09
C GLY D 118 23.96 -4.42 1.09
N VAL D 119 25.27 -4.39 1.33
CA VAL D 119 25.86 -3.29 2.05
C VAL D 119 25.59 -2.00 1.28
N PHE D 120 25.51 -0.89 2.00
CA PHE D 120 25.24 0.42 1.40
C PHE D 120 23.89 0.43 0.70
N SER D 121 22.92 -0.29 1.24
CA SER D 121 21.58 -0.25 0.70
C SER D 121 20.76 0.89 1.24
N PHE D 122 21.21 1.53 2.33
CA PHE D 122 20.40 2.57 2.95
C PHE D 122 20.20 3.76 2.04
N LEU D 123 21.06 3.94 1.04
CA LEU D 123 20.96 5.05 0.11
C LEU D 123 20.28 4.67 -1.19
N ASP D 124 19.41 3.67 -1.15
CA ASP D 124 18.60 3.26 -2.28
C ASP D 124 17.41 4.18 -2.54
N PRO D 125 16.69 4.68 -1.52
CA PRO D 125 15.51 5.50 -1.80
C PRO D 125 15.78 6.75 -2.60
N LEU D 126 17.02 7.18 -2.75
CA LEU D 126 17.35 8.34 -3.56
C LEU D 126 18.40 7.96 -4.58
N ALA D 127 18.24 8.46 -5.80
CA ALA D 127 19.17 8.11 -6.87
C ALA D 127 20.56 8.63 -6.57
N TYR D 128 21.54 8.09 -7.28
CA TYR D 128 22.92 8.48 -7.10
C TYR D 128 23.12 9.96 -7.39
N GLU D 129 22.51 10.45 -8.47
CA GLU D 129 22.66 11.85 -8.84
C GLU D 129 22.16 12.76 -7.73
N ILE D 130 21.07 12.37 -7.06
CA ILE D 130 20.56 13.20 -5.98
C ILE D 130 21.54 13.24 -4.81
N TRP D 131 22.16 12.11 -4.49
CA TRP D 131 23.13 12.12 -3.39
C TRP D 131 24.31 13.02 -3.72
N MET D 132 24.82 12.93 -4.95
CA MET D 132 25.95 13.79 -5.29
C MET D 132 25.55 15.25 -5.27
N CYS D 133 24.36 15.57 -5.77
CA CYS D 133 23.90 16.96 -5.73
C CYS D 133 23.70 17.44 -4.30
N ILE D 134 23.31 16.55 -3.40
CA ILE D 134 23.20 16.93 -1.99
C ILE D 134 24.56 17.30 -1.42
N VAL D 135 25.57 16.47 -1.71
CA VAL D 135 26.90 16.75 -1.19
C VAL D 135 27.39 18.10 -1.69
N PHE D 136 27.28 18.34 -2.99
CA PHE D 136 27.82 19.59 -3.49
C PHE D 136 26.94 20.78 -3.18
N ALA D 137 25.65 20.57 -2.93
CA ALA D 137 24.83 21.67 -2.44
C ALA D 137 25.23 22.07 -1.04
N TYR D 138 25.52 21.10 -0.18
CA TYR D 138 25.98 21.43 1.17
C TYR D 138 27.29 22.21 1.11
N ILE D 139 28.24 21.75 0.29
CA ILE D 139 29.50 22.46 0.18
C ILE D 139 29.35 23.82 -0.51
N GLY D 140 28.33 24.01 -1.33
CA GLY D 140 28.10 25.32 -1.90
C GLY D 140 27.47 26.28 -0.93
N VAL D 141 26.49 25.79 -0.15
CA VAL D 141 25.81 26.63 0.82
C VAL D 141 26.77 27.10 1.90
N SER D 142 27.62 26.20 2.40
CA SER D 142 28.55 26.62 3.44
C SER D 142 29.51 27.68 2.93
N VAL D 143 30.02 27.54 1.72
CA VAL D 143 30.94 28.54 1.17
C VAL D 143 30.23 29.87 1.01
N VAL D 144 28.99 29.85 0.51
CA VAL D 144 28.28 31.12 0.32
C VAL D 144 27.98 31.77 1.66
N LEU D 145 27.61 30.98 2.67
CA LEU D 145 27.36 31.54 3.99
C LEU D 145 28.63 32.18 4.55
N PHE D 146 29.77 31.55 4.33
CA PHE D 146 31.04 32.12 4.76
C PHE D 146 31.31 33.44 4.07
N LEU D 147 31.15 33.47 2.74
CA LEU D 147 31.44 34.70 2.00
C LEU D 147 30.50 35.82 2.42
N VAL D 148 29.25 35.49 2.67
CA VAL D 148 28.28 36.50 3.09
C VAL D 148 28.64 37.05 4.46
N SER D 149 28.95 36.18 5.41
CA SER D 149 29.29 36.65 6.75
C SER D 149 30.67 37.30 6.80
N ARG D 150 31.47 37.21 5.74
CA ARG D 150 32.77 37.89 5.72
C ARG D 150 32.86 39.03 4.71
N PHE D 151 31.81 39.35 3.95
CA PHE D 151 31.69 40.69 3.40
C PHE D 151 31.32 41.68 4.50
N SER D 152 30.13 41.55 5.06
CA SER D 152 29.67 42.43 6.12
C SER D 152 30.44 42.22 7.42
N ASN D 174 30.17 37.66 14.11
CA ASN D 174 30.52 37.08 12.83
C ASN D 174 31.61 36.02 12.99
N GLU D 175 31.24 34.92 13.64
CA GLU D 175 32.14 33.78 13.82
C GLU D 175 31.90 32.70 12.79
N PHE D 176 31.35 33.05 11.64
CA PHE D 176 31.01 32.08 10.61
C PHE D 176 32.18 31.87 9.65
N GLY D 177 33.31 31.50 10.21
CA GLY D 177 34.42 31.06 9.39
C GLY D 177 34.06 29.80 8.66
N ILE D 178 34.94 29.37 7.75
CA ILE D 178 34.57 28.23 6.90
C ILE D 178 34.36 26.99 7.75
N PHE D 179 35.26 26.76 8.72
CA PHE D 179 35.13 25.58 9.56
C PHE D 179 33.87 25.64 10.39
N ASN D 180 33.54 26.81 10.92
CA ASN D 180 32.40 26.98 11.79
C ASN D 180 31.09 27.16 11.03
N SER D 181 31.16 27.30 9.72
CA SER D 181 29.97 27.34 8.88
C SER D 181 29.63 26.01 8.25
N LEU D 182 30.64 25.20 7.92
CA LEU D 182 30.36 23.83 7.49
C LEU D 182 29.64 23.06 8.58
N TRP D 183 30.02 23.29 9.83
CA TRP D 183 29.35 22.64 10.95
C TRP D 183 27.91 23.10 11.07
N PHE D 184 27.64 24.39 10.87
CA PHE D 184 26.25 24.85 10.94
C PHE D 184 25.40 24.23 9.84
N SER D 185 25.92 24.19 8.61
CA SER D 185 25.16 23.60 7.51
C SER D 185 24.89 22.12 7.77
N LEU D 186 25.92 21.37 8.22
CA LEU D 186 25.73 19.97 8.51
C LEU D 186 24.75 19.77 9.66
N GLY D 187 24.82 20.60 10.68
CA GLY D 187 23.87 20.48 11.77
C GLY D 187 22.45 20.73 11.31
N ALA D 188 22.26 21.71 10.43
CA ALA D 188 20.92 22.01 9.93
C ALA D 188 20.38 20.91 9.04
N PHE D 189 21.25 20.22 8.29
CA PHE D 189 20.76 19.12 7.45
C PHE D 189 20.32 17.94 8.29
N MET D 190 21.12 17.53 9.27
CA MET D 190 20.81 16.35 10.05
C MET D 190 19.80 16.60 11.13
N ARG D 191 19.01 17.67 11.02
CA ARG D 191 17.89 17.96 11.90
C ARG D 191 18.31 18.23 13.33
N GLN D 192 19.58 18.08 13.66
CA GLN D 192 20.04 18.41 14.99
C GLN D 192 20.12 19.92 15.14
N GLY D 193 19.86 20.40 16.36
CA GLY D 193 19.77 21.82 16.58
C GLY D 193 21.07 22.54 16.26
N CYS D 194 20.93 23.77 15.78
CA CYS D 194 22.09 24.58 15.40
C CYS D 194 22.68 25.28 16.61
N ASP D 195 24.01 25.34 16.66
CA ASP D 195 24.68 26.02 17.77
C ASP D 195 24.44 27.51 17.72
N ILE D 196 24.59 28.13 16.55
CA ILE D 196 24.46 29.56 16.37
C ILE D 196 23.59 29.81 15.15
N SER D 197 23.18 31.06 14.97
CA SER D 197 22.28 31.41 13.88
C SER D 197 22.75 32.70 13.24
N PRO D 198 22.56 32.87 11.94
CA PRO D 198 22.99 34.11 11.29
C PRO D 198 22.20 35.30 11.80
N ARG D 199 22.88 36.45 11.88
CA ARG D 199 22.23 37.65 12.36
C ARG D 199 21.92 38.66 11.26
N SER D 200 22.75 38.74 10.22
CA SER D 200 22.50 39.69 9.15
C SER D 200 21.31 39.23 8.32
N LEU D 201 20.90 40.07 7.38
CA LEU D 201 19.83 39.65 6.47
C LEU D 201 20.35 38.63 5.48
N SER D 202 21.51 38.88 4.90
CA SER D 202 22.00 38.03 3.83
C SER D 202 22.44 36.67 4.32
N GLY D 203 22.83 36.57 5.60
CA GLY D 203 23.04 35.25 6.16
C GLY D 203 21.74 34.53 6.45
N ARG D 204 20.70 35.27 6.83
CA ARG D 204 19.45 34.63 7.18
C ARG D 204 18.73 34.12 5.95
N ILE D 205 18.90 34.76 4.79
CA ILE D 205 18.31 34.22 3.56
C ILE D 205 18.88 32.84 3.26
N VAL D 206 20.20 32.71 3.33
CA VAL D 206 20.85 31.41 3.10
C VAL D 206 20.37 30.39 4.11
N GLY D 207 20.34 30.78 5.39
CA GLY D 207 19.87 29.85 6.40
C GLY D 207 18.48 29.35 6.11
N GLY D 208 17.57 30.26 5.73
CA GLY D 208 16.20 29.85 5.51
C GLY D 208 16.03 28.94 4.31
N VAL D 209 16.68 29.26 3.20
CA VAL D 209 16.51 28.42 2.02
C VAL D 209 17.16 27.07 2.21
N TRP D 210 18.28 26.98 2.93
CA TRP D 210 18.85 25.66 3.19
C TRP D 210 18.00 24.86 4.18
N TRP D 211 17.34 25.52 5.13
CA TRP D 211 16.40 24.80 5.98
C TRP D 211 15.27 24.20 5.18
N PHE D 212 14.69 24.97 4.26
CA PHE D 212 13.62 24.43 3.42
C PHE D 212 14.12 23.24 2.62
N PHE D 213 15.30 23.38 2.00
CA PHE D 213 15.84 22.29 1.20
C PHE D 213 15.99 21.02 2.01
N THR D 214 16.59 21.11 3.20
CA THR D 214 16.77 19.90 4.01
C THR D 214 15.44 19.29 4.39
N LEU D 215 14.45 20.12 4.73
CA LEU D 215 13.15 19.57 5.11
C LEU D 215 12.58 18.74 3.97
N ILE D 216 12.61 19.29 2.76
CA ILE D 216 12.04 18.57 1.62
C ILE D 216 12.80 17.29 1.35
N ILE D 217 14.14 17.33 1.39
CA ILE D 217 14.90 16.12 1.07
C ILE D 217 14.67 15.02 2.10
N ILE D 218 14.66 15.37 3.38
CA ILE D 218 14.45 14.33 4.38
C ILE D 218 13.06 13.73 4.26
N SER D 219 12.05 14.57 4.02
CA SER D 219 10.71 14.03 3.83
C SER D 219 10.66 13.10 2.62
N SER D 220 11.33 13.48 1.53
CA SER D 220 11.34 12.66 0.34
C SER D 220 12.01 11.32 0.61
N TYR D 221 13.14 11.32 1.31
CA TYR D 221 13.83 10.07 1.61
C TYR D 221 12.97 9.15 2.44
N THR D 222 12.38 9.68 3.52
CA THR D 222 11.54 8.82 4.36
C THR D 222 10.36 8.27 3.59
N ALA D 223 9.68 9.11 2.80
CA ALA D 223 8.51 8.65 2.08
C ALA D 223 8.87 7.58 1.06
N ASN D 224 9.92 7.80 0.28
CA ASN D 224 10.27 6.82 -0.73
C ASN D 224 10.75 5.52 -0.10
N LEU D 225 11.44 5.59 1.03
CA LEU D 225 11.80 4.36 1.71
C LEU D 225 10.57 3.61 2.17
N ALA D 226 9.56 4.32 2.67
CA ALA D 226 8.33 3.65 3.05
C ALA D 226 7.69 2.97 1.85
N ALA D 227 7.73 3.63 0.69
CA ALA D 227 7.21 3.01 -0.51
C ALA D 227 7.97 1.75 -0.86
N PHE D 228 9.31 1.79 -0.73
CA PHE D 228 10.10 0.59 -1.01
C PHE D 228 9.70 -0.55 -0.10
N LEU D 229 9.51 -0.27 1.18
CA LEU D 229 9.25 -1.34 2.12
C LEU D 229 7.82 -1.87 2.01
N THR D 230 6.87 -1.03 1.62
CA THR D 230 5.47 -1.46 1.63
C THR D 230 5.16 -2.42 0.50
N VAL D 231 5.31 -1.97 -0.74
CA VAL D 231 5.02 -2.78 -1.91
C VAL D 231 6.33 -3.14 -2.59
N GLU D 232 6.58 -4.42 -2.75
CA GLU D 232 7.78 -4.90 -3.40
C GLU D 232 7.48 -5.20 -4.86
N ARG D 233 8.42 -4.84 -5.73
CA ARG D 233 8.23 -4.95 -7.16
C ARG D 233 9.44 -5.67 -7.74
N MET D 234 9.23 -6.89 -8.23
CA MET D 234 10.30 -7.70 -8.79
C MET D 234 10.32 -7.58 -10.30
N VAL D 235 11.53 -7.48 -10.85
CA VAL D 235 11.72 -7.33 -12.29
C VAL D 235 12.60 -8.47 -12.78
N SER D 236 12.26 -8.98 -13.95
CA SER D 236 13.07 -10.04 -14.56
C SER D 236 14.38 -9.44 -15.06
N PRO D 237 15.52 -10.04 -14.72
CA PRO D 237 16.79 -9.48 -15.18
C PRO D 237 16.92 -9.44 -16.68
N ILE D 238 16.35 -10.41 -17.39
CA ILE D 238 16.43 -10.48 -18.85
C ILE D 238 15.02 -10.62 -19.41
N GLU D 239 14.75 -9.91 -20.50
CA GLU D 239 13.42 -9.88 -21.10
C GLU D 239 13.32 -10.72 -22.36
N SER D 240 14.27 -10.58 -23.28
CA SER D 240 14.23 -11.30 -24.55
C SER D 240 15.65 -11.63 -24.98
N ALA D 241 15.75 -12.60 -25.89
CA ALA D 241 17.07 -13.04 -26.35
C ALA D 241 17.84 -11.92 -27.03
N GLU D 242 17.14 -10.94 -27.61
CA GLU D 242 17.81 -9.79 -28.20
C GLU D 242 18.66 -9.05 -27.18
N ASP D 243 18.24 -9.07 -25.91
CA ASP D 243 19.03 -8.50 -24.82
C ASP D 243 19.86 -9.55 -24.10
N LEU D 244 19.46 -10.82 -24.15
CA LEU D 244 20.28 -11.87 -23.55
C LEU D 244 21.61 -12.01 -24.28
N SER D 245 21.62 -11.77 -25.58
CA SER D 245 22.90 -11.76 -26.29
C SER D 245 23.78 -10.61 -25.83
N LYS D 246 23.20 -9.42 -25.62
CA LYS D 246 23.98 -8.27 -25.22
C LYS D 246 24.49 -8.38 -23.79
N GLN D 247 23.73 -9.02 -22.91
CA GLN D 247 24.13 -9.09 -21.51
C GLN D 247 25.46 -9.80 -21.33
N THR D 248 25.50 -11.10 -21.64
CA THR D 248 26.67 -11.96 -21.60
C THR D 248 27.22 -12.18 -20.18
N GLU D 249 26.64 -11.55 -19.17
CA GLU D 249 26.97 -11.87 -17.79
C GLU D 249 26.14 -13.03 -17.25
N ILE D 250 25.12 -13.45 -18.00
CA ILE D 250 24.28 -14.59 -17.65
C ILE D 250 24.58 -15.70 -18.65
N ALA D 251 24.91 -16.89 -18.14
CA ALA D 251 25.21 -18.01 -19.01
C ALA D 251 23.92 -18.70 -19.42
N TYR D 252 23.74 -18.91 -20.72
CA TYR D 252 22.55 -19.53 -21.27
C TYR D 252 22.94 -20.73 -22.12
N GLY D 253 22.22 -21.84 -21.95
CA GLY D 253 22.61 -23.08 -22.58
C GLY D 253 21.42 -23.88 -23.06
N THR D 254 21.70 -24.76 -23.99
CA THR D 254 20.73 -25.59 -24.69
C THR D 254 20.79 -27.02 -24.15
N LEU D 255 20.14 -27.93 -24.85
CA LEU D 255 20.39 -29.35 -24.70
C LEU D 255 21.66 -29.71 -25.46
N ASP D 256 22.12 -30.95 -25.34
CA ASP D 256 23.34 -31.37 -26.00
C ASP D 256 23.23 -31.21 -27.52
N SER D 257 22.35 -31.99 -28.12
CA SER D 257 22.20 -32.02 -29.57
C SER D 257 20.77 -32.36 -29.91
N GLY D 258 20.24 -31.69 -30.92
CA GLY D 258 18.85 -31.86 -31.29
C GLY D 258 18.39 -30.73 -32.19
N SER D 259 17.10 -30.47 -32.16
CA SER D 259 16.56 -29.37 -32.96
C SER D 259 17.16 -28.04 -32.53
N THR D 260 17.32 -27.83 -31.22
CA THR D 260 17.78 -26.54 -30.73
C THR D 260 19.22 -26.26 -31.14
N LYS D 261 20.12 -27.20 -30.87
CA LYS D 261 21.52 -26.98 -31.20
C LYS D 261 21.73 -26.88 -32.70
N GLU D 262 21.08 -27.76 -33.46
CA GLU D 262 21.20 -27.69 -34.92
C GLU D 262 20.66 -26.38 -35.44
N PHE D 263 19.56 -25.90 -34.85
CA PHE D 263 19.01 -24.62 -35.26
C PHE D 263 20.01 -23.50 -35.03
N PHE D 264 20.65 -23.50 -33.86
CA PHE D 264 21.57 -22.41 -33.56
C PHE D 264 22.82 -22.47 -34.43
N ARG D 265 23.28 -23.66 -34.77
CA ARG D 265 24.44 -23.73 -35.64
C ARG D 265 24.09 -23.37 -37.08
N ARG D 266 22.88 -23.71 -37.53
CA ARG D 266 22.46 -23.40 -38.89
C ARG D 266 21.82 -22.02 -39.01
N SER D 267 21.71 -21.28 -37.92
CA SER D 267 21.13 -19.95 -37.97
C SER D 267 22.08 -18.99 -38.66
N LYS D 268 21.51 -17.90 -39.18
CA LYS D 268 22.28 -16.86 -39.82
C LYS D 268 21.87 -15.46 -39.40
N ILE D 269 20.83 -15.31 -38.57
CA ILE D 269 20.45 -14.01 -38.07
C ILE D 269 21.53 -13.53 -37.10
N ALA D 270 21.68 -12.21 -36.99
CA ALA D 270 22.79 -11.64 -36.22
C ALA D 270 22.73 -12.06 -34.76
N VAL D 271 21.57 -11.86 -34.12
CA VAL D 271 21.46 -12.14 -32.69
C VAL D 271 21.69 -13.62 -32.41
N PHE D 272 21.09 -14.48 -33.23
CA PHE D 272 21.22 -15.90 -33.01
C PHE D 272 22.63 -16.38 -33.30
N ASP D 273 23.27 -15.79 -34.32
CA ASP D 273 24.64 -16.17 -34.61
C ASP D 273 25.55 -15.79 -33.45
N LYS D 274 25.31 -14.63 -32.83
CA LYS D 274 26.08 -14.26 -31.64
C LYS D 274 25.82 -15.21 -30.48
N MET D 275 24.55 -15.56 -30.25
CA MET D 275 24.21 -16.47 -29.17
C MET D 275 24.75 -17.86 -29.41
N TRP D 276 25.09 -18.19 -30.65
CA TRP D 276 25.78 -19.46 -30.89
C TRP D 276 27.28 -19.34 -30.78
N THR D 277 27.87 -18.23 -31.25
CA THR D 277 29.30 -18.05 -31.12
C THR D 277 29.71 -18.01 -29.65
N TYR D 278 28.89 -17.41 -28.80
CA TYR D 278 29.16 -17.46 -27.38
C TYR D 278 29.20 -18.90 -26.88
N MET D 279 28.14 -19.66 -27.13
CA MET D 279 28.01 -20.96 -26.49
C MET D 279 28.92 -22.00 -27.11
N ARG D 280 29.36 -21.80 -28.36
CA ARG D 280 30.30 -22.74 -28.96
C ARG D 280 31.63 -22.72 -28.23
N SER D 281 32.09 -21.54 -27.82
CA SER D 281 33.36 -21.36 -27.13
C SER D 281 33.09 -20.72 -25.77
N ALA D 282 32.81 -21.56 -24.77
CA ALA D 282 32.59 -21.09 -23.42
C ALA D 282 32.79 -22.24 -22.46
N GLU D 283 33.43 -21.97 -21.33
CA GLU D 283 33.70 -22.97 -20.31
C GLU D 283 33.06 -22.56 -18.99
N PRO D 284 32.51 -23.51 -18.22
CA PRO D 284 32.48 -24.95 -18.49
C PRO D 284 31.41 -25.37 -19.50
N SER D 285 31.06 -26.65 -19.48
CA SER D 285 30.09 -27.19 -20.43
C SER D 285 28.73 -26.62 -20.12
N VAL D 286 28.33 -25.60 -20.89
CA VAL D 286 27.01 -24.99 -20.71
C VAL D 286 25.92 -25.92 -21.25
N PHE D 287 26.22 -26.62 -22.33
CA PHE D 287 25.26 -27.58 -22.89
C PHE D 287 24.98 -28.68 -21.89
N VAL D 288 23.70 -29.00 -21.72
CA VAL D 288 23.24 -29.88 -20.67
C VAL D 288 22.90 -31.25 -21.24
N ARG D 289 23.18 -32.29 -20.47
CA ARG D 289 22.98 -33.65 -20.95
C ARG D 289 21.51 -33.95 -21.22
N THR D 290 20.64 -33.53 -20.33
CA THR D 290 19.21 -33.80 -20.48
C THR D 290 18.42 -32.63 -19.93
N THR D 291 17.15 -32.56 -20.33
CA THR D 291 16.31 -31.44 -19.92
C THR D 291 16.07 -31.46 -18.42
N ALA D 292 16.00 -32.63 -17.80
CA ALA D 292 15.87 -32.69 -16.35
C ALA D 292 17.10 -32.08 -15.69
N GLU D 293 18.30 -32.39 -16.20
CA GLU D 293 19.51 -31.77 -15.68
C GLU D 293 19.51 -30.27 -15.95
N GLY D 294 18.97 -29.85 -17.10
CA GLY D 294 18.94 -28.43 -17.38
C GLY D 294 18.07 -27.65 -16.43
N VAL D 295 16.86 -28.15 -16.17
CA VAL D 295 15.97 -27.48 -15.23
C VAL D 295 16.53 -27.56 -13.82
N ALA D 296 17.17 -28.68 -13.47
CA ALA D 296 17.80 -28.77 -12.15
C ALA D 296 18.91 -27.75 -12.01
N ARG D 297 19.69 -27.55 -13.06
CA ARG D 297 20.77 -26.55 -13.02
C ARG D 297 20.23 -25.14 -12.93
N VAL D 298 19.15 -24.85 -13.65
CA VAL D 298 18.53 -23.52 -13.54
C VAL D 298 18.01 -23.29 -12.14
N ARG D 299 17.31 -24.28 -11.58
CA ARG D 299 16.73 -24.12 -10.26
C ARG D 299 17.81 -24.02 -9.18
N LYS D 300 18.86 -24.82 -9.29
CA LYS D 300 19.92 -24.83 -8.28
C LYS D 300 20.73 -23.55 -8.31
N SER D 301 21.17 -23.15 -9.49
CA SER D 301 21.99 -21.95 -9.61
C SER D 301 21.14 -20.71 -9.36
N LYS D 302 21.79 -19.55 -9.42
CA LYS D 302 21.10 -18.28 -9.31
C LYS D 302 20.64 -17.84 -10.70
N GLY D 303 20.21 -16.59 -10.82
CA GLY D 303 19.72 -16.08 -12.08
C GLY D 303 20.79 -15.95 -13.15
N LYS D 304 21.93 -16.59 -12.95
CA LYS D 304 23.02 -16.56 -13.92
C LYS D 304 22.90 -17.62 -15.00
N TYR D 305 21.91 -18.51 -14.92
CA TYR D 305 21.71 -19.55 -15.92
C TYR D 305 20.33 -19.44 -16.55
N ALA D 306 20.30 -19.47 -17.88
CA ALA D 306 19.07 -19.44 -18.66
C ALA D 306 19.04 -20.63 -19.60
N TYR D 307 17.87 -21.23 -19.77
CA TYR D 307 17.74 -22.46 -20.54
C TYR D 307 16.82 -22.22 -21.73
N LEU D 308 17.22 -22.70 -22.90
CA LEU D 308 16.49 -22.49 -24.15
C LEU D 308 15.89 -23.81 -24.60
N LEU D 309 14.59 -23.98 -24.39
CA LEU D 309 13.91 -25.22 -24.71
C LEU D 309 12.65 -24.93 -25.53
N GLU D 310 11.95 -25.99 -25.92
CA GLU D 310 10.70 -25.85 -26.64
C GLU D 310 9.69 -25.13 -25.76
N SER D 311 8.86 -24.29 -26.39
CA SER D 311 7.96 -23.44 -25.62
C SER D 311 6.98 -24.26 -24.79
N THR D 312 6.45 -25.34 -25.36
CA THR D 312 5.46 -26.13 -24.65
C THR D 312 6.06 -26.77 -23.40
N MET D 313 7.25 -27.36 -23.54
CA MET D 313 7.85 -28.02 -22.39
C MET D 313 8.11 -27.02 -21.27
N ASN D 314 8.54 -25.82 -21.63
CA ASN D 314 8.81 -24.79 -20.64
C ASN D 314 7.52 -24.33 -19.95
N GLU D 315 6.46 -24.10 -20.73
CA GLU D 315 5.19 -23.70 -20.13
C GLU D 315 4.69 -24.76 -19.18
N TYR D 316 4.82 -26.04 -19.56
CA TYR D 316 4.39 -27.11 -18.68
C TYR D 316 5.24 -27.17 -17.43
N ILE D 317 6.55 -27.05 -17.57
CA ILE D 317 7.44 -27.19 -16.42
C ILE D 317 7.17 -26.10 -15.39
N GLU D 318 6.96 -24.87 -15.85
CA GLU D 318 6.78 -23.78 -14.90
C GLU D 318 5.51 -23.93 -14.08
N GLN D 319 4.63 -24.86 -14.42
CA GLN D 319 3.39 -25.07 -13.67
C GLN D 319 3.53 -26.11 -12.57
N ARG D 320 4.41 -27.10 -12.74
CA ARG D 320 4.56 -28.11 -11.71
C ARG D 320 5.37 -27.58 -10.53
N LYS D 321 5.31 -28.32 -9.42
CA LYS D 321 6.11 -27.98 -8.26
C LYS D 321 7.59 -28.12 -8.59
N PRO D 322 8.45 -27.32 -7.96
CA PRO D 322 8.14 -26.34 -6.91
C PRO D 322 7.73 -24.98 -7.44
N CYS D 323 7.48 -24.88 -8.74
CA CYS D 323 7.09 -23.63 -9.39
C CYS D 323 8.15 -22.55 -9.19
N ASP D 324 9.42 -22.95 -9.23
CA ASP D 324 10.53 -22.04 -8.98
C ASP D 324 11.07 -21.41 -10.25
N THR D 325 10.51 -21.71 -11.40
CA THR D 325 10.98 -21.20 -12.68
C THR D 325 9.87 -20.45 -13.40
N MET D 326 10.22 -19.82 -14.50
CA MET D 326 9.24 -19.07 -15.28
C MET D 326 9.76 -18.87 -16.69
N LYS D 327 8.84 -18.56 -17.59
CA LYS D 327 9.13 -18.36 -19.00
C LYS D 327 9.17 -16.88 -19.30
N VAL D 328 10.23 -16.44 -19.97
CA VAL D 328 10.40 -15.03 -20.29
C VAL D 328 10.68 -14.88 -21.78
N GLY D 329 10.05 -13.90 -22.40
CA GLY D 329 10.30 -13.60 -23.80
C GLY D 329 9.48 -14.45 -24.74
N GLY D 330 9.37 -13.99 -25.98
CA GLY D 330 8.59 -14.68 -26.98
C GLY D 330 9.34 -15.86 -27.55
N ASN D 331 8.68 -16.52 -28.51
CA ASN D 331 9.26 -17.69 -29.15
C ASN D 331 10.23 -17.25 -30.23
N LEU D 332 11.41 -17.87 -30.24
CA LEU D 332 12.47 -17.42 -31.14
C LEU D 332 12.20 -17.87 -32.58
N ASP D 333 11.75 -19.10 -32.78
CA ASP D 333 11.44 -19.62 -34.11
C ASP D 333 10.25 -20.57 -34.01
N SER D 334 9.29 -20.42 -34.91
CA SER D 334 8.01 -21.11 -34.82
C SER D 334 7.99 -22.39 -35.64
N LYS D 335 7.48 -23.46 -35.02
CA LYS D 335 7.22 -24.71 -35.70
C LYS D 335 6.04 -25.37 -35.00
N GLY D 336 5.33 -26.24 -35.73
CA GLY D 336 4.08 -26.79 -35.26
C GLY D 336 4.13 -28.30 -35.11
N TYR D 337 3.12 -28.82 -34.43
CA TYR D 337 2.98 -30.25 -34.21
C TYR D 337 1.84 -30.80 -35.06
N GLY D 338 2.03 -32.00 -35.59
CA GLY D 338 1.09 -32.59 -36.52
C GLY D 338 0.54 -33.92 -36.05
N ILE D 339 -0.30 -34.49 -36.91
CA ILE D 339 -0.86 -35.83 -36.73
C ILE D 339 -0.48 -36.60 -37.99
N ALA D 340 0.57 -37.39 -37.90
CA ALA D 340 1.12 -38.02 -39.08
C ALA D 340 0.16 -39.06 -39.66
N THR D 341 0.34 -39.38 -40.94
CA THR D 341 -0.45 -40.37 -41.65
C THR D 341 0.28 -40.78 -42.93
N PRO D 342 0.41 -42.07 -43.22
CA PRO D 342 1.17 -42.49 -44.40
C PRO D 342 0.50 -42.06 -45.68
N LYS D 343 1.30 -41.95 -46.73
CA LYS D 343 0.89 -41.21 -47.93
C LYS D 343 -0.34 -41.81 -48.58
N GLY D 344 -0.40 -43.13 -48.69
CA GLY D 344 -1.50 -43.74 -49.40
C GLY D 344 -2.77 -43.92 -48.63
N SER D 345 -2.82 -43.47 -47.38
CA SER D 345 -3.94 -43.79 -46.52
C SER D 345 -5.21 -43.09 -46.99
N SER D 346 -6.32 -43.81 -46.94
CA SER D 346 -7.64 -43.21 -47.10
C SER D 346 -8.04 -42.38 -45.90
N LEU D 347 -7.30 -42.49 -44.80
CA LEU D 347 -7.49 -41.68 -43.62
C LEU D 347 -6.67 -40.40 -43.67
N GLY D 348 -5.91 -40.19 -44.76
CA GLY D 348 -5.02 -39.04 -44.84
C GLY D 348 -5.76 -37.71 -44.87
N ASN D 349 -6.85 -37.65 -45.61
CA ASN D 349 -7.65 -36.44 -45.68
C ASN D 349 -8.79 -36.40 -44.67
N ALA D 350 -8.97 -37.48 -43.92
CA ALA D 350 -10.00 -37.50 -42.90
C ALA D 350 -9.53 -36.85 -41.60
N VAL D 351 -8.26 -36.46 -41.52
CA VAL D 351 -7.73 -35.84 -40.32
C VAL D 351 -7.50 -34.34 -40.49
N ASN D 352 -7.13 -33.87 -41.68
CA ASN D 352 -6.94 -32.44 -41.88
C ASN D 352 -8.20 -31.68 -41.48
N LEU D 353 -9.34 -32.08 -42.03
CA LEU D 353 -10.58 -31.35 -41.83
C LEU D 353 -11.00 -31.40 -40.37
N ALA D 354 -10.84 -32.55 -39.74
CA ALA D 354 -11.22 -32.68 -38.34
C ALA D 354 -10.32 -31.85 -37.44
N VAL D 355 -9.02 -31.81 -37.73
CA VAL D 355 -8.11 -30.97 -36.94
C VAL D 355 -8.48 -29.50 -37.09
N LEU D 356 -8.77 -29.07 -38.31
CA LEU D 356 -9.15 -27.68 -38.51
C LEU D 356 -10.45 -27.36 -37.78
N LYS D 357 -11.41 -28.28 -37.80
CA LYS D 357 -12.67 -28.02 -37.10
C LYS D 357 -12.46 -28.00 -35.59
N LEU D 358 -11.63 -28.90 -35.06
CA LEU D 358 -11.34 -28.88 -33.64
C LEU D 358 -10.66 -27.59 -33.23
N ASN D 359 -9.73 -27.12 -34.05
CA ASN D 359 -9.06 -25.86 -33.78
C ASN D 359 -10.03 -24.69 -33.81
N GLU D 360 -10.97 -24.72 -34.75
CA GLU D 360 -11.91 -23.61 -34.90
C GLU D 360 -12.98 -23.60 -33.82
N GLU D 361 -13.39 -24.76 -33.33
CA GLU D 361 -14.45 -24.82 -32.33
C GLU D 361 -13.99 -24.34 -30.96
N GLY D 362 -12.71 -24.06 -30.78
CA GLY D 362 -12.23 -23.75 -29.45
C GLY D 362 -12.14 -24.94 -28.55
N LEU D 363 -12.04 -26.14 -29.12
CA LEU D 363 -11.94 -27.35 -28.32
C LEU D 363 -10.49 -27.72 -28.00
N LEU D 364 -9.60 -27.58 -28.98
CA LEU D 364 -8.20 -27.88 -28.74
C LEU D 364 -7.61 -26.93 -27.70
N ASP D 365 -7.94 -25.64 -27.80
CA ASP D 365 -7.47 -24.69 -26.80
C ASP D 365 -8.03 -25.03 -25.43
N LYS D 366 -9.30 -25.43 -25.37
CA LYS D 366 -9.87 -25.81 -24.08
C LYS D 366 -9.15 -27.02 -23.52
N LEU D 367 -8.82 -27.98 -24.37
CA LEU D 367 -8.10 -29.16 -23.92
C LEU D 367 -6.75 -28.79 -23.34
N LYS D 368 -5.99 -27.96 -24.06
CA LYS D 368 -4.68 -27.55 -23.55
C LYS D 368 -4.81 -26.76 -22.27
N ASN D 369 -5.77 -25.83 -22.22
CA ASN D 369 -5.99 -25.04 -21.02
C ASN D 369 -6.23 -25.93 -19.82
N LYS D 370 -7.17 -26.88 -19.95
CA LYS D 370 -7.42 -27.78 -18.84
C LYS D 370 -6.17 -28.56 -18.47
N TRP D 371 -5.57 -29.23 -19.45
CA TRP D 371 -4.47 -30.15 -19.18
C TRP D 371 -3.25 -29.47 -18.60
N TRP D 372 -3.09 -28.16 -18.82
CA TRP D 372 -1.88 -27.48 -18.37
C TRP D 372 -2.10 -26.56 -17.20
N TYR D 373 -3.16 -25.74 -17.22
CA TYR D 373 -3.41 -24.83 -16.12
C TYR D 373 -4.34 -25.44 -15.08
N ASP D 374 -5.40 -26.14 -15.49
CA ASP D 374 -6.31 -26.69 -14.48
C ASP D 374 -5.62 -27.78 -13.67
N LYS D 375 -4.79 -28.60 -14.32
CA LYS D 375 -3.93 -29.54 -13.60
C LYS D 375 -2.60 -28.90 -13.26
N GLY D 376 -2.67 -27.72 -12.65
CA GLY D 376 -1.48 -26.93 -12.34
C GLY D 376 -1.16 -27.00 -10.85
N GLU D 377 0.11 -27.21 -10.54
CA GLU D 377 0.52 -27.32 -9.15
C GLU D 377 0.35 -26.00 -8.41
N CYS D 378 0.49 -24.87 -9.11
CA CYS D 378 0.42 -23.56 -8.50
C CYS D 378 -0.44 -22.62 -9.33
N GLY D 379 -0.99 -21.61 -8.68
CA GLY D 379 -1.82 -20.62 -9.33
C GLY D 379 -1.29 -19.22 -9.10
N SER D 380 -1.40 -18.37 -10.12
CA SER D 380 -0.83 -17.03 -10.04
C SER D 380 -1.65 -16.11 -9.16
N GLY D 381 -2.97 -16.20 -9.24
CA GLY D 381 -3.82 -15.23 -8.54
C GLY D 381 -3.74 -15.35 -7.02
N GLY D 382 -3.63 -16.58 -6.51
CA GLY D 382 -3.62 -16.77 -5.08
C GLY D 382 -2.44 -16.10 -4.40
N GLY D 383 -1.26 -16.24 -4.99
CA GLY D 383 -0.07 -15.62 -4.44
C GLY D 383 0.27 -14.32 -5.12
N ASP D 384 -0.72 -13.70 -5.76
CA ASP D 384 -0.46 -12.47 -6.52
C ASP D 384 0.08 -11.37 -5.63
N SER D 385 -0.63 -11.07 -4.53
CA SER D 385 -0.12 -10.11 -3.54
C SER D 385 0.57 -10.82 -2.38
N LYS D 386 -0.18 -11.60 -1.60
CA LYS D 386 0.33 -12.38 -0.48
C LYS D 386 1.36 -11.61 0.34
N GLU D 387 1.15 -10.31 0.50
CA GLU D 387 2.19 -9.44 1.03
C GLU D 387 2.33 -9.60 2.53
N LYS D 388 3.57 -9.75 2.99
CA LYS D 388 3.91 -9.79 4.40
C LYS D 388 5.15 -8.95 4.62
N THR D 389 5.18 -8.22 5.73
CA THR D 389 6.28 -7.33 6.06
C THR D 389 7.03 -7.85 7.28
N SER D 390 8.35 -7.69 7.26
CA SER D 390 9.21 -8.23 8.29
C SER D 390 10.09 -7.13 8.85
N ALA D 391 10.54 -7.34 10.08
CA ALA D 391 11.39 -6.36 10.75
C ALA D 391 12.70 -6.20 10.00
N LEU D 392 13.21 -4.97 9.97
CA LEU D 392 14.48 -4.69 9.32
C LEU D 392 15.61 -5.42 10.03
N SER D 393 16.20 -6.41 9.36
CA SER D 393 17.29 -7.14 9.96
C SER D 393 18.54 -6.29 9.97
N LEU D 394 19.53 -6.74 10.75
CA LEU D 394 20.80 -6.01 10.79
C LEU D 394 21.48 -5.98 9.43
N SER D 395 21.13 -6.90 8.52
CA SER D 395 21.78 -6.91 7.22
C SER D 395 21.43 -5.66 6.42
N ASN D 396 20.19 -5.20 6.52
CA ASN D 396 19.77 -4.01 5.77
C ASN D 396 20.54 -2.78 6.20
N VAL D 397 20.86 -2.68 7.48
CA VAL D 397 21.33 -1.45 8.09
C VAL D 397 22.85 -1.42 8.22
N ALA D 398 23.47 -2.59 8.40
CA ALA D 398 24.88 -2.68 8.75
C ALA D 398 25.77 -1.81 7.88
N GLY D 399 25.30 -1.42 6.70
CA GLY D 399 26.05 -0.50 5.88
C GLY D 399 26.24 0.86 6.51
N VAL D 400 25.50 1.17 7.58
CA VAL D 400 25.66 2.43 8.27
C VAL D 400 26.45 2.22 9.55
N PHE D 401 26.39 1.02 10.12
CA PHE D 401 27.27 0.71 11.25
C PHE D 401 28.73 0.72 10.82
N TYR D 402 29.00 0.21 9.61
CA TYR D 402 30.36 0.28 9.09
C TYR D 402 30.83 1.71 8.97
N ILE D 403 29.98 2.58 8.45
CA ILE D 403 30.35 3.99 8.28
C ILE D 403 30.54 4.65 9.63
N LEU D 404 29.71 4.32 10.60
CA LEU D 404 29.87 4.89 11.93
C LEU D 404 31.23 4.53 12.51
N VAL D 405 31.59 3.25 12.50
CA VAL D 405 32.86 2.86 13.10
C VAL D 405 34.03 3.40 12.28
N GLY D 406 33.88 3.48 10.95
CA GLY D 406 34.92 4.11 10.17
C GLY D 406 35.13 5.56 10.54
N GLY D 407 34.05 6.29 10.76
CA GLY D 407 34.16 7.68 11.17
C GLY D 407 34.84 7.83 12.53
N LEU D 408 34.51 6.94 13.46
CA LEU D 408 35.16 7.00 14.76
C LEU D 408 36.66 6.73 14.65
N GLY D 409 37.05 5.70 13.89
CA GLY D 409 38.46 5.45 13.71
C GLY D 409 39.17 6.63 13.09
N LEU D 410 38.55 7.24 12.08
CA LEU D 410 39.13 8.42 11.45
C LEU D 410 39.28 9.58 12.43
N ALA D 411 38.28 9.76 13.31
CA ALA D 411 38.35 10.84 14.28
C ALA D 411 39.52 10.64 15.23
N MET D 412 39.72 9.42 15.71
CA MET D 412 40.88 9.18 16.57
C MET D 412 42.17 9.44 15.81
N LEU D 413 42.22 9.03 14.54
CA LEU D 413 43.43 9.24 13.76
C LEU D 413 43.77 10.71 13.61
N VAL D 414 42.78 11.54 13.24
CA VAL D 414 43.07 12.95 13.07
C VAL D 414 43.39 13.61 14.40
N ALA D 415 42.80 13.12 15.50
CA ALA D 415 43.15 13.64 16.81
C ALA D 415 44.61 13.42 17.10
N LEU D 416 45.11 12.21 16.84
CA LEU D 416 46.54 11.95 17.07
C LEU D 416 47.42 12.77 16.13
N ILE D 417 47.00 12.95 14.89
CA ILE D 417 47.81 13.75 13.96
C ILE D 417 47.92 15.20 14.44
N GLU D 418 46.79 15.78 14.86
CA GLU D 418 46.83 17.15 15.37
C GLU D 418 47.65 17.24 16.65
N PHE D 419 47.53 16.25 17.53
CA PHE D 419 48.32 16.25 18.75
C PHE D 419 49.81 16.20 18.44
N CYS D 420 50.21 15.32 17.54
CA CYS D 420 51.64 15.20 17.21
C CYS D 420 52.15 16.46 16.52
N TYR D 421 51.33 17.09 15.67
CA TYR D 421 51.77 18.31 15.01
C TYR D 421 51.88 19.46 15.99
N LYS D 422 50.94 19.56 16.94
CA LYS D 422 50.97 20.65 17.90
C LYS D 422 52.05 20.46 18.97
N SER D 423 52.44 19.22 19.25
CA SER D 423 53.50 19.00 20.22
C SER D 423 54.84 19.49 19.72
N ARG D 424 55.00 19.62 18.40
CA ARG D 424 56.24 20.12 17.82
C ARG D 424 55.97 21.29 16.88
N ALA E 1 15.32 18.64 -18.19
CA ALA E 1 16.45 17.72 -18.25
C ALA E 1 17.47 18.08 -17.19
N PHE E 2 17.00 18.21 -15.95
CA PHE E 2 17.91 18.54 -14.86
C PHE E 2 18.93 17.43 -14.68
N THR E 3 20.20 17.80 -14.63
CA THR E 3 21.28 16.84 -14.50
C THR E 3 22.33 17.38 -13.56
N PHE E 4 23.14 16.46 -13.02
CA PHE E 4 24.19 16.85 -12.09
C PHE E 4 25.13 17.88 -12.70
N ALA E 5 25.51 17.68 -13.96
CA ALA E 5 26.38 18.67 -14.60
C ALA E 5 25.71 20.03 -14.68
N ALA E 6 24.40 20.06 -14.94
CA ALA E 6 23.69 21.33 -15.00
C ALA E 6 23.68 22.01 -13.64
N PHE E 7 23.46 21.24 -12.57
CA PHE E 7 23.44 21.83 -11.24
C PHE E 7 24.81 22.38 -10.87
N CYS E 8 25.87 21.65 -11.22
CA CYS E 8 27.22 22.18 -10.99
C CYS E 8 27.43 23.45 -11.80
N TYR E 9 26.85 23.54 -12.99
CA TYR E 9 26.95 24.76 -13.77
C TYR E 9 26.28 25.93 -13.06
N MET E 10 25.07 25.73 -12.53
CA MET E 10 24.41 26.83 -11.81
C MET E 10 25.18 27.24 -10.58
N LEU E 11 25.68 26.27 -9.83
CA LEU E 11 26.38 26.58 -8.59
C LEU E 11 27.67 27.34 -8.88
N THR E 12 28.38 26.95 -9.94
CA THR E 12 29.53 27.72 -10.39
C THR E 12 29.12 29.12 -10.79
N LEU E 13 27.95 29.25 -11.44
CA LEU E 13 27.48 30.56 -11.83
C LEU E 13 27.26 31.47 -10.63
N VAL E 14 26.73 30.92 -9.53
CA VAL E 14 26.54 31.70 -8.31
C VAL E 14 27.87 32.09 -7.70
N LEU E 15 28.80 31.14 -7.62
CA LEU E 15 30.05 31.43 -6.94
C LEU E 15 30.95 32.35 -7.76
N CYS E 16 30.77 32.39 -9.08
CA CYS E 16 31.66 33.18 -9.90
C CYS E 16 31.48 34.68 -9.67
N ALA E 17 30.33 35.12 -9.20
CA ALA E 17 30.18 36.53 -8.84
C ALA E 17 31.13 36.90 -7.70
N SER E 18 31.21 36.05 -6.68
CA SER E 18 32.17 36.26 -5.61
C SER E 18 33.59 36.20 -6.14
N LEU E 19 33.86 35.24 -7.02
CA LEU E 19 35.20 35.10 -7.56
C LEU E 19 35.60 36.33 -8.36
N ILE E 20 34.63 37.02 -8.96
CA ILE E 20 34.93 38.28 -9.64
C ILE E 20 35.14 39.41 -8.63
N PHE E 21 34.28 39.49 -7.61
CA PHE E 21 34.40 40.59 -6.65
C PHE E 21 35.75 40.57 -5.97
N PHE E 22 36.31 39.39 -5.72
CA PHE E 22 37.64 39.32 -5.14
C PHE E 22 38.66 40.05 -6.01
N VAL E 23 38.66 39.76 -7.31
CA VAL E 23 39.68 40.36 -8.16
C VAL E 23 39.43 41.86 -8.35
N ILE E 24 38.16 42.28 -8.33
CA ILE E 24 37.89 43.71 -8.40
C ILE E 24 38.45 44.42 -7.17
N TRP E 25 38.25 43.84 -5.98
CA TRP E 25 38.83 44.44 -4.78
C TRP E 25 40.35 44.42 -4.84
N HIS E 26 40.94 43.38 -5.43
CA HIS E 26 42.39 43.35 -5.58
C HIS E 26 42.86 44.48 -6.48
N ILE E 27 42.14 44.74 -7.56
CA ILE E 27 42.50 45.84 -8.46
C ILE E 27 42.43 47.17 -7.73
N ILE E 28 41.34 47.39 -6.99
CA ILE E 28 41.20 48.64 -6.26
C ILE E 28 42.29 48.79 -5.22
N ALA E 29 42.64 47.71 -4.54
CA ALA E 29 43.69 47.76 -3.52
C ALA E 29 45.05 48.09 -4.14
N PHE E 30 45.37 47.48 -5.28
CA PHE E 30 46.61 47.85 -5.96
C PHE E 30 46.63 49.32 -6.33
N ASP E 31 45.53 49.82 -6.88
CA ASP E 31 45.52 51.23 -7.32
C ASP E 31 45.64 52.17 -6.12
N GLU E 32 44.97 51.85 -5.02
CA GLU E 32 45.10 52.68 -3.83
C GLU E 32 46.48 52.56 -3.19
N LEU E 33 47.20 51.46 -3.43
CA LEU E 33 48.51 51.28 -2.85
C LEU E 33 49.61 51.96 -3.65
N ARG E 34 49.56 51.85 -4.99
CA ARG E 34 50.65 52.38 -5.81
C ARG E 34 50.76 53.89 -5.68
N THR E 35 49.63 54.59 -5.71
CA THR E 35 49.62 56.05 -5.69
C THR E 35 49.96 56.52 -4.28
N ASP E 36 51.24 56.83 -4.05
CA ASP E 36 51.70 57.29 -2.75
C ASP E 36 52.45 58.62 -2.86
N ALA E 49 54.87 59.42 7.18
CA ALA E 49 55.89 58.72 7.95
C ALA E 49 55.41 57.33 8.34
N ARG E 50 55.24 57.10 9.65
CA ARG E 50 54.80 55.79 10.13
C ARG E 50 53.38 55.48 9.69
N GLU E 51 52.58 56.52 9.41
CA GLU E 51 51.22 56.31 8.93
C GLU E 51 51.23 55.60 7.58
N ARG E 52 52.18 55.94 6.71
CA ARG E 52 52.31 55.24 5.44
C ARG E 52 52.64 53.77 5.65
N LEU E 53 53.54 53.49 6.60
CA LEU E 53 53.88 52.10 6.90
C LEU E 53 52.66 51.34 7.42
N LYS E 54 51.88 51.98 8.30
CA LYS E 54 50.67 51.32 8.80
C LYS E 54 49.68 51.05 7.68
N ASN E 55 49.51 52.02 6.78
CA ASN E 55 48.58 51.83 5.66
C ASN E 55 49.02 50.68 4.76
N ILE E 56 50.30 50.65 4.40
CA ILE E 56 50.76 49.59 3.52
C ILE E 56 50.70 48.23 4.21
N GLU E 57 50.96 48.19 5.53
CA GLU E 57 50.84 46.94 6.26
C GLU E 57 49.40 46.46 6.28
N ARG E 58 48.45 47.37 6.49
CA ARG E 58 47.04 46.99 6.47
C ARG E 58 46.63 46.44 5.11
N ILE E 59 47.08 47.10 4.03
CA ILE E 59 46.74 46.61 2.70
C ILE E 59 47.36 45.24 2.46
N CYS E 60 48.60 45.04 2.88
CA CYS E 60 49.24 43.74 2.68
C CYS E 60 48.51 42.65 3.45
N CYS E 61 48.11 42.93 4.70
CA CYS E 61 47.39 41.93 5.47
C CYS E 61 46.05 41.61 4.84
N LEU E 62 45.34 42.64 4.35
CA LEU E 62 44.07 42.43 3.67
C LEU E 62 44.26 41.51 2.46
N LEU E 63 45.29 41.78 1.66
CA LEU E 63 45.52 40.97 0.48
C LEU E 63 45.89 39.54 0.85
N ARG E 64 46.69 39.37 1.90
CA ARG E 64 47.06 38.02 2.32
C ARG E 64 45.84 37.23 2.77
N LYS E 65 44.92 37.87 3.50
CA LYS E 65 43.69 37.16 3.88
C LYS E 65 42.78 36.90 2.68
N LEU E 66 42.78 37.81 1.70
CA LEU E 66 41.90 37.66 0.55
C LEU E 66 42.41 36.66 -0.48
N VAL E 67 43.69 36.32 -0.45
CA VAL E 67 44.25 35.42 -1.45
C VAL E 67 43.60 34.05 -1.38
N VAL E 68 43.53 33.46 -0.19
CA VAL E 68 43.22 32.04 -0.07
C VAL E 68 41.82 31.68 -0.57
N PRO E 69 40.75 32.40 -0.20
CA PRO E 69 39.43 32.02 -0.74
C PRO E 69 39.35 32.06 -2.24
N GLU E 70 40.05 32.99 -2.89
CA GLU E 70 40.06 33.05 -4.34
C GLU E 70 40.65 31.79 -4.96
N TYR E 71 41.53 31.09 -4.24
CA TYR E 71 42.09 29.85 -4.74
C TYR E 71 41.25 28.64 -4.34
N SER E 72 40.74 28.62 -3.11
CA SER E 72 39.94 27.49 -2.66
C SER E 72 38.66 27.36 -3.46
N ILE E 73 38.02 28.48 -3.80
CA ILE E 73 36.78 28.41 -4.57
C ILE E 73 37.04 27.85 -5.97
N HIS E 74 38.14 28.27 -6.60
CA HIS E 74 38.46 27.71 -7.90
C HIS E 74 38.82 26.23 -7.78
N GLY E 75 39.43 25.84 -6.67
CA GLY E 75 39.58 24.43 -6.41
C GLY E 75 38.25 23.71 -6.38
N LEU E 76 37.24 24.33 -5.78
CA LEU E 76 35.90 23.73 -5.84
C LEU E 76 35.40 23.62 -7.26
N PHE E 77 35.60 24.65 -8.08
CA PHE E 77 35.09 24.56 -9.45
C PHE E 77 35.70 23.37 -10.17
N CYS E 78 37.02 23.26 -10.14
CA CYS E 78 37.65 22.16 -10.85
C CYS E 78 37.27 20.81 -10.25
N LEU E 79 37.13 20.73 -8.92
CA LEU E 79 36.72 19.48 -8.29
C LEU E 79 35.31 19.09 -8.70
N MET E 80 34.39 20.06 -8.73
CA MET E 80 33.02 19.76 -9.12
C MET E 80 32.96 19.27 -10.55
N PHE E 81 33.76 19.88 -11.43
CA PHE E 81 33.75 19.44 -12.83
C PHE E 81 34.38 18.07 -12.99
N LEU E 82 35.43 17.78 -12.24
CA LEU E 82 36.01 16.44 -12.26
C LEU E 82 35.01 15.40 -11.80
N CYS E 83 34.33 15.67 -10.70
CA CYS E 83 33.39 14.70 -10.14
C CYS E 83 32.11 14.60 -10.95
N ALA E 84 31.81 15.61 -11.77
CA ALA E 84 30.61 15.60 -12.60
C ALA E 84 30.87 15.20 -14.04
N ALA E 85 32.13 14.97 -14.41
CA ALA E 85 32.52 14.55 -15.75
C ALA E 85 32.12 15.59 -16.81
N GLU E 86 32.76 16.75 -16.72
CA GLU E 86 32.73 17.76 -17.79
C GLU E 86 34.18 18.13 -18.08
N TRP E 87 34.78 17.44 -19.07
CA TRP E 87 36.20 17.57 -19.32
C TRP E 87 36.53 18.78 -20.19
N VAL E 88 35.63 19.18 -21.08
CA VAL E 88 35.89 20.33 -21.95
C VAL E 88 36.06 21.59 -21.13
N THR E 89 35.42 21.66 -19.96
CA THR E 89 35.51 22.81 -19.06
C THR E 89 36.63 22.65 -18.04
N LEU E 90 36.81 21.44 -17.52
CA LEU E 90 37.92 21.18 -16.63
C LEU E 90 39.25 21.49 -17.31
N GLY E 91 39.35 21.19 -18.61
CA GLY E 91 40.57 21.53 -19.34
C GLY E 91 40.81 23.02 -19.36
N LEU E 92 39.75 23.81 -19.49
CA LEU E 92 39.89 25.26 -19.45
C LEU E 92 40.33 25.72 -18.08
N ASN E 93 39.83 25.07 -17.02
CA ASN E 93 40.10 25.54 -15.66
C ASN E 93 41.42 25.02 -15.08
N ILE E 94 42.03 24.02 -15.70
CA ILE E 94 43.31 23.52 -15.19
C ILE E 94 44.42 24.55 -15.21
N PRO E 95 44.65 25.29 -16.31
CA PRO E 95 45.80 26.21 -16.33
C PRO E 95 45.76 27.25 -15.22
N LEU E 96 44.58 27.77 -14.88
CA LEU E 96 44.53 28.72 -13.77
C LEU E 96 44.77 28.05 -12.44
N LEU E 97 44.30 26.81 -12.27
CA LEU E 97 44.61 26.08 -11.04
C LEU E 97 46.11 25.94 -10.87
N PHE E 98 46.82 25.63 -11.95
CA PHE E 98 48.26 25.46 -11.86
C PHE E 98 48.96 26.77 -11.53
N THR E 99 48.55 27.87 -12.16
CA THR E 99 49.13 29.17 -11.81
C THR E 99 48.80 29.54 -10.38
N HIS E 100 47.57 29.23 -9.94
CA HIS E 100 47.18 29.48 -8.56
C HIS E 100 47.96 28.64 -7.56
N LEU E 101 48.67 27.61 -8.03
CA LEU E 101 49.50 26.79 -7.16
C LEU E 101 50.92 27.33 -7.02
N TRP E 102 51.08 28.64 -7.20
CA TRP E 102 52.36 29.32 -7.01
C TRP E 102 53.43 28.80 -7.96
N ARG E 103 53.03 28.38 -9.16
CA ARG E 103 54.01 27.90 -10.12
C ARG E 103 55.01 28.99 -10.49
N TYR E 104 54.51 30.16 -10.87
CA TYR E 104 55.36 31.30 -11.14
C TYR E 104 55.76 32.05 -9.87
N PHE E 105 55.08 31.79 -8.76
CA PHE E 105 55.36 32.50 -7.53
C PHE E 105 56.63 31.96 -6.87
N HIS E 106 57.55 32.86 -6.53
CA HIS E 106 58.80 32.48 -5.90
C HIS E 106 58.58 32.29 -4.40
N ARG E 107 59.65 31.94 -3.69
CA ARG E 107 59.62 31.75 -2.24
C ARG E 107 60.45 32.86 -1.60
N PRO E 108 59.82 34.01 -1.36
CA PRO E 108 60.43 35.12 -0.65
C PRO E 108 59.69 35.46 0.63
N ALA E 109 58.38 35.68 0.55
CA ALA E 109 57.55 35.94 1.72
C ALA E 109 56.20 35.29 1.50
N ASP E 110 55.53 34.96 2.60
CA ASP E 110 54.22 34.32 2.50
C ASP E 110 53.20 35.24 1.83
N GLY E 111 53.20 36.52 2.19
CA GLY E 111 52.29 37.46 1.58
C GLY E 111 52.79 37.88 0.21
N SER E 112 51.97 38.66 -0.49
CA SER E 112 52.37 39.17 -1.79
C SER E 112 53.55 40.13 -1.71
N GLU E 113 53.76 40.75 -0.55
CA GLU E 113 54.87 41.69 -0.37
C GLU E 113 55.53 41.50 0.99
N SER E 120 58.78 45.38 3.60
CA SER E 120 59.09 45.53 2.18
C SER E 120 57.87 46.04 1.41
N ILE E 121 57.94 47.28 0.95
CA ILE E 121 56.82 47.86 0.22
C ILE E 121 56.62 47.17 -1.12
N MET E 122 57.70 46.73 -1.76
CA MET E 122 57.66 46.09 -3.07
C MET E 122 56.99 46.99 -4.10
N ASN E 123 57.28 48.29 -4.03
CA ASN E 123 56.78 49.26 -5.00
C ASN E 123 57.77 49.34 -6.18
N ALA E 124 57.73 48.31 -7.00
CA ALA E 124 58.70 48.12 -8.07
C ALA E 124 58.00 47.44 -9.24
N ASP E 125 58.77 46.84 -10.14
CA ASP E 125 58.20 46.11 -11.26
C ASP E 125 57.30 44.96 -10.80
N ILE E 126 57.50 44.47 -9.57
CA ILE E 126 56.59 43.46 -9.02
C ILE E 126 55.18 44.02 -8.91
N LEU E 127 55.06 45.30 -8.56
CA LEU E 127 53.75 45.92 -8.48
C LEU E 127 53.08 45.94 -9.86
N ASN E 128 53.83 46.29 -10.90
CA ASN E 128 53.25 46.29 -12.23
C ASN E 128 52.88 44.88 -12.67
N TYR E 129 53.72 43.89 -12.31
CA TYR E 129 53.41 42.50 -12.65
C TYR E 129 52.11 42.04 -11.99
N CYS E 130 51.94 42.37 -10.70
CA CYS E 130 50.71 41.96 -10.04
C CYS E 130 49.50 42.73 -10.58
N GLN E 131 49.68 44.00 -10.94
CA GLN E 131 48.61 44.74 -11.62
C GLN E 131 48.19 44.03 -12.90
N LYS E 132 49.16 43.69 -13.75
CA LYS E 132 48.85 43.09 -15.04
C LYS E 132 48.20 41.72 -14.86
N GLU E 133 48.71 40.92 -13.94
CA GLU E 133 48.11 39.60 -13.75
C GLU E 133 46.74 39.70 -13.12
N SER E 134 46.49 40.71 -12.28
CA SER E 134 45.16 40.90 -11.74
C SER E 134 44.16 41.28 -12.83
N TRP E 135 44.55 42.17 -13.74
CA TRP E 135 43.67 42.49 -14.86
C TRP E 135 43.40 41.26 -15.71
N CYS E 136 44.44 40.47 -15.97
CA CYS E 136 44.26 39.24 -16.75
C CYS E 136 43.32 38.29 -16.04
N LYS E 137 43.46 38.17 -14.72
CA LYS E 137 42.60 37.26 -13.96
C LYS E 137 41.15 37.73 -14.01
N LEU E 138 40.92 39.04 -13.93
CA LEU E 138 39.54 39.53 -14.02
C LEU E 138 38.95 39.21 -15.38
N ALA E 139 39.72 39.41 -16.45
CA ALA E 139 39.22 39.09 -17.78
C ALA E 139 38.87 37.61 -17.89
N PHE E 140 39.76 36.75 -17.39
CA PHE E 140 39.49 35.31 -17.42
C PHE E 140 38.26 34.95 -16.62
N TYR E 141 38.09 35.56 -15.44
CA TYR E 141 36.94 35.26 -14.61
C TYR E 141 35.64 35.63 -15.31
N LEU E 142 35.60 36.81 -15.93
CA LEU E 142 34.35 37.23 -16.56
C LEU E 142 34.04 36.36 -17.78
N LEU E 143 35.08 36.02 -18.57
CA LEU E 143 34.87 35.12 -19.69
C LEU E 143 34.34 33.77 -19.23
N SER E 144 34.95 33.21 -18.19
CA SER E 144 34.49 31.93 -17.68
C SER E 144 33.07 32.04 -17.15
N PHE E 145 32.73 33.17 -16.54
CA PHE E 145 31.37 33.37 -16.05
C PHE E 145 30.37 33.28 -17.18
N PHE E 146 30.63 33.98 -18.28
CA PHE E 146 29.69 33.95 -19.39
C PHE E 146 29.61 32.56 -20.00
N TYR E 147 30.74 31.85 -20.05
CA TYR E 147 30.72 30.49 -20.57
C TYR E 147 29.89 29.58 -19.68
N TYR E 148 29.99 29.75 -18.35
CA TYR E 148 29.19 28.95 -17.44
C TYR E 148 27.71 29.24 -17.61
N LEU E 149 27.35 30.51 -17.78
CA LEU E 149 25.95 30.86 -18.01
C LEU E 149 25.43 30.21 -19.28
N TYR E 150 26.23 30.26 -20.36
CA TYR E 150 25.81 29.63 -21.60
C TYR E 150 25.66 28.12 -21.44
N SER E 151 26.60 27.48 -20.76
CA SER E 151 26.51 26.03 -20.59
C SER E 151 25.28 25.65 -19.77
N MET E 152 24.99 26.42 -18.72
CA MET E 152 23.80 26.17 -17.92
C MET E 152 22.54 26.27 -18.77
N VAL E 153 22.40 27.36 -19.53
CA VAL E 153 21.21 27.55 -20.35
C VAL E 153 21.10 26.44 -21.39
N TYR E 154 22.22 26.05 -21.99
CA TYR E 154 22.20 25.00 -22.99
C TYR E 154 21.73 23.69 -22.40
N THR E 155 22.26 23.33 -21.23
CA THR E 155 21.92 22.03 -20.65
C THR E 155 20.47 21.98 -20.20
N LEU E 156 19.95 23.08 -19.64
CA LEU E 156 18.58 23.06 -19.15
C LEU E 156 17.56 23.21 -20.28
N VAL E 157 17.69 24.26 -21.08
CA VAL E 157 16.66 24.58 -22.07
C VAL E 157 16.58 23.52 -23.14
N SER E 158 17.64 22.72 -23.32
CA SER E 158 17.62 21.66 -24.33
C SER E 158 16.50 20.66 -24.10
N PHE E 159 15.98 20.58 -22.87
CA PHE E 159 14.86 19.69 -22.57
C PHE E 159 13.64 19.99 -23.44
N ALA F 1 -4.40 -4.77 29.44
CA ALA F 1 -5.58 -3.91 29.41
C ALA F 1 -5.22 -2.51 29.86
N PHE F 2 -4.18 -1.94 29.25
CA PHE F 2 -3.79 -0.58 29.57
C PHE F 2 -4.94 0.37 29.25
N THR F 3 -5.27 1.23 30.20
CA THR F 3 -6.37 2.15 30.05
C THR F 3 -5.99 3.50 30.63
N PHE F 4 -6.71 4.54 30.20
CA PHE F 4 -6.43 5.88 30.67
C PHE F 4 -6.49 5.97 32.18
N ALA F 5 -7.49 5.36 32.79
CA ALA F 5 -7.56 5.35 34.25
C ALA F 5 -6.37 4.65 34.86
N ALA F 6 -5.92 3.56 34.24
CA ALA F 6 -4.75 2.86 34.74
C ALA F 6 -3.51 3.75 34.69
N PHE F 7 -3.34 4.47 33.58
CA PHE F 7 -2.17 5.34 33.45
C PHE F 7 -2.23 6.49 34.46
N CYS F 8 -3.43 7.04 34.69
CA CYS F 8 -3.56 8.08 35.69
C CYS F 8 -3.26 7.56 37.08
N TYR F 9 -3.66 6.34 37.40
CA TYR F 9 -3.30 5.78 38.69
C TYR F 9 -1.79 5.55 38.80
N MET F 10 -1.15 5.13 37.72
CA MET F 10 0.30 4.95 37.73
C MET F 10 1.03 6.27 37.95
N LEU F 11 0.60 7.31 37.26
CA LEU F 11 1.24 8.61 37.38
C LEU F 11 1.03 9.19 38.78
N THR F 12 -0.17 9.01 39.34
CA THR F 12 -0.39 9.41 40.72
C THR F 12 0.51 8.63 41.66
N LEU F 13 0.75 7.35 41.35
CA LEU F 13 1.66 6.55 42.16
C LEU F 13 3.06 7.15 42.17
N VAL F 14 3.53 7.62 41.02
CA VAL F 14 4.84 8.26 40.95
C VAL F 14 4.86 9.55 41.77
N LEU F 15 3.84 10.38 41.62
CA LEU F 15 3.86 11.69 42.27
C LEU F 15 3.60 11.62 43.77
N CYS F 16 2.96 10.55 44.24
CA CYS F 16 2.62 10.49 45.66
C CYS F 16 3.85 10.38 46.54
N ALA F 17 4.97 9.88 46.01
CA ALA F 17 6.21 9.88 46.78
C ALA F 17 6.64 11.29 47.10
N SER F 18 6.61 12.19 46.12
CA SER F 18 6.92 13.59 46.37
C SER F 18 5.92 14.20 47.34
N LEU F 19 4.65 13.85 47.16
CA LEU F 19 3.63 14.38 48.05
C LEU F 19 3.88 13.96 49.49
N ILE F 20 4.41 12.75 49.70
CA ILE F 20 4.79 12.33 51.04
C ILE F 20 6.01 13.07 51.54
N PHE F 21 7.03 13.23 50.69
CA PHE F 21 8.26 13.86 51.14
C PHE F 21 8.02 15.28 51.61
N PHE F 22 7.08 15.99 50.98
CA PHE F 22 6.75 17.32 51.46
C PHE F 22 6.30 17.29 52.91
N VAL F 23 5.38 16.39 53.24
CA VAL F 23 4.84 16.41 54.60
C VAL F 23 5.88 15.90 55.59
N ILE F 24 6.79 15.03 55.16
CA ILE F 24 7.86 14.62 56.06
C ILE F 24 8.77 15.80 56.39
N TRP F 25 9.11 16.60 55.37
CA TRP F 25 9.90 17.81 55.64
C TRP F 25 9.14 18.77 56.54
N HIS F 26 7.82 18.87 56.36
CA HIS F 26 7.04 19.73 57.23
C HIS F 26 7.11 19.26 58.68
N ILE F 27 7.05 17.95 58.89
CA ILE F 27 7.15 17.40 60.24
C ILE F 27 8.50 17.74 60.85
N ILE F 28 9.58 17.54 60.08
CA ILE F 28 10.92 17.83 60.61
C ILE F 28 11.06 19.31 60.91
N ALA F 29 10.53 20.17 60.05
CA ALA F 29 10.63 21.61 60.27
C ALA F 29 9.87 22.03 61.52
N PHE F 30 8.68 21.47 61.74
CA PHE F 30 7.96 21.76 62.98
C PHE F 30 8.75 21.32 64.21
N ASP F 31 9.34 20.11 64.15
CA ASP F 31 10.10 19.65 65.30
C ASP F 31 11.31 20.54 65.57
N GLU F 32 11.93 21.05 64.51
CA GLU F 32 13.01 22.01 64.68
C GLU F 32 12.49 23.31 65.30
N LEU F 33 11.30 23.74 64.89
CA LEU F 33 10.74 24.98 65.42
C LEU F 33 10.45 24.89 66.91
N ARG F 34 9.81 23.79 67.34
CA ARG F 34 9.30 23.74 68.70
C ARG F 34 10.43 23.81 69.73
N THR F 35 11.51 23.07 69.51
CA THR F 35 12.60 23.01 70.47
C THR F 35 13.45 24.26 70.30
N ASP F 36 13.14 25.30 71.07
CA ASP F 36 13.87 26.56 71.02
C ASP F 36 14.28 27.03 72.42
N ALA F 49 19.96 35.53 70.64
CA ALA F 49 19.43 36.82 70.25
C ALA F 49 18.82 36.76 68.85
N ARG F 50 19.40 37.53 67.93
CA ARG F 50 18.90 37.59 66.56
C ARG F 50 19.09 36.29 65.81
N GLU F 51 19.97 35.42 66.29
CA GLU F 51 20.18 34.13 65.62
C GLU F 51 18.91 33.29 65.64
N ARG F 52 18.20 33.26 66.78
CA ARG F 52 16.93 32.55 66.83
C ARG F 52 15.93 33.15 65.84
N LEU F 53 15.91 34.48 65.72
CA LEU F 53 15.10 35.11 64.69
C LEU F 53 15.45 34.54 63.32
N LYS F 54 16.71 34.72 62.89
CA LYS F 54 17.08 34.31 61.54
C LYS F 54 16.70 32.86 61.28
N ASN F 55 16.80 32.01 62.31
CA ASN F 55 16.29 30.65 62.21
C ASN F 55 14.79 30.64 61.91
N ILE F 56 14.01 31.45 62.62
CA ILE F 56 12.56 31.37 62.46
C ILE F 56 12.12 31.93 61.11
N GLU F 57 12.75 33.00 60.63
CA GLU F 57 12.45 33.44 59.25
C GLU F 57 12.89 32.40 58.21
N ARG F 58 14.02 31.72 58.44
CA ARG F 58 14.41 30.68 57.49
C ARG F 58 13.33 29.60 57.41
N ILE F 59 12.84 29.16 58.56
CA ILE F 59 11.83 28.11 58.57
C ILE F 59 10.53 28.62 57.97
N CYS F 60 10.16 29.87 58.25
CA CYS F 60 8.94 30.42 57.70
C CYS F 60 9.00 30.50 56.18
N CYS F 61 10.15 30.91 55.64
CA CYS F 61 10.31 30.94 54.19
C CYS F 61 10.23 29.54 53.60
N LEU F 62 10.88 28.57 54.26
CA LEU F 62 10.79 27.18 53.80
C LEU F 62 9.34 26.73 53.70
N LEU F 63 8.57 26.95 54.77
CA LEU F 63 7.18 26.50 54.79
C LEU F 63 6.35 27.24 53.75
N ARG F 64 6.54 28.54 53.61
CA ARG F 64 5.75 29.31 52.66
C ARG F 64 6.01 28.85 51.23
N LYS F 65 7.27 28.56 50.89
CA LYS F 65 7.55 28.11 49.53
C LYS F 65 7.17 26.65 49.32
N LEU F 66 7.07 25.86 50.39
CA LEU F 66 6.72 24.45 50.27
C LEU F 66 5.21 24.20 50.30
N VAL F 67 4.42 25.17 50.75
CA VAL F 67 2.98 24.97 50.81
C VAL F 67 2.40 24.75 49.42
N VAL F 68 2.73 25.63 48.47
CA VAL F 68 2.00 25.67 47.20
C VAL F 68 2.13 24.40 46.39
N PRO F 69 3.34 23.83 46.17
CA PRO F 69 3.40 22.59 45.38
C PRO F 69 2.60 21.45 45.98
N GLU F 70 2.56 21.34 47.31
CA GLU F 70 1.76 20.31 47.94
C GLU F 70 0.28 20.44 47.62
N TYR F 71 -0.20 21.65 47.33
CA TYR F 71 -1.59 21.83 46.95
C TYR F 71 -1.80 21.67 45.45
N SER F 72 -0.89 22.21 44.65
CA SER F 72 -1.04 22.11 43.20
C SER F 72 -0.98 20.66 42.73
N ILE F 73 -0.11 19.86 43.32
CA ILE F 73 -0.01 18.46 42.89
C ILE F 73 -1.29 17.70 43.22
N HIS F 74 -1.86 17.94 44.40
CA HIS F 74 -3.12 17.30 44.71
C HIS F 74 -4.24 17.80 43.81
N GLY F 75 -4.17 19.06 43.40
CA GLY F 75 -5.08 19.53 42.38
C GLY F 75 -4.94 18.73 41.10
N LEU F 76 -3.70 18.40 40.72
CA LEU F 76 -3.52 17.52 39.58
C LEU F 76 -4.17 16.16 39.79
N PHE F 77 -4.01 15.57 40.98
CA PHE F 77 -4.60 14.26 41.20
C PHE F 77 -6.11 14.31 41.00
N CYS F 78 -6.77 15.25 41.66
CA CYS F 78 -8.21 15.32 41.52
C CYS F 78 -8.63 15.65 40.09
N LEU F 79 -7.88 16.52 39.41
CA LEU F 79 -8.23 16.84 38.02
C LEU F 79 -8.07 15.62 37.11
N MET F 80 -7.00 14.86 37.30
CA MET F 80 -6.80 13.68 36.47
C MET F 80 -7.91 12.67 36.68
N PHE F 81 -8.34 12.50 37.94
CA PHE F 81 -9.41 11.55 38.20
C PHE F 81 -10.74 12.02 37.65
N LEU F 82 -11.03 13.32 37.76
CA LEU F 82 -12.25 13.85 37.18
C LEU F 82 -12.26 13.66 35.67
N CYS F 83 -11.14 13.95 35.02
CA CYS F 83 -11.07 13.89 33.57
C CYS F 83 -10.94 12.46 33.07
N ALA F 84 -10.61 11.50 33.94
CA ALA F 84 -10.49 10.11 33.56
C ALA F 84 -11.69 9.28 34.00
N ALA F 85 -12.66 9.89 34.67
CA ALA F 85 -13.88 9.21 35.13
C ALA F 85 -13.56 8.07 36.11
N GLU F 86 -13.01 8.45 37.26
CA GLU F 86 -12.93 7.57 38.42
C GLU F 86 -13.48 8.33 39.62
N TRP F 87 -14.74 8.06 39.95
CA TRP F 87 -15.46 8.83 40.94
C TRP F 87 -15.29 8.29 42.36
N VAL F 88 -15.10 6.98 42.50
CA VAL F 88 -14.92 6.41 43.84
C VAL F 88 -13.66 6.96 44.49
N THR F 89 -12.66 7.35 43.70
CA THR F 89 -11.41 7.92 44.19
C THR F 89 -11.45 9.43 44.28
N LEU F 90 -12.08 10.09 43.29
CA LEU F 90 -12.29 11.52 43.38
C LEU F 90 -13.08 11.88 44.63
N GLY F 91 -14.04 11.02 45.02
CA GLY F 91 -14.76 11.26 46.24
C GLY F 91 -13.86 11.24 47.46
N LEU F 92 -12.88 10.34 47.47
CA LEU F 92 -11.90 10.33 48.54
C LEU F 92 -11.07 11.62 48.55
N ASN F 93 -10.67 12.08 47.37
CA ASN F 93 -9.73 13.20 47.31
C ASN F 93 -10.38 14.56 47.42
N ILE F 94 -11.70 14.66 47.29
CA ILE F 94 -12.36 15.97 47.40
C ILE F 94 -12.20 16.60 48.78
N PRO F 95 -12.45 15.90 49.90
CA PRO F 95 -12.36 16.59 51.21
C PRO F 95 -10.99 17.18 51.49
N LEU F 96 -9.91 16.52 51.05
CA LEU F 96 -8.60 17.09 51.29
C LEU F 96 -8.37 18.32 50.43
N LEU F 97 -8.88 18.33 49.21
CA LEU F 97 -8.79 19.54 48.40
C LEU F 97 -9.52 20.69 49.09
N PHE F 98 -10.70 20.41 49.66
CA PHE F 98 -11.44 21.48 50.31
C PHE F 98 -10.69 22.01 51.53
N THR F 99 -10.07 21.14 52.31
CA THR F 99 -9.25 21.62 53.42
C THR F 99 -8.04 22.39 52.89
N HIS F 100 -7.45 21.92 51.80
CA HIS F 100 -6.34 22.65 51.20
C HIS F 100 -6.75 23.98 50.61
N LEU F 101 -8.05 24.24 50.46
CA LEU F 101 -8.52 25.52 49.96
C LEU F 101 -8.71 26.54 51.07
N TRP F 102 -7.97 26.38 52.18
CA TRP F 102 -7.98 27.31 53.30
C TRP F 102 -9.36 27.45 53.93
N ARG F 103 -10.16 26.37 53.89
CA ARG F 103 -11.48 26.43 54.50
C ARG F 103 -11.38 26.70 56.00
N TYR F 104 -10.58 25.93 56.71
CA TYR F 104 -10.33 26.18 58.12
C TYR F 104 -9.30 27.28 58.34
N PHE F 105 -8.46 27.55 57.35
CA PHE F 105 -7.43 28.57 57.48
C PHE F 105 -8.06 29.96 57.51
N HIS F 106 -7.62 30.77 58.46
CA HIS F 106 -8.15 32.12 58.63
C HIS F 106 -7.37 33.07 57.72
N ARG F 107 -7.59 34.37 57.89
CA ARG F 107 -6.91 35.41 57.13
C ARG F 107 -6.18 36.31 58.12
N PRO F 108 -4.96 35.92 58.48
CA PRO F 108 -4.10 36.73 59.33
C PRO F 108 -2.80 37.12 58.63
N ALA F 109 -2.09 36.15 58.08
CA ALA F 109 -0.87 36.40 57.32
C ALA F 109 -0.81 35.42 56.16
N ASP F 110 -0.07 35.80 55.11
CA ASP F 110 0.05 34.94 53.94
C ASP F 110 0.73 33.62 54.30
N GLY F 111 1.79 33.68 55.09
CA GLY F 111 2.47 32.48 55.53
C GLY F 111 1.71 31.83 56.69
N SER F 112 2.13 30.62 57.04
CA SER F 112 1.51 29.92 58.17
C SER F 112 1.77 30.62 59.49
N GLU F 113 2.79 31.48 59.57
CA GLU F 113 3.13 32.18 60.79
C GLU F 113 3.43 33.65 60.52
N SER F 120 6.05 37.37 64.02
CA SER F 120 5.22 36.53 64.86
C SER F 120 5.69 35.08 64.84
N ILE F 121 6.31 34.65 65.94
CA ILE F 121 6.82 33.28 66.01
C ILE F 121 5.70 32.27 66.01
N MET F 122 4.57 32.61 66.64
CA MET F 122 3.42 31.71 66.78
C MET F 122 3.83 30.40 67.45
N ASN F 123 4.68 30.50 68.47
CA ASN F 123 5.09 29.35 69.27
C ASN F 123 4.07 29.16 70.38
N ALA F 124 2.93 28.60 70.00
CA ALA F 124 1.77 28.50 70.88
C ALA F 124 1.00 27.24 70.51
N ASP F 125 -0.28 27.17 70.89
CA ASP F 125 -1.13 26.05 70.51
C ASP F 125 -1.24 25.91 69.00
N ILE F 126 -0.95 26.98 68.25
CA ILE F 126 -0.91 26.86 66.80
C ILE F 126 0.14 25.85 66.37
N LEU F 127 1.26 25.80 67.09
CA LEU F 127 2.28 24.79 66.80
C LEU F 127 1.72 23.38 67.00
N ASN F 128 0.96 23.16 68.07
CA ASN F 128 0.38 21.84 68.29
C ASN F 128 -0.65 21.51 67.22
N TYR F 129 -1.45 22.51 66.80
CA TYR F 129 -2.43 22.28 65.75
C TYR F 129 -1.75 21.91 64.44
N CYS F 130 -0.67 22.60 64.09
CA CYS F 130 0.05 22.28 62.87
C CYS F 130 0.72 20.92 62.96
N GLN F 131 1.24 20.57 64.14
CA GLN F 131 1.75 19.22 64.35
C GLN F 131 0.69 18.17 64.07
N LYS F 132 -0.49 18.35 64.68
CA LYS F 132 -1.55 17.37 64.54
C LYS F 132 -2.02 17.25 63.10
N GLU F 133 -2.21 18.38 62.43
CA GLU F 133 -2.71 18.31 61.06
C GLU F 133 -1.64 17.76 60.12
N SER F 134 -0.37 18.04 60.38
CA SER F 134 0.69 17.47 59.54
C SER F 134 0.76 15.96 59.70
N TRP F 135 0.66 15.46 60.94
CA TRP F 135 0.66 14.01 61.12
C TRP F 135 -0.55 13.39 60.44
N CYS F 136 -1.72 14.01 60.57
CA CYS F 136 -2.91 13.50 59.90
C CYS F 136 -2.72 13.49 58.39
N LYS F 137 -2.12 14.54 57.84
CA LYS F 137 -1.91 14.61 56.41
C LYS F 137 -0.96 13.53 55.94
N LEU F 138 0.09 13.26 56.71
CA LEU F 138 1.00 12.18 56.34
C LEU F 138 0.30 10.84 56.34
N ALA F 139 -0.52 10.58 57.36
CA ALA F 139 -1.26 9.33 57.40
C ALA F 139 -2.17 9.19 56.19
N PHE F 140 -2.89 10.26 55.86
CA PHE F 140 -3.76 10.23 54.70
C PHE F 140 -2.97 9.99 53.42
N TYR F 141 -1.82 10.65 53.28
CA TYR F 141 -1.02 10.49 52.07
C TYR F 141 -0.54 9.06 51.90
N LEU F 142 -0.07 8.44 52.98
CA LEU F 142 0.45 7.09 52.84
C LEU F 142 -0.67 6.10 52.56
N LEU F 143 -1.82 6.27 53.23
CA LEU F 143 -2.96 5.40 52.94
C LEU F 143 -3.41 5.55 51.49
N SER F 144 -3.49 6.78 51.01
CA SER F 144 -3.88 7.01 49.63
C SER F 144 -2.86 6.44 48.66
N PHE F 145 -1.58 6.49 49.03
CA PHE F 145 -0.54 5.89 48.21
C PHE F 145 -0.78 4.40 48.03
N PHE F 146 -1.02 3.69 49.14
CA PHE F 146 -1.25 2.26 49.03
C PHE F 146 -2.51 1.95 48.25
N TYR F 147 -3.55 2.78 48.41
CA TYR F 147 -4.77 2.58 47.63
C TYR F 147 -4.52 2.77 46.15
N TYR F 148 -3.70 3.75 45.78
CA TYR F 148 -3.36 3.96 44.37
C TYR F 148 -2.58 2.79 43.82
N LEU F 149 -1.63 2.26 44.60
CA LEU F 149 -0.88 1.09 44.16
C LEU F 149 -1.81 -0.10 43.92
N TYR F 150 -2.74 -0.33 44.85
CA TYR F 150 -3.69 -1.42 44.67
C TYR F 150 -4.56 -1.22 43.45
N SER F 151 -5.05 0.00 43.23
CA SER F 151 -5.91 0.25 42.08
C SER F 151 -5.15 0.03 40.77
N MET F 152 -3.90 0.49 40.71
CA MET F 152 -3.10 0.28 39.51
C MET F 152 -2.89 -1.20 39.23
N VAL F 153 -2.51 -1.96 40.26
CA VAL F 153 -2.29 -3.40 40.08
C VAL F 153 -3.58 -4.08 39.64
N TYR F 154 -4.70 -3.70 40.26
CA TYR F 154 -5.98 -4.32 39.91
C TYR F 154 -6.34 -4.05 38.45
N THR F 155 -6.18 -2.81 38.00
CA THR F 155 -6.58 -2.47 36.65
C THR F 155 -5.68 -3.14 35.62
N LEU F 156 -4.37 -3.24 35.90
CA LEU F 156 -3.47 -3.83 34.92
C LEU F 156 -3.53 -5.36 34.93
N VAL F 157 -3.41 -5.97 36.10
CA VAL F 157 -3.30 -7.43 36.19
C VAL F 157 -4.59 -8.10 35.74
N SER F 158 -5.73 -7.40 35.86
CA SER F 158 -7.00 -7.99 35.46
C SER F 158 -7.02 -8.39 34.00
N PHE F 159 -6.13 -7.84 33.17
CA PHE F 159 -6.00 -8.24 31.78
C PHE F 159 -5.80 -9.74 31.62
N VAL G 1 5.02 61.78 9.04
CA VAL G 1 6.14 60.89 8.73
C VAL G 1 5.66 59.44 8.71
N GLN G 2 5.23 58.96 9.87
CA GLN G 2 4.67 57.61 10.00
C GLN G 2 3.20 57.59 10.37
N VAL G 3 2.70 58.62 11.06
CA VAL G 3 1.27 58.68 11.35
C VAL G 3 0.48 58.84 10.06
N LEU G 4 0.98 59.66 9.14
CA LEU G 4 0.30 59.79 7.85
C LEU G 4 0.30 58.49 7.08
N LEU G 5 1.41 57.75 7.11
CA LEU G 5 1.46 56.46 6.44
C LEU G 5 0.48 55.48 7.09
N THR G 6 0.36 55.51 8.41
CA THR G 6 -0.62 54.65 9.05
C THR G 6 -2.04 55.02 8.65
N THR G 7 -2.34 56.32 8.54
CA THR G 7 -3.69 56.73 8.14
C THR G 7 -4.00 56.28 6.71
N ILE G 8 -3.07 56.52 5.78
CA ILE G 8 -3.32 56.14 4.40
C ILE G 8 -3.45 54.63 4.30
N GLY G 9 -2.63 53.88 5.06
CA GLY G 9 -2.78 52.45 5.08
C GLY G 9 -4.13 52.01 5.64
N ALA G 10 -4.57 52.65 6.70
CA ALA G 10 -5.84 52.27 7.33
C ALA G 10 -7.00 52.44 6.38
N PHE G 11 -7.10 53.61 5.75
CA PHE G 11 -8.22 53.82 4.85
C PHE G 11 -8.07 53.07 3.52
N SER G 12 -6.86 52.87 3.02
CA SER G 12 -6.71 52.02 1.85
C SER G 12 -7.13 50.59 2.15
N ALA G 13 -6.73 50.06 3.30
CA ALA G 13 -7.10 48.70 3.67
C ALA G 13 -8.61 48.58 3.85
N PHE G 14 -9.23 49.56 4.50
CA PHE G 14 -10.69 49.53 4.65
C PHE G 14 -11.38 49.62 3.30
N GLY G 15 -10.88 50.47 2.40
CA GLY G 15 -11.47 50.54 1.08
C GLY G 15 -11.39 49.21 0.35
N LEU G 16 -10.22 48.57 0.42
CA LEU G 16 -10.07 47.30 -0.29
C LEU G 16 -10.93 46.22 0.32
N MET G 17 -11.08 46.22 1.64
CA MET G 17 -11.86 45.16 2.27
C MET G 17 -13.36 45.42 2.24
N THR G 18 -13.78 46.64 1.93
CA THR G 18 -15.19 46.87 1.63
C THR G 18 -15.51 46.76 0.15
N ILE G 19 -14.51 46.85 -0.73
CA ILE G 19 -14.71 46.50 -2.12
C ILE G 19 -14.66 45.00 -2.33
N ALA G 20 -13.90 44.26 -1.51
CA ALA G 20 -13.81 42.83 -1.70
C ALA G 20 -15.14 42.13 -1.46
N ILE G 21 -15.86 42.49 -0.40
CA ILE G 21 -17.05 41.73 -0.05
C ILE G 21 -18.26 42.15 -0.87
N SER G 22 -18.44 43.44 -1.09
CA SER G 22 -19.61 43.91 -1.82
C SER G 22 -19.62 43.37 -3.25
N THR G 23 -18.52 43.55 -3.99
CA THR G 23 -18.48 43.10 -5.36
C THR G 23 -18.42 41.58 -5.44
N ASP G 24 -18.75 41.05 -6.63
CA ASP G 24 -18.90 39.62 -6.84
C ASP G 24 -18.07 39.20 -8.05
N TYR G 25 -16.78 38.99 -7.83
CA TYR G 25 -15.92 38.37 -8.83
C TYR G 25 -14.93 37.43 -8.17
N TRP G 26 -15.30 36.84 -7.03
CA TRP G 26 -14.38 36.01 -6.26
C TRP G 26 -13.93 34.79 -7.04
N LEU G 27 -14.86 33.88 -7.32
CA LEU G 27 -14.56 32.55 -7.85
C LEU G 27 -15.11 32.41 -9.26
N TYR G 28 -14.24 31.97 -10.18
CA TYR G 28 -14.65 31.65 -11.54
C TYR G 28 -14.81 30.15 -11.66
N THR G 29 -15.98 29.70 -12.09
CA THR G 29 -16.24 28.27 -12.16
C THR G 29 -17.39 28.03 -13.13
N ARG G 30 -17.59 26.76 -13.47
CA ARG G 30 -18.68 26.35 -14.34
C ARG G 30 -19.72 25.57 -13.55
N GLY G 62 -21.77 26.59 -17.98
CA GLY G 62 -21.17 27.81 -18.46
C GLY G 62 -20.35 28.51 -17.40
N LEU G 63 -19.45 29.39 -17.82
CA LEU G 63 -18.59 30.10 -16.88
C LEU G 63 -19.42 31.09 -16.06
N THR G 64 -19.32 30.98 -14.74
CA THR G 64 -20.08 31.83 -13.83
C THR G 64 -19.11 32.54 -12.92
N HIS G 65 -19.01 33.86 -13.04
CA HIS G 65 -18.18 34.64 -12.15
C HIS G 65 -18.93 34.81 -10.83
N SER G 66 -18.53 34.04 -9.83
CA SER G 66 -19.29 33.96 -8.59
C SER G 66 -19.02 35.19 -7.74
N GLY G 67 -19.34 35.08 -6.45
CA GLY G 67 -19.14 36.17 -5.52
C GLY G 67 -19.25 35.67 -4.11
N LEU G 68 -19.34 36.60 -3.17
CA LEU G 68 -19.54 36.23 -1.78
C LEU G 68 -21.00 36.10 -1.44
N TRP G 69 -21.84 36.95 -2.02
CA TRP G 69 -23.29 36.93 -1.83
C TRP G 69 -24.05 36.43 -3.04
N ARG G 70 -23.62 36.81 -4.24
CA ARG G 70 -24.37 36.62 -5.47
C ARG G 70 -23.54 35.89 -6.48
N ILE G 71 -24.16 34.94 -7.18
CA ILE G 71 -23.54 34.23 -8.30
C ILE G 71 -24.10 34.77 -9.60
N CYS G 72 -23.23 35.02 -10.56
CA CYS G 72 -23.67 35.55 -11.83
C CYS G 72 -23.16 34.71 -12.98
N CYS G 73 -23.92 34.70 -14.07
CA CYS G 73 -23.65 33.83 -15.20
C CYS G 73 -22.97 34.59 -16.32
N LEU G 74 -22.19 33.86 -17.12
CA LEU G 74 -21.46 34.43 -18.24
C LEU G 74 -21.41 33.40 -19.35
N GLU G 75 -21.48 33.89 -20.59
CA GLU G 75 -21.38 33.04 -21.77
C GLU G 75 -22.32 31.84 -21.68
N GLY G 76 -23.62 32.15 -21.69
CA GLY G 76 -24.62 31.11 -21.63
C GLY G 76 -25.94 31.61 -22.21
N LEU G 77 -26.98 30.80 -21.98
CA LEU G 77 -28.32 31.21 -22.40
C LEU G 77 -28.74 32.48 -21.67
N LYS G 78 -28.45 32.57 -20.38
CA LYS G 78 -28.67 33.78 -19.60
C LYS G 78 -27.33 34.47 -19.34
N ARG G 79 -27.38 35.77 -19.13
CA ARG G 79 -26.20 36.55 -18.81
C ARG G 79 -26.62 37.73 -17.95
N GLY G 80 -25.70 38.67 -17.75
CA GLY G 80 -26.03 39.92 -17.09
C GLY G 80 -26.60 39.76 -15.69
N VAL G 81 -27.91 39.98 -15.55
CA VAL G 81 -28.55 39.90 -14.25
C VAL G 81 -28.33 38.51 -13.66
N CYS G 82 -28.35 38.43 -12.33
CA CYS G 82 -27.91 37.22 -11.67
C CYS G 82 -28.56 37.09 -10.30
N VAL G 83 -28.33 35.93 -9.68
CA VAL G 83 -29.10 35.47 -8.54
C VAL G 83 -28.19 35.23 -7.35
N LYS G 84 -28.80 35.09 -6.18
CA LYS G 84 -28.06 34.93 -4.94
C LYS G 84 -27.64 33.47 -4.74
N ILE G 85 -26.91 33.24 -3.67
CA ILE G 85 -26.43 31.91 -3.29
C ILE G 85 -27.46 31.27 -2.37
N ASN G 86 -27.55 29.95 -2.42
CA ASN G 86 -28.39 29.18 -1.51
C ASN G 86 -27.50 28.39 -0.57
N HIS G 87 -27.77 28.51 0.73
CA HIS G 87 -26.92 27.92 1.76
C HIS G 87 -27.67 26.88 2.58
N PHE G 88 -28.54 26.13 1.92
CA PHE G 88 -29.22 25.00 2.55
C PHE G 88 -29.88 24.13 1.48
N ALA G 99 -22.05 19.15 13.26
CA ALA G 99 -22.47 20.55 13.19
C ALA G 99 -21.77 21.28 12.05
N GLU G 100 -21.98 20.80 10.83
CA GLU G 100 -21.58 21.54 9.65
C GLU G 100 -22.48 22.74 9.39
N TYR G 101 -23.60 22.86 10.13
CA TYR G 101 -24.45 24.02 10.00
C TYR G 101 -23.71 25.30 10.37
N LEU G 102 -22.80 25.22 11.34
CA LEU G 102 -22.04 26.41 11.73
C LEU G 102 -21.22 26.93 10.56
N LEU G 103 -20.56 26.03 9.83
CA LEU G 103 -19.83 26.46 8.64
C LEU G 103 -20.76 27.09 7.64
N ARG G 104 -21.92 26.48 7.41
CA ARG G 104 -22.83 27.00 6.39
C ARG G 104 -23.31 28.40 6.77
N VAL G 105 -23.69 28.59 8.03
CA VAL G 105 -24.23 29.89 8.43
C VAL G 105 -23.13 30.94 8.46
N VAL G 106 -21.93 30.59 8.94
CA VAL G 106 -20.85 31.57 8.99
C VAL G 106 -20.41 31.95 7.59
N ARG G 107 -20.32 30.98 6.68
CA ARG G 107 -20.01 31.30 5.29
C ARG G 107 -21.10 32.14 4.66
N ALA G 108 -22.36 31.80 4.94
CA ALA G 108 -23.49 32.53 4.38
C ALA G 108 -23.50 33.96 4.88
N SER G 109 -23.72 34.13 6.17
CA SER G 109 -23.60 35.43 6.81
C SER G 109 -22.13 35.69 6.97
N SER G 110 -21.50 36.22 5.92
CA SER G 110 -20.04 36.26 5.86
C SER G 110 -19.56 37.23 6.91
N ILE G 111 -19.57 36.77 8.16
CA ILE G 111 -19.36 37.66 9.28
C ILE G 111 -17.90 38.09 9.35
N PHE G 112 -16.97 37.17 9.10
CA PHE G 112 -15.58 37.48 9.42
C PHE G 112 -14.99 38.58 8.53
N PRO G 113 -15.17 38.57 7.22
CA PRO G 113 -14.77 39.77 6.46
C PRO G 113 -15.52 41.04 6.86
N ILE G 114 -16.79 40.94 7.25
CA ILE G 114 -17.51 42.13 7.70
C ILE G 114 -16.85 42.69 8.95
N LEU G 115 -16.48 41.82 9.88
CA LEU G 115 -15.81 42.23 11.10
C LEU G 115 -14.41 42.76 10.81
N SER G 116 -13.73 42.19 9.83
CA SER G 116 -12.44 42.75 9.45
C SER G 116 -12.60 44.19 8.96
N ALA G 117 -13.63 44.44 8.15
CA ALA G 117 -13.86 45.81 7.70
C ALA G 117 -14.19 46.72 8.88
N ILE G 118 -15.00 46.25 9.82
CA ILE G 118 -15.34 47.08 10.98
C ILE G 118 -14.09 47.43 11.77
N LEU G 119 -13.24 46.44 12.03
CA LEU G 119 -12.04 46.66 12.82
C LEU G 119 -11.09 47.63 12.12
N LEU G 120 -10.93 47.48 10.81
CA LEU G 120 -10.07 48.42 10.10
C LEU G 120 -10.62 49.84 10.20
N LEU G 121 -11.94 49.99 10.11
CA LEU G 121 -12.52 51.32 10.24
C LEU G 121 -12.28 51.89 11.63
N LEU G 122 -12.42 51.07 12.67
CA LEU G 122 -12.19 51.54 14.03
C LEU G 122 -10.73 51.93 14.24
N GLY G 123 -9.81 51.16 13.69
CA GLY G 123 -8.42 51.54 13.76
C GLY G 123 -8.15 52.86 13.06
N GLY G 124 -8.79 53.06 11.90
CA GLY G 124 -8.63 54.32 11.21
C GLY G 124 -9.13 55.51 12.00
N VAL G 125 -10.30 55.37 12.63
CA VAL G 125 -10.80 56.49 13.42
C VAL G 125 -9.97 56.70 14.68
N CYS G 126 -9.41 55.62 15.26
CA CYS G 126 -8.55 55.80 16.43
C CYS G 126 -7.26 56.54 16.07
N VAL G 127 -6.65 56.18 14.94
CA VAL G 127 -5.47 56.92 14.51
C VAL G 127 -5.82 58.36 14.19
N ALA G 128 -7.01 58.59 13.63
CA ALA G 128 -7.45 59.96 13.39
C ALA G 128 -7.59 60.73 14.70
N ALA G 129 -8.19 60.10 15.71
CA ALA G 129 -8.41 60.74 16.99
C ALA G 129 -7.15 60.86 17.83
N SER G 130 -6.06 60.19 17.45
CA SER G 130 -4.79 60.42 18.16
C SER G 130 -4.20 61.78 17.82
N ARG G 131 -4.38 62.27 16.59
CA ARG G 131 -3.81 63.55 16.23
C ARG G 131 -4.40 64.67 17.07
N VAL G 132 -5.73 64.76 17.13
CA VAL G 132 -6.37 65.61 18.12
C VAL G 132 -6.29 64.92 19.47
N TYR G 133 -6.55 65.67 20.53
CA TYR G 133 -6.48 65.13 21.89
C TYR G 133 -5.18 64.36 22.09
N LYS G 134 -4.08 64.95 21.63
CA LYS G 134 -2.81 64.24 21.49
C LYS G 134 -2.26 63.84 22.86
N SER G 135 -1.17 63.07 22.82
CA SER G 135 -0.49 62.60 24.02
C SER G 135 -1.38 61.70 24.87
N LYS G 136 -2.32 60.99 24.22
CA LYS G 136 -3.11 60.01 24.96
C LYS G 136 -2.31 58.76 25.26
N ARG G 137 -1.35 58.42 24.39
CA ARG G 137 -0.35 57.38 24.61
C ARG G 137 -0.93 55.98 24.56
N ASN G 138 -2.26 55.86 24.52
CA ASN G 138 -2.89 54.55 24.47
C ASN G 138 -3.86 54.39 23.31
N ILE G 139 -4.32 55.49 22.71
CA ILE G 139 -5.15 55.39 21.53
C ILE G 139 -4.36 54.76 20.38
N ILE G 140 -3.07 55.09 20.26
CA ILE G 140 -2.27 54.54 19.18
C ILE G 140 -2.05 53.04 19.39
N LEU G 141 -1.85 52.61 20.63
CA LEU G 141 -1.76 51.17 20.87
C LEU G 141 -3.08 50.49 20.58
N GLY G 142 -4.20 51.13 20.92
CA GLY G 142 -5.49 50.58 20.54
C GLY G 142 -5.60 50.41 19.04
N ALA G 143 -5.11 51.39 18.28
CA ALA G 143 -5.10 51.25 16.84
C ALA G 143 -4.22 50.08 16.41
N GLY G 144 -3.08 49.91 17.07
CA GLY G 144 -2.19 48.83 16.73
C GLY G 144 -2.81 47.47 16.99
N ILE G 145 -3.72 47.38 17.95
CA ILE G 145 -4.39 46.11 18.19
C ILE G 145 -5.56 45.91 17.22
N LEU G 146 -6.27 46.98 16.89
CA LEU G 146 -7.39 46.84 15.96
C LEU G 146 -6.89 46.41 14.58
N PHE G 147 -5.81 47.02 14.10
CA PHE G 147 -5.28 46.67 12.78
C PHE G 147 -4.71 45.26 12.71
N VAL G 148 -4.50 44.59 13.83
CA VAL G 148 -4.04 43.20 13.85
C VAL G 148 -5.18 42.22 14.02
N ALA G 149 -6.13 42.54 14.91
CA ALA G 149 -7.34 41.73 14.97
C ALA G 149 -8.06 41.74 13.64
N ALA G 150 -7.91 42.81 12.85
CA ALA G 150 -8.43 42.79 11.49
C ALA G 150 -7.79 41.70 10.65
N GLY G 151 -6.47 41.56 10.73
CA GLY G 151 -5.82 40.49 10.00
C GLY G 151 -6.27 39.11 10.43
N LEU G 152 -6.44 38.92 11.73
CA LEU G 152 -6.84 37.60 12.21
C LEU G 152 -8.26 37.25 11.74
N SER G 153 -9.19 38.20 11.85
CA SER G 153 -10.55 37.94 11.40
C SER G 153 -10.58 37.71 9.89
N ASN G 154 -9.75 38.44 9.14
CA ASN G 154 -9.67 38.22 7.71
C ASN G 154 -9.22 36.81 7.37
N ILE G 155 -8.16 36.33 8.05
CA ILE G 155 -7.65 35.01 7.68
C ILE G 155 -8.64 33.93 8.06
N ILE G 156 -9.38 34.10 9.16
CA ILE G 156 -10.48 33.17 9.43
C ILE G 156 -11.52 33.25 8.33
N GLY G 157 -11.81 34.46 7.84
CA GLY G 157 -12.79 34.59 6.79
C GLY G 157 -12.44 33.81 5.56
N VAL G 158 -11.17 33.88 5.15
CA VAL G 158 -10.80 33.13 3.94
C VAL G 158 -10.66 31.64 4.20
N ILE G 159 -10.18 31.23 5.36
CA ILE G 159 -10.17 29.79 5.64
C ILE G 159 -11.58 29.24 5.56
N VAL G 160 -12.56 29.94 6.15
CA VAL G 160 -13.95 29.49 6.10
C VAL G 160 -14.47 29.51 4.68
N TYR G 161 -14.19 30.58 3.93
CA TYR G 161 -14.71 30.66 2.57
C TYR G 161 -14.18 29.53 1.70
N ILE G 162 -12.86 29.28 1.76
CA ILE G 162 -12.29 28.23 0.93
C ILE G 162 -12.72 26.86 1.41
N SER G 163 -12.95 26.70 2.71
CA SER G 163 -13.43 25.42 3.22
C SER G 163 -14.86 25.15 2.75
N ALA G 164 -15.70 26.17 2.73
CA ALA G 164 -17.08 26.01 2.29
C ALA G 164 -17.20 25.92 0.77
N ASN G 165 -16.25 26.49 0.05
CA ASN G 165 -16.33 26.52 -1.41
C ASN G 165 -16.38 25.12 -1.99
N ALA G 166 -15.51 24.23 -1.53
CA ALA G 166 -15.43 22.89 -2.12
C ALA G 166 -16.63 22.04 -1.81
N GLY G 167 -17.50 22.46 -0.90
CA GLY G 167 -18.70 21.71 -0.58
C GLY G 167 -19.68 21.61 -1.73
N LYS G 178 -11.70 16.48 -11.75
CA LYS G 178 -13.00 17.11 -11.56
C LYS G 178 -13.03 18.51 -12.18
N ASN G 179 -14.02 19.30 -11.78
CA ASN G 179 -14.16 20.65 -12.31
C ASN G 179 -13.01 21.53 -11.83
N HIS G 180 -12.62 22.48 -12.69
CA HIS G 180 -11.56 23.41 -12.38
C HIS G 180 -12.13 24.79 -12.12
N TYR G 181 -11.52 25.49 -11.18
CA TYR G 181 -11.94 26.81 -10.73
C TYR G 181 -10.75 27.75 -10.65
N SER G 182 -11.04 29.01 -10.39
CA SER G 182 -10.01 30.04 -10.34
C SER G 182 -10.57 31.20 -9.53
N TYR G 183 -9.67 32.11 -9.15
CA TYR G 183 -10.01 33.20 -8.26
C TYR G 183 -9.86 34.53 -8.98
N GLY G 184 -10.76 35.46 -8.67
CA GLY G 184 -10.87 36.72 -9.40
C GLY G 184 -10.04 37.83 -8.82
N TRP G 185 -10.59 39.04 -8.85
CA TRP G 185 -9.88 40.17 -8.26
C TRP G 185 -10.47 40.62 -6.94
N SER G 186 -11.71 40.25 -6.63
CA SER G 186 -12.21 40.48 -5.29
C SER G 186 -11.41 39.67 -4.27
N PHE G 187 -11.10 38.42 -4.61
CA PHE G 187 -10.30 37.60 -3.73
C PHE G 187 -8.94 38.24 -3.45
N TYR G 188 -8.30 38.75 -4.48
CA TYR G 188 -6.97 39.32 -4.29
C TYR G 188 -7.02 40.71 -3.65
N PHE G 189 -8.12 41.46 -3.80
CA PHE G 189 -8.27 42.62 -2.93
C PHE G 189 -8.35 42.21 -1.46
N GLY G 190 -9.08 41.14 -1.16
CA GLY G 190 -9.09 40.69 0.22
C GLY G 190 -7.69 40.33 0.71
N GLY G 191 -6.96 39.58 -0.11
CA GLY G 191 -5.62 39.16 0.27
C GLY G 191 -4.65 40.31 0.43
N LEU G 192 -4.81 41.36 -0.38
CA LEU G 192 -3.96 42.53 -0.26
C LEU G 192 -4.35 43.36 0.95
N SER G 193 -5.64 43.37 1.31
CA SER G 193 -6.06 44.05 2.53
C SER G 193 -5.45 43.41 3.75
N PHE G 194 -5.36 42.08 3.77
CA PHE G 194 -4.72 41.44 4.92
C PHE G 194 -3.29 41.94 5.11
N ILE G 195 -2.50 41.94 4.04
CA ILE G 195 -1.09 42.35 4.12
C ILE G 195 -0.99 43.80 4.58
N LEU G 196 -1.81 44.66 4.00
CA LEU G 196 -1.78 46.06 4.36
C LEU G 196 -2.16 46.25 5.83
N ALA G 197 -3.12 45.47 6.32
CA ALA G 197 -3.53 45.57 7.72
C ALA G 197 -2.41 45.16 8.65
N GLU G 198 -1.73 44.06 8.37
CA GLU G 198 -0.64 43.65 9.24
C GLU G 198 0.47 44.70 9.26
N VAL G 199 0.83 45.22 8.09
CA VAL G 199 1.92 46.20 8.04
C VAL G 199 1.56 47.47 8.79
N ILE G 200 0.33 47.98 8.62
CA ILE G 200 0.00 49.19 9.35
C ILE G 200 -0.11 48.89 10.83
N GLY G 201 -0.42 47.66 11.22
CA GLY G 201 -0.41 47.32 12.63
C GLY G 201 0.98 47.40 13.23
N VAL G 202 1.97 46.86 12.54
CA VAL G 202 3.34 46.94 13.06
C VAL G 202 3.82 48.39 13.08
N LEU G 203 3.42 49.19 12.09
CA LEU G 203 3.79 50.60 12.11
C LEU G 203 3.14 51.34 13.28
N ALA G 204 1.90 51.00 13.61
CA ALA G 204 1.23 51.64 14.74
C ALA G 204 1.90 51.28 16.06
N VAL G 205 2.29 50.03 16.25
CA VAL G 205 3.04 49.67 17.46
C VAL G 205 4.39 50.37 17.49
N ASN G 206 5.06 50.47 16.34
CA ASN G 206 6.34 51.18 16.31
C ASN G 206 6.17 52.62 16.75
N ILE G 207 5.14 53.30 16.24
CA ILE G 207 4.89 54.68 16.65
C ILE G 207 4.62 54.75 18.15
N TYR G 208 3.82 53.82 18.66
CA TYR G 208 3.52 53.85 20.09
C TYR G 208 4.77 53.67 20.92
N ILE G 209 5.65 52.75 20.54
CA ILE G 209 6.87 52.53 21.30
C ILE G 209 7.78 53.75 21.24
N GLU G 210 7.92 54.35 20.05
CA GLU G 210 8.75 55.54 19.94
C GLU G 210 8.20 56.67 20.81
N ARG G 211 6.89 56.87 20.79
CA ARG G 211 6.28 57.94 21.56
C ARG G 211 6.24 57.65 23.06
N SER G 212 6.30 56.39 23.46
CA SER G 212 6.42 56.06 24.88
C SER G 212 7.85 56.12 25.39
N ARG G 213 8.84 55.87 24.52
CA ARG G 213 10.22 56.07 24.90
C ARG G 213 10.59 57.54 24.91
N GLU G 214 9.94 58.35 24.08
CA GLU G 214 10.17 59.79 24.14
C GLU G 214 9.65 60.41 25.42
N ALA G 215 8.86 59.67 26.20
CA ALA G 215 8.41 60.15 27.50
C ALA G 215 9.10 59.36 28.61
N VAL H 1 45.15 2.26 43.31
CA VAL H 1 43.86 2.91 43.42
C VAL H 1 43.07 2.75 42.13
N GLN H 2 43.59 3.34 41.06
CA GLN H 2 43.00 3.21 39.74
C GLN H 2 43.88 2.48 38.74
N VAL H 3 45.19 2.50 38.91
CA VAL H 3 46.06 1.72 38.03
C VAL H 3 45.80 0.23 38.23
N LEU H 4 45.62 -0.19 39.48
CA LEU H 4 45.32 -1.60 39.73
C LEU H 4 43.97 -1.99 39.12
N LEU H 5 42.98 -1.11 39.22
CA LEU H 5 41.69 -1.39 38.58
C LEU H 5 41.83 -1.49 37.07
N THR H 6 42.65 -0.62 36.46
CA THR H 6 42.87 -0.73 35.03
C THR H 6 43.56 -2.04 34.67
N THR H 7 44.53 -2.48 35.47
CA THR H 7 45.20 -3.75 35.18
C THR H 7 44.24 -4.93 35.28
N ILE H 8 43.46 -4.99 36.36
CA ILE H 8 42.54 -6.09 36.51
C ILE H 8 41.49 -6.07 35.40
N GLY H 9 41.04 -4.88 35.01
CA GLY H 9 40.13 -4.80 33.89
C GLY H 9 40.76 -5.25 32.59
N ALA H 10 42.02 -4.87 32.36
CA ALA H 10 42.68 -5.24 31.12
C ALA H 10 42.80 -6.75 30.99
N PHE H 11 43.30 -7.41 32.03
CA PHE H 11 43.45 -8.86 31.91
C PHE H 11 42.13 -9.62 32.01
N SER H 12 41.14 -9.11 32.75
CA SER H 12 39.83 -9.75 32.72
C SER H 12 39.21 -9.64 31.33
N ALA H 13 39.31 -8.47 30.71
CA ALA H 13 38.76 -8.30 29.36
C ALA H 13 39.48 -9.18 28.35
N PHE H 14 40.81 -9.27 28.44
CA PHE H 14 41.54 -10.16 27.55
C PHE H 14 41.16 -11.62 27.78
N GLY H 15 41.01 -12.02 29.04
CA GLY H 15 40.59 -13.38 29.31
C GLY H 15 39.23 -13.68 28.71
N LEU H 16 38.29 -12.75 28.87
CA LEU H 16 36.95 -13.01 28.34
C LEU H 16 36.95 -13.00 26.82
N MET H 17 37.76 -12.17 26.19
CA MET H 17 37.74 -12.13 24.73
C MET H 17 38.60 -13.20 24.09
N THR H 18 39.46 -13.88 24.86
CA THR H 18 40.11 -15.09 24.36
C THR H 18 39.35 -16.35 24.71
N ILE H 19 38.45 -16.31 25.70
CA ILE H 19 37.51 -17.40 25.92
C ILE H 19 36.34 -17.33 24.95
N ALA H 20 35.95 -16.13 24.52
CA ALA H 20 34.81 -16.02 23.62
C ALA H 20 35.09 -16.68 22.27
N ILE H 21 36.27 -16.47 21.69
CA ILE H 21 36.48 -16.93 20.32
C ILE H 21 36.87 -18.41 20.29
N SER H 22 37.72 -18.84 21.20
CA SER H 22 38.17 -20.23 21.19
C SER H 22 37.01 -21.19 21.38
N THR H 23 36.20 -20.99 22.44
CA THR H 23 35.10 -21.89 22.72
C THR H 23 33.99 -21.71 21.68
N ASP H 24 33.11 -22.72 21.61
CA ASP H 24 32.07 -22.81 20.59
C ASP H 24 30.73 -23.06 21.26
N TYR H 25 30.11 -21.98 21.74
CA TYR H 25 28.72 -22.02 22.19
C TYR H 25 27.99 -20.75 21.81
N TRP H 26 28.40 -20.13 20.70
CA TRP H 26 27.84 -18.84 20.30
C TRP H 26 26.35 -18.93 19.99
N LEU H 27 26.01 -19.67 18.94
CA LEU H 27 24.66 -19.67 18.38
C LEU H 27 24.02 -21.04 18.56
N TYR H 28 22.80 -21.05 19.11
CA TYR H 28 22.01 -22.26 19.21
C TYR H 28 20.98 -22.27 18.10
N THR H 29 20.98 -23.33 17.29
CA THR H 29 20.07 -23.38 16.16
C THR H 29 19.90 -24.84 15.74
N ARG H 30 18.91 -25.06 14.86
CA ARG H 30 18.65 -26.38 14.31
C ARG H 30 19.04 -26.44 12.84
N GLY H 62 18.20 -31.14 14.25
CA GLY H 62 18.49 -31.22 15.66
C GLY H 62 19.19 -29.99 16.19
N LEU H 63 19.15 -29.78 17.50
CA LEU H 63 19.76 -28.60 18.10
C LEU H 63 21.28 -28.70 18.01
N THR H 64 21.90 -27.68 17.43
CA THR H 64 23.35 -27.66 17.24
C THR H 64 23.90 -26.42 17.92
N HIS H 65 24.69 -26.61 18.98
CA HIS H 65 25.35 -25.49 19.63
C HIS H 65 26.54 -25.09 18.78
N SER H 66 26.39 -24.00 18.04
CA SER H 66 27.39 -23.63 17.04
C SER H 66 28.59 -22.98 17.73
N GLY H 67 29.39 -22.26 16.93
CA GLY H 67 30.56 -21.60 17.44
C GLY H 67 31.07 -20.60 16.43
N LEU H 68 32.27 -20.11 16.67
CA LEU H 68 32.89 -19.20 15.71
C LEU H 68 33.66 -19.95 14.64
N TRP H 69 34.31 -21.05 15.03
CA TRP H 69 35.07 -21.89 14.12
C TRP H 69 34.39 -23.22 13.84
N ARG H 70 33.79 -23.84 14.85
CA ARG H 70 33.32 -25.21 14.80
C ARG H 70 31.86 -25.28 15.17
N ILE H 71 31.10 -26.08 14.44
CA ILE H 71 29.70 -26.36 14.73
C ILE H 71 29.60 -27.75 15.34
N CYS H 72 28.82 -27.88 16.40
CA CYS H 72 28.69 -29.15 17.07
C CYS H 72 27.23 -29.52 17.23
N CYS H 73 26.96 -30.82 17.25
CA CYS H 73 25.60 -31.33 17.24
C CYS H 73 25.18 -31.77 18.64
N LEU H 74 23.87 -31.71 18.88
CA LEU H 74 23.29 -32.07 20.16
C LEU H 74 21.94 -32.72 19.91
N GLU H 75 21.61 -33.71 20.73
CA GLU H 75 20.32 -34.38 20.67
C GLU H 75 19.98 -34.82 19.24
N GLY H 76 20.78 -35.75 18.75
CA GLY H 76 20.58 -36.27 17.42
C GLY H 76 21.19 -37.64 17.26
N LEU H 77 21.25 -38.10 16.02
CA LEU H 77 21.92 -39.37 15.72
C LEU H 77 23.39 -39.31 16.10
N LYS H 78 24.05 -38.19 15.79
CA LYS H 78 25.41 -37.93 16.21
C LYS H 78 25.41 -36.90 17.34
N ARG H 79 26.45 -36.96 18.17
CA ARG H 79 26.61 -36.01 19.25
C ARG H 79 28.10 -35.83 19.51
N GLY H 80 28.44 -35.17 20.61
CA GLY H 80 29.82 -35.08 21.04
C GLY H 80 30.76 -34.45 20.04
N VAL H 81 31.59 -35.28 19.41
CA VAL H 81 32.56 -34.77 18.44
C VAL H 81 31.84 -34.03 17.33
N CYS H 82 32.55 -33.09 16.71
CA CYS H 82 31.88 -32.15 15.81
C CYS H 82 32.86 -31.60 14.79
N VAL H 83 32.31 -30.85 13.84
CA VAL H 83 32.99 -30.52 12.60
C VAL H 83 33.07 -29.01 12.45
N LYS H 84 33.91 -28.57 11.52
CA LYS H 84 34.16 -27.15 11.30
C LYS H 84 33.08 -26.55 10.41
N ILE H 85 33.18 -25.24 10.21
CA ILE H 85 32.26 -24.48 9.37
C ILE H 85 32.81 -24.45 7.96
N ASN H 86 31.92 -24.39 6.97
CA ASN H 86 32.29 -24.21 5.58
C ASN H 86 31.87 -22.83 5.12
N HIS H 87 32.80 -22.09 4.51
CA HIS H 87 32.58 -20.70 4.15
C HIS H 87 32.68 -20.50 2.64
N PHE H 88 32.19 -21.48 1.88
CA PHE H 88 32.08 -21.37 0.44
C PHE H 88 31.20 -22.47 -0.12
N ALA H 99 30.77 -8.03 -4.18
CA ALA H 99 31.89 -8.55 -3.38
C ALA H 99 31.42 -8.97 -1.99
N GLU H 100 30.50 -9.94 -1.95
CA GLU H 100 30.17 -10.60 -0.70
C GLU H 100 31.27 -11.55 -0.24
N TYR H 101 32.27 -11.79 -1.09
CA TYR H 101 33.40 -12.62 -0.67
C TYR H 101 34.14 -12.00 0.50
N LEU H 102 34.21 -10.67 0.56
CA LEU H 102 34.89 -10.03 1.67
C LEU H 102 34.21 -10.36 2.99
N LEU H 103 32.87 -10.32 3.01
CA LEU H 103 32.17 -10.72 4.22
C LEU H 103 32.47 -12.16 4.57
N ARG H 104 32.45 -13.05 3.58
CA ARG H 104 32.66 -14.46 3.86
C ARG H 104 34.05 -14.70 4.43
N VAL H 105 35.07 -14.07 3.84
CA VAL H 105 36.43 -14.32 4.30
C VAL H 105 36.67 -13.68 5.67
N VAL H 106 36.14 -12.48 5.89
CA VAL H 106 36.35 -11.81 7.17
C VAL H 106 35.61 -12.55 8.27
N ARG H 107 34.39 -13.03 8.00
CA ARG H 107 33.69 -13.85 8.98
C ARG H 107 34.42 -15.15 9.24
N ALA H 108 34.92 -15.78 8.17
CA ALA H 108 35.63 -17.04 8.28
C ALA H 108 36.89 -16.87 9.11
N SER H 109 37.84 -16.11 8.56
CA SER H 109 39.04 -15.75 9.30
C SER H 109 38.63 -14.64 10.25
N SER H 110 38.12 -15.03 11.41
CA SER H 110 37.42 -14.08 12.29
C SER H 110 38.48 -13.12 12.82
N ILE H 111 38.86 -12.18 11.95
CA ILE H 111 39.99 -11.33 12.26
C ILE H 111 39.66 -10.33 13.34
N PHE H 112 38.45 -9.76 13.31
CA PHE H 112 38.21 -8.60 14.19
C PHE H 112 38.19 -8.98 15.66
N PRO H 113 37.54 -10.04 16.11
CA PRO H 113 37.74 -10.47 17.51
C PRO H 113 39.18 -10.85 17.82
N ILE H 114 39.92 -11.43 16.89
CA ILE H 114 41.32 -11.74 17.15
C ILE H 114 42.11 -10.47 17.40
N LEU H 115 41.86 -9.45 16.60
CA LEU H 115 42.52 -8.16 16.76
C LEU H 115 42.08 -7.47 18.03
N SER H 116 40.82 -7.63 18.43
CA SER H 116 40.39 -7.09 19.71
C SER H 116 41.18 -7.73 20.84
N ALA H 117 41.37 -9.05 20.79
CA ALA H 117 42.17 -9.70 21.83
C ALA H 117 43.60 -9.19 21.82
N ILE H 118 44.18 -9.01 20.64
CA ILE H 118 45.56 -8.52 20.55
C ILE H 118 45.67 -7.14 21.18
N LEU H 119 44.73 -6.25 20.84
CA LEU H 119 44.78 -4.88 21.34
C LEU H 119 44.61 -4.84 22.85
N LEU H 120 43.70 -5.66 23.39
CA LEU H 120 43.55 -5.70 24.83
C LEU H 120 44.83 -6.17 25.49
N LEU H 121 45.50 -7.17 24.90
CA LEU H 121 46.76 -7.64 25.48
C LEU H 121 47.81 -6.55 25.45
N LEU H 122 47.90 -5.81 24.35
CA LEU H 122 48.88 -4.73 24.25
C LEU H 122 48.60 -3.63 25.26
N GLY H 123 47.33 -3.28 25.45
CA GLY H 123 47.00 -2.33 26.49
C GLY H 123 47.39 -2.81 27.86
N GLY H 124 47.16 -4.10 28.12
CA GLY H 124 47.56 -4.65 29.41
C GLY H 124 49.05 -4.56 29.65
N VAL H 125 49.85 -4.90 28.64
CA VAL H 125 51.29 -4.82 28.83
C VAL H 125 51.76 -3.37 28.92
N CYS H 126 51.09 -2.44 28.22
CA CYS H 126 51.47 -1.03 28.35
C CYS H 126 51.18 -0.50 29.75
N VAL H 127 50.02 -0.84 30.31
CA VAL H 127 49.74 -0.43 31.68
C VAL H 127 50.72 -1.08 32.64
N ALA H 128 51.11 -2.32 32.37
CA ALA H 128 52.11 -2.97 33.21
C ALA H 128 53.44 -2.23 33.14
N ALA H 129 53.84 -1.83 31.94
CA ALA H 129 55.12 -1.14 31.74
C ALA H 129 55.08 0.31 32.18
N SER H 130 53.91 0.86 32.47
CA SER H 130 53.88 2.21 33.05
C SER H 130 54.34 2.21 34.50
N ARG H 131 54.07 1.15 35.26
CA ARG H 131 54.49 1.11 36.66
C ARG H 131 56.01 1.19 36.78
N VAL H 132 56.71 0.29 36.07
CA VAL H 132 58.15 0.46 35.90
C VAL H 132 58.39 1.57 34.89
N TYR H 133 59.63 2.06 34.84
CA TYR H 133 59.99 3.15 33.94
C TYR H 133 58.97 4.28 34.03
N LYS H 134 58.61 4.63 35.27
CA LYS H 134 57.46 5.49 35.52
C LYS H 134 57.70 6.89 34.98
N SER H 135 56.65 7.71 35.07
CA SER H 135 56.68 9.10 34.61
C SER H 135 56.95 9.20 33.10
N LYS H 136 56.54 8.19 32.34
CA LYS H 136 56.64 8.29 30.89
C LYS H 136 55.58 9.22 30.32
N ARG H 137 54.42 9.30 30.97
CA ARG H 137 53.36 10.26 30.69
C ARG H 137 52.64 10.00 29.38
N ASN H 138 53.15 9.08 28.57
CA ASN H 138 52.52 8.77 27.30
C ASN H 138 52.21 7.30 27.13
N ILE H 139 52.83 6.42 27.90
CA ILE H 139 52.48 5.00 27.85
C ILE H 139 51.04 4.80 28.33
N ILE H 140 50.61 5.56 29.33
CA ILE H 140 49.25 5.40 29.83
C ILE H 140 48.24 5.90 28.80
N LEU H 141 48.55 6.97 28.09
CA LEU H 141 47.65 7.39 27.01
C LEU H 141 47.63 6.35 25.89
N GLY H 142 48.78 5.76 25.59
CA GLY H 142 48.79 4.66 24.63
C GLY H 142 47.88 3.53 25.06
N ALA H 143 47.90 3.20 26.35
CA ALA H 143 46.98 2.19 26.85
C ALA H 143 45.54 2.64 26.70
N GLY H 144 45.27 3.92 26.94
CA GLY H 144 43.92 4.42 26.80
C GLY H 144 43.41 4.35 25.37
N ILE H 145 44.32 4.41 24.40
CA ILE H 145 43.88 4.29 23.02
C ILE H 145 43.75 2.81 22.62
N LEU H 146 44.63 1.95 23.12
CA LEU H 146 44.53 0.54 22.79
C LEU H 146 43.23 -0.05 23.32
N PHE H 147 42.87 0.27 24.56
CA PHE H 147 41.65 -0.26 25.16
C PHE H 147 40.38 0.25 24.50
N VAL H 148 40.45 1.28 23.66
CA VAL H 148 39.29 1.77 22.93
C VAL H 148 39.25 1.24 21.51
N ALA H 149 40.40 1.18 20.84
CA ALA H 149 40.44 0.49 19.55
C ALA H 149 40.02 -0.96 19.71
N ALA H 150 40.24 -1.54 20.88
CA ALA H 150 39.71 -2.88 21.14
C ALA H 150 38.20 -2.90 21.07
N GLY H 151 37.53 -1.92 21.67
CA GLY H 151 36.09 -1.87 21.59
C GLY H 151 35.60 -1.70 20.16
N LEU H 152 36.27 -0.85 19.39
CA LEU H 152 35.82 -0.64 18.01
C LEU H 152 35.98 -1.90 17.17
N SER H 153 37.13 -2.57 17.28
CA SER H 153 37.30 -3.80 16.52
C SER H 153 36.32 -4.87 16.96
N ASN H 154 36.02 -4.92 18.25
CA ASN H 154 35.03 -5.87 18.74
C ASN H 154 33.66 -5.62 18.12
N ILE H 155 33.22 -4.36 18.10
CA ILE H 155 31.87 -4.11 17.59
C ILE H 155 31.80 -4.38 16.10
N ILE H 156 32.88 -4.12 15.35
CA ILE H 156 32.89 -4.58 13.96
C ILE H 156 32.82 -6.09 13.88
N GLY H 157 33.50 -6.78 14.79
CA GLY H 157 33.47 -8.23 14.77
C GLY H 157 32.06 -8.76 14.92
N VAL H 158 31.30 -8.20 15.84
CA VAL H 158 29.94 -8.71 16.03
C VAL H 158 29.00 -8.26 14.93
N ILE H 159 29.15 -7.04 14.41
CA ILE H 159 28.32 -6.66 13.28
C ILE H 159 28.53 -7.62 12.12
N VAL H 160 29.80 -7.94 11.83
CA VAL H 160 30.10 -8.88 10.75
C VAL H 160 29.56 -10.27 11.06
N TYR H 161 29.74 -10.74 12.29
CA TYR H 161 29.28 -12.08 12.62
C TYR H 161 27.76 -12.19 12.48
N ILE H 162 27.02 -11.22 13.01
CA ILE H 162 25.57 -11.29 12.93
C ILE H 162 25.10 -11.07 11.50
N SER H 163 25.82 -10.27 10.72
CA SER H 163 25.45 -10.09 9.32
C SER H 163 25.66 -11.37 8.52
N ALA H 164 26.75 -12.10 8.79
CA ALA H 164 27.03 -13.33 8.08
C ALA H 164 26.16 -14.49 8.57
N ASN H 165 25.70 -14.43 9.82
CA ASN H 165 24.95 -15.53 10.40
C ASN H 165 23.68 -15.81 9.61
N ALA H 166 22.93 -14.77 9.27
CA ALA H 166 21.65 -14.97 8.60
C ALA H 166 21.78 -15.47 7.18
N GLY H 167 22.99 -15.47 6.62
CA GLY H 167 23.21 -15.96 5.27
C GLY H 167 22.94 -17.45 5.13
N LYS H 178 10.10 -18.52 10.08
CA LYS H 178 11.24 -19.36 9.72
C LYS H 178 11.87 -19.98 10.97
N ASN H 179 13.10 -20.47 10.82
CA ASN H 179 13.80 -21.11 11.93
C ASN H 179 14.14 -20.10 13.00
N HIS H 180 14.13 -20.56 14.24
CA HIS H 180 14.45 -19.72 15.39
C HIS H 180 15.80 -20.10 15.95
N TYR H 181 16.54 -19.09 16.42
CA TYR H 181 17.89 -19.23 16.92
C TYR H 181 18.02 -18.47 18.23
N SER H 182 19.18 -18.63 18.86
CA SER H 182 19.43 -18.03 20.16
C SER H 182 20.93 -17.96 20.36
N TYR H 183 21.36 -17.18 21.35
CA TYR H 183 22.77 -16.92 21.57
C TYR H 183 23.21 -17.51 22.90
N GLY H 184 24.43 -18.01 22.94
CA GLY H 184 24.93 -18.77 24.07
C GLY H 184 25.64 -17.92 25.10
N TRP H 185 26.71 -18.47 25.67
CA TRP H 185 27.49 -17.70 26.63
C TRP H 185 28.81 -17.21 26.07
N SER H 186 29.31 -17.79 25.00
CA SER H 186 30.45 -17.20 24.32
C SER H 186 30.09 -15.83 23.77
N PHE H 187 28.90 -15.70 23.18
CA PHE H 187 28.46 -14.41 22.67
C PHE H 187 28.43 -13.37 23.78
N TYR H 188 27.90 -13.72 24.94
CA TYR H 188 27.79 -12.75 26.02
C TYR H 188 29.12 -12.51 26.72
N PHE H 189 30.06 -13.44 26.70
CA PHE H 189 31.42 -13.06 27.08
C PHE H 189 32.00 -12.03 26.14
N GLY H 190 31.78 -12.18 24.83
CA GLY H 190 32.24 -11.14 23.93
C GLY H 190 31.62 -9.79 24.25
N GLY H 191 30.31 -9.78 24.47
CA GLY H 191 29.62 -8.53 24.77
C GLY H 191 30.06 -7.90 26.07
N LEU H 192 30.39 -8.71 27.06
CA LEU H 192 30.87 -8.19 28.32
C LEU H 192 32.30 -7.69 28.20
N SER H 193 33.10 -8.33 27.35
CA SER H 193 34.44 -7.83 27.09
C SER H 193 34.42 -6.45 26.47
N PHE H 194 33.47 -6.20 25.55
CA PHE H 194 33.38 -4.86 24.98
C PHE H 194 33.17 -3.80 26.06
N ILE H 195 32.20 -4.04 26.95
CA ILE H 195 31.88 -3.06 28.00
C ILE H 195 33.08 -2.84 28.90
N LEU H 196 33.73 -3.94 29.30
CA LEU H 196 34.88 -3.82 30.17
C LEU H 196 36.01 -3.06 29.49
N ALA H 197 36.19 -3.26 28.18
CA ALA H 197 37.24 -2.56 27.45
C ALA H 197 36.97 -1.07 27.40
N GLU H 198 35.74 -0.66 27.10
CA GLU H 198 35.45 0.76 27.06
C GLU H 198 35.66 1.40 28.43
N VAL H 199 35.19 0.75 29.50
CA VAL H 199 35.32 1.34 30.82
C VAL H 199 36.79 1.47 31.22
N ILE H 200 37.61 0.44 30.98
CA ILE H 200 39.01 0.59 31.35
C ILE H 200 39.69 1.61 30.46
N GLY H 201 39.21 1.82 29.24
CA GLY H 201 39.75 2.89 28.43
C GLY H 201 39.51 4.26 29.02
N VAL H 202 38.29 4.52 29.47
CA VAL H 202 38.01 5.81 30.07
C VAL H 202 38.79 5.98 31.37
N LEU H 203 38.97 4.89 32.14
CA LEU H 203 39.78 5.00 33.35
C LEU H 203 41.24 5.29 33.02
N ALA H 204 41.77 4.72 31.94
CA ALA H 204 43.15 4.99 31.56
C ALA H 204 43.33 6.45 31.14
N VAL H 205 42.39 6.99 30.37
CA VAL H 205 42.49 8.42 30.03
C VAL H 205 42.36 9.28 31.28
N ASN H 206 41.48 8.91 32.21
CA ASN H 206 41.35 9.68 33.45
C ASN H 206 42.67 9.70 34.21
N ILE H 207 43.33 8.55 34.32
CA ILE H 207 44.62 8.49 35.00
C ILE H 207 45.62 9.36 34.29
N TYR H 208 45.65 9.31 32.95
CA TYR H 208 46.61 10.12 32.21
C TYR H 208 46.39 11.60 32.44
N ILE H 209 45.14 12.04 32.44
CA ILE H 209 44.83 13.45 32.65
C ILE H 209 45.22 13.88 34.06
N GLU H 210 44.91 13.06 35.05
CA GLU H 210 45.29 13.40 36.42
C GLU H 210 46.79 13.50 36.57
N ARG H 211 47.53 12.56 35.98
CA ARG H 211 48.97 12.56 36.09
C ARG H 211 49.63 13.64 35.23
N SER H 212 48.96 14.13 34.19
CA SER H 212 49.47 15.26 33.43
C SER H 212 49.15 16.61 34.08
N ARG H 213 48.03 16.69 34.80
CA ARG H 213 47.75 17.89 35.56
C ARG H 213 48.60 17.97 36.83
N GLU H 214 48.98 16.84 37.40
CA GLU H 214 49.90 16.84 38.52
C GLU H 214 51.29 17.34 38.13
N ALA H 215 51.58 17.44 36.85
CA ALA H 215 52.83 18.00 36.39
C ALA H 215 52.61 19.36 35.76
#